data_5TGL
# 
_entry.id   5TGL 
# 
_audit_conform.dict_name       mmcif_pdbx.dic 
_audit_conform.dict_version    5.387 
_audit_conform.dict_location   http://mmcif.pdb.org/dictionaries/ascii/mmcif_pdbx.dic 
# 
loop_
_database_2.database_id 
_database_2.database_code 
_database_2.pdbx_database_accession 
_database_2.pdbx_DOI 
PDB   5TGL         pdb_00005tgl 10.2210/pdb5tgl/pdb 
WWPDB D_1000179774 ?            ?                   
# 
loop_
_pdbx_audit_revision_history.ordinal 
_pdbx_audit_revision_history.data_content_type 
_pdbx_audit_revision_history.major_revision 
_pdbx_audit_revision_history.minor_revision 
_pdbx_audit_revision_history.revision_date 
1 'Structure model' 1 0 1994-01-31 
2 'Structure model' 1 1 2008-03-03 
3 'Structure model' 1 2 2011-07-13 
4 'Structure model' 1 3 2024-03-06 
# 
_pdbx_audit_revision_details.ordinal             1 
_pdbx_audit_revision_details.revision_ordinal    1 
_pdbx_audit_revision_details.data_content_type   'Structure model' 
_pdbx_audit_revision_details.provider            repository 
_pdbx_audit_revision_details.type                'Initial release' 
_pdbx_audit_revision_details.description         ? 
_pdbx_audit_revision_details.details             ? 
# 
loop_
_pdbx_audit_revision_group.ordinal 
_pdbx_audit_revision_group.revision_ordinal 
_pdbx_audit_revision_group.data_content_type 
_pdbx_audit_revision_group.group 
1 2 'Structure model' 'Version format compliance' 
2 3 'Structure model' 'Version format compliance' 
3 4 'Structure model' 'Data collection'           
4 4 'Structure model' 'Database references'       
5 4 'Structure model' 'Derived calculations'      
6 4 'Structure model' Other                       
# 
loop_
_pdbx_audit_revision_category.ordinal 
_pdbx_audit_revision_category.revision_ordinal 
_pdbx_audit_revision_category.data_content_type 
_pdbx_audit_revision_category.category 
1 4 'Structure model' chem_comp_atom       
2 4 'Structure model' chem_comp_bond       
3 4 'Structure model' database_2           
4 4 'Structure model' pdbx_database_status 
5 4 'Structure model' struct_ref_seq_dif   
6 4 'Structure model' struct_site          
# 
loop_
_pdbx_audit_revision_item.ordinal 
_pdbx_audit_revision_item.revision_ordinal 
_pdbx_audit_revision_item.data_content_type 
_pdbx_audit_revision_item.item 
1 4 'Structure model' '_database_2.pdbx_DOI'                
2 4 'Structure model' '_database_2.pdbx_database_accession' 
3 4 'Structure model' '_pdbx_database_status.process_site'  
4 4 'Structure model' '_struct_ref_seq_dif.details'         
5 4 'Structure model' '_struct_site.pdbx_auth_asym_id'      
6 4 'Structure model' '_struct_site.pdbx_auth_comp_id'      
7 4 'Structure model' '_struct_site.pdbx_auth_seq_id'       
# 
_pdbx_database_status.status_code                     REL 
_pdbx_database_status.entry_id                        5TGL 
_pdbx_database_status.recvd_initial_deposition_date   1991-10-30 
_pdbx_database_status.deposit_site                    ? 
_pdbx_database_status.process_site                    BNL 
_pdbx_database_status.SG_entry                        . 
_pdbx_database_status.pdb_format_compatible           Y 
_pdbx_database_status.status_code_mr                  ? 
_pdbx_database_status.status_code_sf                  ? 
_pdbx_database_status.status_code_cs                  ? 
_pdbx_database_status.status_code_nmr_data            ? 
_pdbx_database_status.methods_development_category    ? 
# 
loop_
_audit_author.name 
_audit_author.pdbx_ordinal 
'Brzozowski, A.M.' 1  
'Derewenda, U.'    2  
'Derewenda, Z.S.'  3  
'Dodson, G.G.'     4  
'Lawson, D.'       5  
'Turkenburg, J.P.' 6  
'Bjorkling, F.'    7  
'Huge-Jensen, B.'  8  
'Patkar, S.R.'     9  
'Thim, L.'         10 
# 
loop_
_citation.id 
_citation.title 
_citation.journal_abbrev 
_citation.journal_volume 
_citation.page_first 
_citation.page_last 
_citation.year 
_citation.journal_id_ASTM 
_citation.country 
_citation.journal_id_ISSN 
_citation.journal_id_CSD 
_citation.book_publisher 
_citation.pdbx_database_id_PubMed 
_citation.pdbx_database_id_DOI 
primary 'A model for interfacial activation in lipases from the structure of a fungal lipase-inhibitor complex.' Nature 351 491 
494 1991 NATUAS UK 0028-0836 0006 ? 2046751 10.1038/351491a0 
1       'A Serine Protease Triad Forms the Catalytic Centre of a Triacylglycerol Lipase'                         Nature 343 767 ? 
1990 NATUAS UK 0028-0836 0006 ? ?       ?                
2       'Rhizomucor Miehei Triglyceride Lipase is Synthesized as a Precursor'                                    Lipids 23  701 ? 
1988 LPDSAP US 0024-4201 0820 ? ?       ?                
# 
loop_
_citation_author.citation_id 
_citation_author.name 
_citation_author.ordinal 
_citation_author.identifier_ORCID 
primary 'Brzozowski, A.M.' 1  ? 
primary 'Derewenda, U.'    2  ? 
primary 'Derewenda, Z.S.'  3  ? 
primary 'Dodson, G.G.'     4  ? 
primary 'Lawson, D.M.'     5  ? 
primary 'Turkenburg, J.P.' 6  ? 
primary 'Bjorkling, F.'    7  ? 
primary 'Huge-Jensen, B.'  8  ? 
primary 'Patkar, S.A.'     9  ? 
primary 'Thim, L.'         10 ? 
1       'Brady, L.'        11 ? 
1       'Brzozowski, A.M.' 12 ? 
1       'Derewenda, Z.S.'  13 ? 
1       'Dodson, E.J.'     14 ? 
1       'Dodson, G.'       15 ? 
1       'Tolley, S.'       16 ? 
1       'Turkenburg, J.P.' 17 ? 
1       'Christiansen, L.' 18 ? 
1       'Huge-Jensen, B.'  19 ? 
1       'Norskov, L.'      20 ? 
1       'Thim, L.'         21 ? 
1       'Menge, U.'        22 ? 
2       'Boel, E.'         23 ? 
2       'Huge-Jensen, B.'  24 ? 
2       'Christensen, M.'  25 ? 
2       'Thim, L.'         26 ? 
2       'Fiil, N.P.'       27 ? 
# 
loop_
_entity.id 
_entity.type 
_entity.src_method 
_entity.pdbx_description 
_entity.formula_weight 
_entity.pdbx_number_of_molecules 
_entity.pdbx_ec 
_entity.pdbx_mutation 
_entity.pdbx_fragment 
_entity.details 
1 polymer     man LIPASE                           29523.953 1 3.1.1.3 ? ? ? 
2 non-polymer syn 'N-HEXYLPHOSPHONATE ETHYL ESTER' 194.208   1 ?       ? ? ? 
# 
_entity_poly.entity_id                      1 
_entity_poly.type                           'polypeptide(L)' 
_entity_poly.nstd_linkage                   no 
_entity_poly.nstd_monomer                   no 
_entity_poly.pdbx_seq_one_letter_code       
;SIDGGIRAATSQEINELTYYTTLSANSYCRTVIPGATWDCIHCDATEDLKIIKTWSTLIYDTNAMVARGDSEKTIYIVFR
GSSSIRNWIADLTFVPVSYPPVSGTKVHKGFLDSYGEVQNELVATVLDQFKQYPSYKVAVTGHSLGGATALLCALDLYQR
EEGLSSSNLFLYTQGQPRVGNPAFANYVVSTGIPYRRTVNERDIVPHLPPAAFGFLHAGSEYWITDNSPETVQVCTSDLE
TSDCSNSIVPFTSVLDHLSYFGINTGLCT
;
_entity_poly.pdbx_seq_one_letter_code_can   
;SIDGGIRAATSQEINELTYYTTLSANSYCRTVIPGATWDCIHCDATEDLKIIKTWSTLIYDTNAMVARGDSEKTIYIVFR
GSSSIRNWIADLTFVPVSYPPVSGTKVHKGFLDSYGEVQNELVATVLDQFKQYPSYKVAVTGHSLGGATALLCALDLYQR
EEGLSSSNLFLYTQGQPRVGNPAFANYVVSTGIPYRRTVNERDIVPHLPPAAFGFLHAGSEYWITDNSPETVQVCTSDLE
TSDCSNSIVPFTSVLDHLSYFGINTGLCT
;
_entity_poly.pdbx_strand_id                 A 
_entity_poly.pdbx_target_identifier         ? 
# 
_pdbx_entity_nonpoly.entity_id   2 
_pdbx_entity_nonpoly.name        'N-HEXYLPHOSPHONATE ETHYL ESTER' 
_pdbx_entity_nonpoly.comp_id     HEE 
# 
loop_
_entity_poly_seq.entity_id 
_entity_poly_seq.num 
_entity_poly_seq.mon_id 
_entity_poly_seq.hetero 
1 1   SER n 
1 2   ILE n 
1 3   ASP n 
1 4   GLY n 
1 5   GLY n 
1 6   ILE n 
1 7   ARG n 
1 8   ALA n 
1 9   ALA n 
1 10  THR n 
1 11  SER n 
1 12  GLN n 
1 13  GLU n 
1 14  ILE n 
1 15  ASN n 
1 16  GLU n 
1 17  LEU n 
1 18  THR n 
1 19  TYR n 
1 20  TYR n 
1 21  THR n 
1 22  THR n 
1 23  LEU n 
1 24  SER n 
1 25  ALA n 
1 26  ASN n 
1 27  SER n 
1 28  TYR n 
1 29  CYS n 
1 30  ARG n 
1 31  THR n 
1 32  VAL n 
1 33  ILE n 
1 34  PRO n 
1 35  GLY n 
1 36  ALA n 
1 37  THR n 
1 38  TRP n 
1 39  ASP n 
1 40  CYS n 
1 41  ILE n 
1 42  HIS n 
1 43  CYS n 
1 44  ASP n 
1 45  ALA n 
1 46  THR n 
1 47  GLU n 
1 48  ASP n 
1 49  LEU n 
1 50  LYS n 
1 51  ILE n 
1 52  ILE n 
1 53  LYS n 
1 54  THR n 
1 55  TRP n 
1 56  SER n 
1 57  THR n 
1 58  LEU n 
1 59  ILE n 
1 60  TYR n 
1 61  ASP n 
1 62  THR n 
1 63  ASN n 
1 64  ALA n 
1 65  MET n 
1 66  VAL n 
1 67  ALA n 
1 68  ARG n 
1 69  GLY n 
1 70  ASP n 
1 71  SER n 
1 72  GLU n 
1 73  LYS n 
1 74  THR n 
1 75  ILE n 
1 76  TYR n 
1 77  ILE n 
1 78  VAL n 
1 79  PHE n 
1 80  ARG n 
1 81  GLY n 
1 82  SER n 
1 83  SER n 
1 84  SER n 
1 85  ILE n 
1 86  ARG n 
1 87  ASN n 
1 88  TRP n 
1 89  ILE n 
1 90  ALA n 
1 91  ASP n 
1 92  LEU n 
1 93  THR n 
1 94  PHE n 
1 95  VAL n 
1 96  PRO n 
1 97  VAL n 
1 98  SER n 
1 99  TYR n 
1 100 PRO n 
1 101 PRO n 
1 102 VAL n 
1 103 SER n 
1 104 GLY n 
1 105 THR n 
1 106 LYS n 
1 107 VAL n 
1 108 HIS n 
1 109 LYS n 
1 110 GLY n 
1 111 PHE n 
1 112 LEU n 
1 113 ASP n 
1 114 SER n 
1 115 TYR n 
1 116 GLY n 
1 117 GLU n 
1 118 VAL n 
1 119 GLN n 
1 120 ASN n 
1 121 GLU n 
1 122 LEU n 
1 123 VAL n 
1 124 ALA n 
1 125 THR n 
1 126 VAL n 
1 127 LEU n 
1 128 ASP n 
1 129 GLN n 
1 130 PHE n 
1 131 LYS n 
1 132 GLN n 
1 133 TYR n 
1 134 PRO n 
1 135 SER n 
1 136 TYR n 
1 137 LYS n 
1 138 VAL n 
1 139 ALA n 
1 140 VAL n 
1 141 THR n 
1 142 GLY n 
1 143 HIS n 
1 144 SER n 
1 145 LEU n 
1 146 GLY n 
1 147 GLY n 
1 148 ALA n 
1 149 THR n 
1 150 ALA n 
1 151 LEU n 
1 152 LEU n 
1 153 CYS n 
1 154 ALA n 
1 155 LEU n 
1 156 ASP n 
1 157 LEU n 
1 158 TYR n 
1 159 GLN n 
1 160 ARG n 
1 161 GLU n 
1 162 GLU n 
1 163 GLY n 
1 164 LEU n 
1 165 SER n 
1 166 SER n 
1 167 SER n 
1 168 ASN n 
1 169 LEU n 
1 170 PHE n 
1 171 LEU n 
1 172 TYR n 
1 173 THR n 
1 174 GLN n 
1 175 GLY n 
1 176 GLN n 
1 177 PRO n 
1 178 ARG n 
1 179 VAL n 
1 180 GLY n 
1 181 ASN n 
1 182 PRO n 
1 183 ALA n 
1 184 PHE n 
1 185 ALA n 
1 186 ASN n 
1 187 TYR n 
1 188 VAL n 
1 189 VAL n 
1 190 SER n 
1 191 THR n 
1 192 GLY n 
1 193 ILE n 
1 194 PRO n 
1 195 TYR n 
1 196 ARG n 
1 197 ARG n 
1 198 THR n 
1 199 VAL n 
1 200 ASN n 
1 201 GLU n 
1 202 ARG n 
1 203 ASP n 
1 204 ILE n 
1 205 VAL n 
1 206 PRO n 
1 207 HIS n 
1 208 LEU n 
1 209 PRO n 
1 210 PRO n 
1 211 ALA n 
1 212 ALA n 
1 213 PHE n 
1 214 GLY n 
1 215 PHE n 
1 216 LEU n 
1 217 HIS n 
1 218 ALA n 
1 219 GLY n 
1 220 SER n 
1 221 GLU n 
1 222 TYR n 
1 223 TRP n 
1 224 ILE n 
1 225 THR n 
1 226 ASP n 
1 227 ASN n 
1 228 SER n 
1 229 PRO n 
1 230 GLU n 
1 231 THR n 
1 232 VAL n 
1 233 GLN n 
1 234 VAL n 
1 235 CYS n 
1 236 THR n 
1 237 SER n 
1 238 ASP n 
1 239 LEU n 
1 240 GLU n 
1 241 THR n 
1 242 SER n 
1 243 ASP n 
1 244 CYS n 
1 245 SER n 
1 246 ASN n 
1 247 SER n 
1 248 ILE n 
1 249 VAL n 
1 250 PRO n 
1 251 PHE n 
1 252 THR n 
1 253 SER n 
1 254 VAL n 
1 255 LEU n 
1 256 ASP n 
1 257 HIS n 
1 258 LEU n 
1 259 SER n 
1 260 TYR n 
1 261 PHE n 
1 262 GLY n 
1 263 ILE n 
1 264 ASN n 
1 265 THR n 
1 266 GLY n 
1 267 LEU n 
1 268 CYS n 
1 269 THR n 
# 
_entity_src_gen.entity_id                          1 
_entity_src_gen.pdbx_src_id                        1 
_entity_src_gen.pdbx_alt_source_flag               sample 
_entity_src_gen.pdbx_seq_type                      ? 
_entity_src_gen.pdbx_beg_seq_num                   ? 
_entity_src_gen.pdbx_end_seq_num                   ? 
_entity_src_gen.gene_src_common_name               'Mucor miehei' 
_entity_src_gen.gene_src_genus                     Rhizomucor 
_entity_src_gen.pdbx_gene_src_gene                 ? 
_entity_src_gen.gene_src_species                   ? 
_entity_src_gen.gene_src_strain                    ? 
_entity_src_gen.gene_src_tissue                    ? 
_entity_src_gen.gene_src_tissue_fraction           ? 
_entity_src_gen.gene_src_details                   ? 
_entity_src_gen.pdbx_gene_src_fragment             ? 
_entity_src_gen.pdbx_gene_src_scientific_name      'Rhizomucor miehei' 
_entity_src_gen.pdbx_gene_src_ncbi_taxonomy_id     4839 
_entity_src_gen.pdbx_gene_src_variant              ? 
_entity_src_gen.pdbx_gene_src_cell_line            ? 
_entity_src_gen.pdbx_gene_src_atcc                 ? 
_entity_src_gen.pdbx_gene_src_organ                ? 
_entity_src_gen.pdbx_gene_src_organelle            ? 
_entity_src_gen.pdbx_gene_src_cell                 ? 
_entity_src_gen.pdbx_gene_src_cellular_location    ? 
_entity_src_gen.host_org_common_name               ? 
_entity_src_gen.pdbx_host_org_scientific_name      ? 
_entity_src_gen.pdbx_host_org_ncbi_taxonomy_id     ? 
_entity_src_gen.host_org_genus                     ? 
_entity_src_gen.pdbx_host_org_gene                 ? 
_entity_src_gen.pdbx_host_org_organ                ? 
_entity_src_gen.host_org_species                   ? 
_entity_src_gen.pdbx_host_org_tissue               ? 
_entity_src_gen.pdbx_host_org_tissue_fraction      ? 
_entity_src_gen.pdbx_host_org_strain               ? 
_entity_src_gen.pdbx_host_org_variant              ? 
_entity_src_gen.pdbx_host_org_cell_line            ? 
_entity_src_gen.pdbx_host_org_atcc                 ? 
_entity_src_gen.pdbx_host_org_culture_collection   ? 
_entity_src_gen.pdbx_host_org_cell                 ? 
_entity_src_gen.pdbx_host_org_organelle            ? 
_entity_src_gen.pdbx_host_org_cellular_location    ? 
_entity_src_gen.pdbx_host_org_vector_type          ? 
_entity_src_gen.pdbx_host_org_vector               ? 
_entity_src_gen.host_org_details                   ? 
_entity_src_gen.expression_system_id               ? 
_entity_src_gen.plasmid_name                       ? 
_entity_src_gen.plasmid_details                    ? 
_entity_src_gen.pdbx_description                   ? 
# 
loop_
_chem_comp.id 
_chem_comp.type 
_chem_comp.mon_nstd_flag 
_chem_comp.name 
_chem_comp.pdbx_synonyms 
_chem_comp.formula 
_chem_comp.formula_weight 
ALA 'L-peptide linking' y ALANINE                          ? 'C3 H7 N O2'     89.093  
ARG 'L-peptide linking' y ARGININE                         ? 'C6 H15 N4 O2 1' 175.209 
ASN 'L-peptide linking' y ASPARAGINE                       ? 'C4 H8 N2 O3'    132.118 
ASP 'L-peptide linking' y 'ASPARTIC ACID'                  ? 'C4 H7 N O4'     133.103 
CYS 'L-peptide linking' y CYSTEINE                         ? 'C3 H7 N O2 S'   121.158 
GLN 'L-peptide linking' y GLUTAMINE                        ? 'C5 H10 N2 O3'   146.144 
GLU 'L-peptide linking' y 'GLUTAMIC ACID'                  ? 'C5 H9 N O4'     147.129 
GLY 'peptide linking'   y GLYCINE                          ? 'C2 H5 N O2'     75.067  
HEE non-polymer         . 'N-HEXYLPHOSPHONATE ETHYL ESTER' ? 'C8 H19 O3 P'    194.208 
HIS 'L-peptide linking' y HISTIDINE                        ? 'C6 H10 N3 O2 1' 156.162 
ILE 'L-peptide linking' y ISOLEUCINE                       ? 'C6 H13 N O2'    131.173 
LEU 'L-peptide linking' y LEUCINE                          ? 'C6 H13 N O2'    131.173 
LYS 'L-peptide linking' y LYSINE                           ? 'C6 H15 N2 O2 1' 147.195 
MET 'L-peptide linking' y METHIONINE                       ? 'C5 H11 N O2 S'  149.211 
PHE 'L-peptide linking' y PHENYLALANINE                    ? 'C9 H11 N O2'    165.189 
PRO 'L-peptide linking' y PROLINE                          ? 'C5 H9 N O2'     115.130 
SER 'L-peptide linking' y SERINE                           ? 'C3 H7 N O3'     105.093 
THR 'L-peptide linking' y THREONINE                        ? 'C4 H9 N O3'     119.119 
TRP 'L-peptide linking' y TRYPTOPHAN                       ? 'C11 H12 N2 O2'  204.225 
TYR 'L-peptide linking' y TYROSINE                         ? 'C9 H11 N O3'    181.189 
VAL 'L-peptide linking' y VALINE                           ? 'C5 H11 N O2'    117.146 
# 
loop_
_pdbx_poly_seq_scheme.asym_id 
_pdbx_poly_seq_scheme.entity_id 
_pdbx_poly_seq_scheme.seq_id 
_pdbx_poly_seq_scheme.mon_id 
_pdbx_poly_seq_scheme.ndb_seq_num 
_pdbx_poly_seq_scheme.pdb_seq_num 
_pdbx_poly_seq_scheme.auth_seq_num 
_pdbx_poly_seq_scheme.pdb_mon_id 
_pdbx_poly_seq_scheme.auth_mon_id 
_pdbx_poly_seq_scheme.pdb_strand_id 
_pdbx_poly_seq_scheme.pdb_ins_code 
_pdbx_poly_seq_scheme.hetero 
A 1 1   SER 1   1   ?   ?   ?   A . n 
A 1 2   ILE 2   2   ?   ?   ?   A . n 
A 1 3   ASP 3   3   ?   ?   ?   A . n 
A 1 4   GLY 4   4   ?   ?   ?   A . n 
A 1 5   GLY 5   5   5   GLY GLY A . n 
A 1 6   ILE 6   6   6   ILE ILE A . n 
A 1 7   ARG 7   7   7   ARG ARG A . n 
A 1 8   ALA 8   8   8   ALA ALA A . n 
A 1 9   ALA 9   9   9   ALA ALA A . n 
A 1 10  THR 10  10  10  THR THR A . n 
A 1 11  SER 11  11  11  SER SER A . n 
A 1 12  GLN 12  12  12  GLN GLN A . n 
A 1 13  GLU 13  13  13  GLU GLU A . n 
A 1 14  ILE 14  14  14  ILE ILE A . n 
A 1 15  ASN 15  15  15  ASN ASN A . n 
A 1 16  GLU 16  16  16  GLU GLU A . n 
A 1 17  LEU 17  17  17  LEU LEU A . n 
A 1 18  THR 18  18  18  THR THR A . n 
A 1 19  TYR 19  19  19  TYR TYR A . n 
A 1 20  TYR 20  20  20  TYR TYR A . n 
A 1 21  THR 21  21  21  THR THR A . n 
A 1 22  THR 22  22  22  THR THR A . n 
A 1 23  LEU 23  23  23  LEU LEU A . n 
A 1 24  SER 24  24  24  SER SER A . n 
A 1 25  ALA 25  25  25  ALA ALA A . n 
A 1 26  ASN 26  26  26  ASN ASN A . n 
A 1 27  SER 27  27  27  SER SER A . n 
A 1 28  TYR 28  28  28  TYR TYR A . n 
A 1 29  CYS 29  29  29  CYS CYS A . n 
A 1 30  ARG 30  30  30  ARG ARG A . n 
A 1 31  THR 31  31  31  THR THR A . n 
A 1 32  VAL 32  32  32  VAL VAL A . n 
A 1 33  ILE 33  33  33  ILE ILE A . n 
A 1 34  PRO 34  34  34  PRO PRO A . n 
A 1 35  GLY 35  35  35  GLY GLY A . n 
A 1 36  ALA 36  36  36  ALA ALA A . n 
A 1 37  THR 37  37  37  THR THR A . n 
A 1 38  TRP 38  38  38  TRP TRP A . n 
A 1 39  ASP 39  39  39  ASP ASP A . n 
A 1 40  CYS 40  40  40  CYS CYS A . n 
A 1 41  ILE 41  41  41  ILE ILE A . n 
A 1 42  HIS 42  42  42  HIS HIS A . n 
A 1 43  CYS 43  43  43  CYS CYS A . n 
A 1 44  ASP 44  44  44  ASP ASP A . n 
A 1 45  ALA 45  45  45  ALA ALA A . n 
A 1 46  THR 46  46  46  THR THR A . n 
A 1 47  GLU 47  47  47  GLU GLU A . n 
A 1 48  ASP 48  48  48  ASP ASP A . n 
A 1 49  LEU 49  49  49  LEU LEU A . n 
A 1 50  LYS 50  50  50  LYS LYS A . n 
A 1 51  ILE 51  51  51  ILE ILE A . n 
A 1 52  ILE 52  52  52  ILE ILE A . n 
A 1 53  LYS 53  53  53  LYS LYS A . n 
A 1 54  THR 54  54  54  THR THR A . n 
A 1 55  TRP 55  55  55  TRP TRP A . n 
A 1 56  SER 56  56  56  SER SER A . n 
A 1 57  THR 57  57  57  THR THR A . n 
A 1 58  LEU 58  58  58  LEU LEU A . n 
A 1 59  ILE 59  59  59  ILE ILE A . n 
A 1 60  TYR 60  60  60  TYR TYR A . n 
A 1 61  ASP 61  61  61  ASP ASP A . n 
A 1 62  THR 62  62  62  THR THR A . n 
A 1 63  ASN 63  63  63  ASN ASN A . n 
A 1 64  ALA 64  64  64  ALA ALA A . n 
A 1 65  MET 65  65  65  MET MET A . n 
A 1 66  VAL 66  66  66  VAL VAL A . n 
A 1 67  ALA 67  67  67  ALA ALA A . n 
A 1 68  ARG 68  68  68  ARG ARG A . n 
A 1 69  GLY 69  69  69  GLY GLY A . n 
A 1 70  ASP 70  70  70  ASP ASP A . n 
A 1 71  SER 71  71  71  SER SER A . n 
A 1 72  GLU 72  72  72  GLU GLU A . n 
A 1 73  LYS 73  73  73  LYS LYS A . n 
A 1 74  THR 74  74  74  THR THR A . n 
A 1 75  ILE 75  75  75  ILE ILE A . n 
A 1 76  TYR 76  76  76  TYR TYR A . n 
A 1 77  ILE 77  77  77  ILE ILE A . n 
A 1 78  VAL 78  78  78  VAL VAL A . n 
A 1 79  PHE 79  79  79  PHE PHE A . n 
A 1 80  ARG 80  80  80  ARG ARG A . n 
A 1 81  GLY 81  81  81  GLY GLY A . n 
A 1 82  SER 82  82  82  SER SER A . n 
A 1 83  SER 83  83  83  SER SER A . n 
A 1 84  SER 84  84  84  SER SER A . n 
A 1 85  ILE 85  85  85  ILE ILE A . n 
A 1 86  ARG 86  86  86  ARG ARG A . n 
A 1 87  ASN 87  87  87  ASN ASN A . n 
A 1 88  TRP 88  88  88  TRP TRP A . n 
A 1 89  ILE 89  89  89  ILE ILE A . n 
A 1 90  ALA 90  90  90  ALA ALA A . n 
A 1 91  ASP 91  91  91  ASP ASP A . n 
A 1 92  LEU 92  92  92  LEU LEU A . n 
A 1 93  THR 93  93  93  THR THR A . n 
A 1 94  PHE 94  94  94  PHE PHE A . n 
A 1 95  VAL 95  95  95  VAL VAL A . n 
A 1 96  PRO 96  96  96  PRO PRO A . n 
A 1 97  VAL 97  97  97  VAL VAL A . n 
A 1 98  SER 98  98  98  SER SER A . n 
A 1 99  TYR 99  99  99  TYR TYR A . n 
A 1 100 PRO 100 100 100 PRO PRO A . n 
A 1 101 PRO 101 101 101 PRO PRO A . n 
A 1 102 VAL 102 102 102 VAL VAL A . n 
A 1 103 SER 103 103 103 SER SER A . n 
A 1 104 GLY 104 104 104 GLY GLY A . n 
A 1 105 THR 105 105 105 THR THR A . n 
A 1 106 LYS 106 106 106 LYS LYS A . n 
A 1 107 VAL 107 107 107 VAL VAL A . n 
A 1 108 HIS 108 108 108 HIS HIS A . n 
A 1 109 LYS 109 109 109 LYS LYS A . n 
A 1 110 GLY 110 110 110 GLY GLY A . n 
A 1 111 PHE 111 111 111 PHE PHE A . n 
A 1 112 LEU 112 112 112 LEU LEU A . n 
A 1 113 ASP 113 113 113 ASP ASP A . n 
A 1 114 SER 114 114 114 SER SER A . n 
A 1 115 TYR 115 115 115 TYR TYR A . n 
A 1 116 GLY 116 116 116 GLY GLY A . n 
A 1 117 GLU 117 117 117 GLU GLU A . n 
A 1 118 VAL 118 118 118 VAL VAL A . n 
A 1 119 GLN 119 119 119 GLN GLN A . n 
A 1 120 ASN 120 120 120 ASN ASN A . n 
A 1 121 GLU 121 121 121 GLU GLU A . n 
A 1 122 LEU 122 122 122 LEU LEU A . n 
A 1 123 VAL 123 123 123 VAL VAL A . n 
A 1 124 ALA 124 124 124 ALA ALA A . n 
A 1 125 THR 125 125 125 THR THR A . n 
A 1 126 VAL 126 126 126 VAL VAL A . n 
A 1 127 LEU 127 127 127 LEU LEU A . n 
A 1 128 ASP 128 128 128 ASP ASP A . n 
A 1 129 GLN 129 129 129 GLN GLN A . n 
A 1 130 PHE 130 130 130 PHE PHE A . n 
A 1 131 LYS 131 131 131 LYS LYS A . n 
A 1 132 GLN 132 132 132 GLN GLN A . n 
A 1 133 TYR 133 133 133 TYR TYR A . n 
A 1 134 PRO 134 134 134 PRO PRO A . n 
A 1 135 SER 135 135 135 SER SER A . n 
A 1 136 TYR 136 136 136 TYR TYR A . n 
A 1 137 LYS 137 137 137 LYS LYS A . n 
A 1 138 VAL 138 138 138 VAL VAL A . n 
A 1 139 ALA 139 139 139 ALA ALA A . n 
A 1 140 VAL 140 140 140 VAL VAL A . n 
A 1 141 THR 141 141 141 THR THR A . n 
A 1 142 GLY 142 142 142 GLY GLY A . n 
A 1 143 HIS 143 143 143 HIS HIS A . n 
A 1 144 SER 144 144 144 SER SER A . n 
A 1 145 LEU 145 145 145 LEU LEU A . n 
A 1 146 GLY 146 146 146 GLY GLY A . n 
A 1 147 GLY 147 147 147 GLY GLY A . n 
A 1 148 ALA 148 148 148 ALA ALA A . n 
A 1 149 THR 149 149 149 THR THR A . n 
A 1 150 ALA 150 150 150 ALA ALA A . n 
A 1 151 LEU 151 151 151 LEU LEU A . n 
A 1 152 LEU 152 152 152 LEU LEU A . n 
A 1 153 CYS 153 153 153 CYS CYS A . n 
A 1 154 ALA 154 154 154 ALA ALA A . n 
A 1 155 LEU 155 155 155 LEU LEU A . n 
A 1 156 ASP 156 156 156 ASP ASP A . n 
A 1 157 LEU 157 157 157 LEU LEU A . n 
A 1 158 TYR 158 158 158 TYR TYR A . n 
A 1 159 GLN 159 159 159 GLN GLN A . n 
A 1 160 ARG 160 160 160 ARG ARG A . n 
A 1 161 GLU 161 161 161 GLU GLU A . n 
A 1 162 GLU 162 162 162 GLU GLU A . n 
A 1 163 GLY 163 163 163 GLY GLY A . n 
A 1 164 LEU 164 164 164 LEU LEU A . n 
A 1 165 SER 165 165 165 SER SER A . n 
A 1 166 SER 166 166 166 SER SER A . n 
A 1 167 SER 167 167 167 SER SER A . n 
A 1 168 ASN 168 168 168 ASN ASN A . n 
A 1 169 LEU 169 169 169 LEU LEU A . n 
A 1 170 PHE 170 170 170 PHE PHE A . n 
A 1 171 LEU 171 171 171 LEU LEU A . n 
A 1 172 TYR 172 172 172 TYR TYR A . n 
A 1 173 THR 173 173 173 THR THR A . n 
A 1 174 GLN 174 174 174 GLN GLN A . n 
A 1 175 GLY 175 175 175 GLY GLY A . n 
A 1 176 GLN 176 176 176 GLN GLN A . n 
A 1 177 PRO 177 177 177 PRO PRO A . n 
A 1 178 ARG 178 178 178 ARG ARG A . n 
A 1 179 VAL 179 179 179 VAL VAL A . n 
A 1 180 GLY 180 180 180 GLY GLY A . n 
A 1 181 ASN 181 181 181 ASN ASN A . n 
A 1 182 PRO 182 182 182 PRO PRO A . n 
A 1 183 ALA 183 183 183 ALA ALA A . n 
A 1 184 PHE 184 184 184 PHE PHE A . n 
A 1 185 ALA 185 185 185 ALA ALA A . n 
A 1 186 ASN 186 186 186 ASN ASN A . n 
A 1 187 TYR 187 187 187 TYR TYR A . n 
A 1 188 VAL 188 188 188 VAL VAL A . n 
A 1 189 VAL 189 189 189 VAL VAL A . n 
A 1 190 SER 190 190 190 SER SER A . n 
A 1 191 THR 191 191 191 THR THR A . n 
A 1 192 GLY 192 192 192 GLY GLY A . n 
A 1 193 ILE 193 193 193 ILE ILE A . n 
A 1 194 PRO 194 194 194 PRO PRO A . n 
A 1 195 TYR 195 195 195 TYR TYR A . n 
A 1 196 ARG 196 196 196 ARG ARG A . n 
A 1 197 ARG 197 197 197 ARG ARG A . n 
A 1 198 THR 198 198 198 THR THR A . n 
A 1 199 VAL 199 199 199 VAL VAL A . n 
A 1 200 ASN 200 200 200 ASN ASN A . n 
A 1 201 GLU 201 201 201 GLU GLU A . n 
A 1 202 ARG 202 202 202 ARG ARG A . n 
A 1 203 ASP 203 203 203 ASP ASP A . n 
A 1 204 ILE 204 204 204 ILE ILE A . n 
A 1 205 VAL 205 205 205 VAL VAL A . n 
A 1 206 PRO 206 206 206 PRO PRO A . n 
A 1 207 HIS 207 207 207 HIS HIS A . n 
A 1 208 LEU 208 208 208 LEU LEU A . n 
A 1 209 PRO 209 209 209 PRO PRO A . n 
A 1 210 PRO 210 210 210 PRO PRO A . n 
A 1 211 ALA 211 211 211 ALA ALA A . n 
A 1 212 ALA 212 212 212 ALA ALA A . n 
A 1 213 PHE 213 213 213 PHE PHE A . n 
A 1 214 GLY 214 214 214 GLY GLY A . n 
A 1 215 PHE 215 215 215 PHE PHE A . n 
A 1 216 LEU 216 216 216 LEU LEU A . n 
A 1 217 HIS 217 217 217 HIS HIS A . n 
A 1 218 ALA 218 218 218 ALA ALA A . n 
A 1 219 GLY 219 219 219 GLY GLY A . n 
A 1 220 SER 220 220 220 SER SER A . n 
A 1 221 GLU 221 221 221 GLU GLU A . n 
A 1 222 TYR 222 222 222 TYR TYR A . n 
A 1 223 TRP 223 223 223 TRP TRP A . n 
A 1 224 ILE 224 224 224 ILE ILE A . n 
A 1 225 THR 225 225 225 THR THR A . n 
A 1 226 ASP 226 226 226 ASP ASP A . n 
A 1 227 ASN 227 227 227 ASN ASN A . n 
A 1 228 SER 228 228 228 SER SER A . n 
A 1 229 PRO 229 229 229 PRO PRO A . n 
A 1 230 GLU 230 230 230 GLU GLU A . n 
A 1 231 THR 231 231 231 THR THR A . n 
A 1 232 VAL 232 232 232 VAL VAL A . n 
A 1 233 GLN 233 233 233 GLN GLN A . n 
A 1 234 VAL 234 234 234 VAL VAL A . n 
A 1 235 CYS 235 235 235 CYS CYS A . n 
A 1 236 THR 236 236 236 THR THR A . n 
A 1 237 SER 237 237 237 SER SER A . n 
A 1 238 ASP 238 238 238 ASP ASP A . n 
A 1 239 LEU 239 239 239 LEU LEU A . n 
A 1 240 GLU 240 240 240 GLU GLU A . n 
A 1 241 THR 241 241 241 THR THR A . n 
A 1 242 SER 242 242 242 SER SER A . n 
A 1 243 ASP 243 243 243 ASP ASP A . n 
A 1 244 CYS 244 244 244 CYS CYS A . n 
A 1 245 SER 245 245 245 SER SER A . n 
A 1 246 ASN 246 246 246 ASN ASN A . n 
A 1 247 SER 247 247 247 SER SER A . n 
A 1 248 ILE 248 248 248 ILE ILE A . n 
A 1 249 VAL 249 249 249 VAL VAL A . n 
A 1 250 PRO 250 250 250 PRO PRO A . n 
A 1 251 PHE 251 251 251 PHE PHE A . n 
A 1 252 THR 252 252 252 THR THR A . n 
A 1 253 SER 253 253 253 SER SER A . n 
A 1 254 VAL 254 254 254 VAL VAL A . n 
A 1 255 LEU 255 255 255 LEU LEU A . n 
A 1 256 ASP 256 256 256 ASP ASP A . n 
A 1 257 HIS 257 257 257 HIS HIS A . n 
A 1 258 LEU 258 258 258 LEU LEU A . n 
A 1 259 SER 259 259 259 SER SER A . n 
A 1 260 TYR 260 260 260 TYR TYR A . n 
A 1 261 PHE 261 261 261 PHE PHE A . n 
A 1 262 GLY 262 262 262 GLY GLY A . n 
A 1 263 ILE 263 263 263 ILE ILE A . n 
A 1 264 ASN 264 264 264 ASN ASN A . n 
A 1 265 THR 265 265 265 THR THR A . n 
A 1 266 GLY 266 266 266 GLY GLY A . n 
A 1 267 LEU 267 267 267 LEU LEU A . n 
A 1 268 CYS 268 268 268 CYS CYS A . n 
A 1 269 THR 269 269 269 THR THR A . n 
# 
_pdbx_nonpoly_scheme.asym_id         B 
_pdbx_nonpoly_scheme.entity_id       2 
_pdbx_nonpoly_scheme.mon_id          HEE 
_pdbx_nonpoly_scheme.ndb_seq_num     1 
_pdbx_nonpoly_scheme.pdb_seq_num     270 
_pdbx_nonpoly_scheme.auth_seq_num    1 
_pdbx_nonpoly_scheme.pdb_mon_id      HEE 
_pdbx_nonpoly_scheme.auth_mon_id     HEE 
_pdbx_nonpoly_scheme.pdb_strand_id   A 
_pdbx_nonpoly_scheme.pdb_ins_code    . 
# 
loop_
_pdbx_unobs_or_zero_occ_atoms.id 
_pdbx_unobs_or_zero_occ_atoms.PDB_model_num 
_pdbx_unobs_or_zero_occ_atoms.polymer_flag 
_pdbx_unobs_or_zero_occ_atoms.occupancy_flag 
_pdbx_unobs_or_zero_occ_atoms.auth_asym_id 
_pdbx_unobs_or_zero_occ_atoms.auth_comp_id 
_pdbx_unobs_or_zero_occ_atoms.auth_seq_id 
_pdbx_unobs_or_zero_occ_atoms.PDB_ins_code 
_pdbx_unobs_or_zero_occ_atoms.auth_atom_id 
_pdbx_unobs_or_zero_occ_atoms.label_alt_id 
_pdbx_unobs_or_zero_occ_atoms.label_asym_id 
_pdbx_unobs_or_zero_occ_atoms.label_comp_id 
_pdbx_unobs_or_zero_occ_atoms.label_seq_id 
_pdbx_unobs_or_zero_occ_atoms.label_atom_id 
1    1 Y 1 A GLY 5   ? N   ? A GLY 5   N   
2    1 Y 1 A GLY 5   ? C   ? A GLY 5   C   
3    1 Y 1 A GLY 5   ? O   ? A GLY 5   O   
4    1 Y 1 A ILE 6   ? N   ? A ILE 6   N   
5    1 Y 1 A ILE 6   ? C   ? A ILE 6   C   
6    1 Y 1 A ILE 6   ? O   ? A ILE 6   O   
7    1 Y 1 A ILE 6   ? CB  ? A ILE 6   CB  
8    1 Y 1 A ILE 6   ? CG1 ? A ILE 6   CG1 
9    1 Y 1 A ILE 6   ? CG2 ? A ILE 6   CG2 
10   1 Y 1 A ILE 6   ? CD1 ? A ILE 6   CD1 
11   1 Y 1 A ARG 7   ? N   ? A ARG 7   N   
12   1 Y 1 A ARG 7   ? C   ? A ARG 7   C   
13   1 Y 1 A ARG 7   ? O   ? A ARG 7   O   
14   1 Y 1 A ARG 7   ? CB  ? A ARG 7   CB  
15   1 Y 1 A ARG 7   ? CG  ? A ARG 7   CG  
16   1 Y 1 A ARG 7   ? CD  ? A ARG 7   CD  
17   1 Y 1 A ARG 7   ? NE  ? A ARG 7   NE  
18   1 Y 1 A ARG 7   ? CZ  ? A ARG 7   CZ  
19   1 Y 1 A ARG 7   ? NH1 ? A ARG 7   NH1 
20   1 Y 1 A ARG 7   ? NH2 ? A ARG 7   NH2 
21   1 Y 1 A ALA 8   ? N   ? A ALA 8   N   
22   1 Y 1 A ALA 8   ? C   ? A ALA 8   C   
23   1 Y 1 A ALA 8   ? O   ? A ALA 8   O   
24   1 Y 1 A ALA 8   ? CB  ? A ALA 8   CB  
25   1 Y 1 A ALA 9   ? N   ? A ALA 9   N   
26   1 Y 1 A ALA 9   ? C   ? A ALA 9   C   
27   1 Y 1 A ALA 9   ? O   ? A ALA 9   O   
28   1 Y 1 A ALA 9   ? CB  ? A ALA 9   CB  
29   1 Y 1 A THR 10  ? N   ? A THR 10  N   
30   1 Y 1 A THR 10  ? C   ? A THR 10  C   
31   1 Y 1 A THR 10  ? O   ? A THR 10  O   
32   1 Y 1 A THR 10  ? CB  ? A THR 10  CB  
33   1 Y 1 A THR 10  ? OG1 ? A THR 10  OG1 
34   1 Y 1 A THR 10  ? CG2 ? A THR 10  CG2 
35   1 Y 1 A SER 11  ? N   ? A SER 11  N   
36   1 Y 1 A SER 11  ? C   ? A SER 11  C   
37   1 Y 1 A SER 11  ? O   ? A SER 11  O   
38   1 Y 1 A SER 11  ? CB  ? A SER 11  CB  
39   1 Y 1 A SER 11  ? OG  ? A SER 11  OG  
40   1 Y 1 A GLN 12  ? N   ? A GLN 12  N   
41   1 Y 1 A GLN 12  ? C   ? A GLN 12  C   
42   1 Y 1 A GLN 12  ? O   ? A GLN 12  O   
43   1 Y 1 A GLN 12  ? CB  ? A GLN 12  CB  
44   1 Y 1 A GLN 12  ? CG  ? A GLN 12  CG  
45   1 Y 1 A GLN 12  ? CD  ? A GLN 12  CD  
46   1 Y 1 A GLN 12  ? OE1 ? A GLN 12  OE1 
47   1 Y 1 A GLN 12  ? NE2 ? A GLN 12  NE2 
48   1 Y 1 A GLU 13  ? N   ? A GLU 13  N   
49   1 Y 1 A GLU 13  ? C   ? A GLU 13  C   
50   1 Y 1 A GLU 13  ? O   ? A GLU 13  O   
51   1 Y 1 A GLU 13  ? CB  ? A GLU 13  CB  
52   1 Y 1 A GLU 13  ? CG  ? A GLU 13  CG  
53   1 Y 1 A GLU 13  ? CD  ? A GLU 13  CD  
54   1 Y 1 A GLU 13  ? OE1 ? A GLU 13  OE1 
55   1 Y 1 A GLU 13  ? OE2 ? A GLU 13  OE2 
56   1 Y 1 A ILE 14  ? N   ? A ILE 14  N   
57   1 Y 1 A ILE 14  ? C   ? A ILE 14  C   
58   1 Y 1 A ILE 14  ? O   ? A ILE 14  O   
59   1 Y 1 A ILE 14  ? CB  ? A ILE 14  CB  
60   1 Y 1 A ILE 14  ? CG1 ? A ILE 14  CG1 
61   1 Y 1 A ILE 14  ? CG2 ? A ILE 14  CG2 
62   1 Y 1 A ILE 14  ? CD1 ? A ILE 14  CD1 
63   1 Y 1 A ASN 15  ? N   ? A ASN 15  N   
64   1 Y 1 A ASN 15  ? C   ? A ASN 15  C   
65   1 Y 1 A ASN 15  ? O   ? A ASN 15  O   
66   1 Y 1 A ASN 15  ? CB  ? A ASN 15  CB  
67   1 Y 1 A ASN 15  ? CG  ? A ASN 15  CG  
68   1 Y 1 A ASN 15  ? OD1 ? A ASN 15  OD1 
69   1 Y 1 A ASN 15  ? ND2 ? A ASN 15  ND2 
70   1 Y 1 A GLU 16  ? N   ? A GLU 16  N   
71   1 Y 1 A GLU 16  ? C   ? A GLU 16  C   
72   1 Y 1 A GLU 16  ? O   ? A GLU 16  O   
73   1 Y 1 A GLU 16  ? CB  ? A GLU 16  CB  
74   1 Y 1 A GLU 16  ? CG  ? A GLU 16  CG  
75   1 Y 1 A GLU 16  ? CD  ? A GLU 16  CD  
76   1 Y 1 A GLU 16  ? OE1 ? A GLU 16  OE1 
77   1 Y 1 A GLU 16  ? OE2 ? A GLU 16  OE2 
78   1 Y 1 A LEU 17  ? N   ? A LEU 17  N   
79   1 Y 1 A LEU 17  ? C   ? A LEU 17  C   
80   1 Y 1 A LEU 17  ? O   ? A LEU 17  O   
81   1 Y 1 A LEU 17  ? CB  ? A LEU 17  CB  
82   1 Y 1 A LEU 17  ? CG  ? A LEU 17  CG  
83   1 Y 1 A LEU 17  ? CD1 ? A LEU 17  CD1 
84   1 Y 1 A LEU 17  ? CD2 ? A LEU 17  CD2 
85   1 Y 1 A THR 18  ? N   ? A THR 18  N   
86   1 Y 1 A THR 18  ? C   ? A THR 18  C   
87   1 Y 1 A THR 18  ? O   ? A THR 18  O   
88   1 Y 1 A THR 18  ? CB  ? A THR 18  CB  
89   1 Y 1 A THR 18  ? OG1 ? A THR 18  OG1 
90   1 Y 1 A THR 18  ? CG2 ? A THR 18  CG2 
91   1 Y 1 A TYR 19  ? N   ? A TYR 19  N   
92   1 Y 1 A TYR 19  ? C   ? A TYR 19  C   
93   1 Y 1 A TYR 19  ? O   ? A TYR 19  O   
94   1 Y 1 A TYR 19  ? CB  ? A TYR 19  CB  
95   1 Y 1 A TYR 19  ? CG  ? A TYR 19  CG  
96   1 Y 1 A TYR 19  ? CD1 ? A TYR 19  CD1 
97   1 Y 1 A TYR 19  ? CD2 ? A TYR 19  CD2 
98   1 Y 1 A TYR 19  ? CE1 ? A TYR 19  CE1 
99   1 Y 1 A TYR 19  ? CE2 ? A TYR 19  CE2 
100  1 Y 1 A TYR 19  ? CZ  ? A TYR 19  CZ  
101  1 Y 1 A TYR 19  ? OH  ? A TYR 19  OH  
102  1 Y 1 A TYR 20  ? N   ? A TYR 20  N   
103  1 Y 1 A TYR 20  ? C   ? A TYR 20  C   
104  1 Y 1 A TYR 20  ? O   ? A TYR 20  O   
105  1 Y 1 A TYR 20  ? CB  ? A TYR 20  CB  
106  1 Y 1 A TYR 20  ? CG  ? A TYR 20  CG  
107  1 Y 1 A TYR 20  ? CD1 ? A TYR 20  CD1 
108  1 Y 1 A TYR 20  ? CD2 ? A TYR 20  CD2 
109  1 Y 1 A TYR 20  ? CE1 ? A TYR 20  CE1 
110  1 Y 1 A TYR 20  ? CE2 ? A TYR 20  CE2 
111  1 Y 1 A TYR 20  ? CZ  ? A TYR 20  CZ  
112  1 Y 1 A TYR 20  ? OH  ? A TYR 20  OH  
113  1 Y 1 A THR 21  ? N   ? A THR 21  N   
114  1 Y 1 A THR 21  ? C   ? A THR 21  C   
115  1 Y 1 A THR 21  ? O   ? A THR 21  O   
116  1 Y 1 A THR 21  ? CB  ? A THR 21  CB  
117  1 Y 1 A THR 21  ? OG1 ? A THR 21  OG1 
118  1 Y 1 A THR 21  ? CG2 ? A THR 21  CG2 
119  1 Y 1 A THR 22  ? N   ? A THR 22  N   
120  1 Y 1 A THR 22  ? C   ? A THR 22  C   
121  1 Y 1 A THR 22  ? O   ? A THR 22  O   
122  1 Y 1 A THR 22  ? CB  ? A THR 22  CB  
123  1 Y 1 A THR 22  ? OG1 ? A THR 22  OG1 
124  1 Y 1 A THR 22  ? CG2 ? A THR 22  CG2 
125  1 Y 1 A LEU 23  ? N   ? A LEU 23  N   
126  1 Y 1 A LEU 23  ? C   ? A LEU 23  C   
127  1 Y 1 A LEU 23  ? O   ? A LEU 23  O   
128  1 Y 1 A LEU 23  ? CB  ? A LEU 23  CB  
129  1 Y 1 A LEU 23  ? CG  ? A LEU 23  CG  
130  1 Y 1 A LEU 23  ? CD1 ? A LEU 23  CD1 
131  1 Y 1 A LEU 23  ? CD2 ? A LEU 23  CD2 
132  1 Y 1 A SER 24  ? N   ? A SER 24  N   
133  1 Y 1 A SER 24  ? C   ? A SER 24  C   
134  1 Y 1 A SER 24  ? O   ? A SER 24  O   
135  1 Y 1 A SER 24  ? CB  ? A SER 24  CB  
136  1 Y 1 A SER 24  ? OG  ? A SER 24  OG  
137  1 Y 1 A ALA 25  ? N   ? A ALA 25  N   
138  1 Y 1 A ALA 25  ? C   ? A ALA 25  C   
139  1 Y 1 A ALA 25  ? O   ? A ALA 25  O   
140  1 Y 1 A ALA 25  ? CB  ? A ALA 25  CB  
141  1 Y 1 A ASN 26  ? N   ? A ASN 26  N   
142  1 Y 1 A ASN 26  ? C   ? A ASN 26  C   
143  1 Y 1 A ASN 26  ? O   ? A ASN 26  O   
144  1 Y 1 A ASN 26  ? CB  ? A ASN 26  CB  
145  1 Y 1 A ASN 26  ? CG  ? A ASN 26  CG  
146  1 Y 1 A ASN 26  ? OD1 ? A ASN 26  OD1 
147  1 Y 1 A ASN 26  ? ND2 ? A ASN 26  ND2 
148  1 Y 1 A SER 27  ? N   ? A SER 27  N   
149  1 Y 1 A SER 27  ? C   ? A SER 27  C   
150  1 Y 1 A SER 27  ? O   ? A SER 27  O   
151  1 Y 1 A SER 27  ? CB  ? A SER 27  CB  
152  1 Y 1 A SER 27  ? OG  ? A SER 27  OG  
153  1 Y 1 A TYR 28  ? N   ? A TYR 28  N   
154  1 Y 1 A TYR 28  ? C   ? A TYR 28  C   
155  1 Y 1 A TYR 28  ? O   ? A TYR 28  O   
156  1 Y 1 A TYR 28  ? CB  ? A TYR 28  CB  
157  1 Y 1 A TYR 28  ? CG  ? A TYR 28  CG  
158  1 Y 1 A TYR 28  ? CD1 ? A TYR 28  CD1 
159  1 Y 1 A TYR 28  ? CD2 ? A TYR 28  CD2 
160  1 Y 1 A TYR 28  ? CE1 ? A TYR 28  CE1 
161  1 Y 1 A TYR 28  ? CE2 ? A TYR 28  CE2 
162  1 Y 1 A TYR 28  ? CZ  ? A TYR 28  CZ  
163  1 Y 1 A TYR 28  ? OH  ? A TYR 28  OH  
164  1 Y 1 A CYS 29  ? N   ? A CYS 29  N   
165  1 Y 1 A CYS 29  ? C   ? A CYS 29  C   
166  1 Y 1 A CYS 29  ? O   ? A CYS 29  O   
167  1 Y 1 A CYS 29  ? CB  ? A CYS 29  CB  
168  1 Y 1 A CYS 29  ? SG  ? A CYS 29  SG  
169  1 Y 1 A ARG 30  ? N   ? A ARG 30  N   
170  1 Y 1 A ARG 30  ? C   ? A ARG 30  C   
171  1 Y 1 A ARG 30  ? O   ? A ARG 30  O   
172  1 Y 1 A ARG 30  ? CB  ? A ARG 30  CB  
173  1 Y 1 A ARG 30  ? CG  ? A ARG 30  CG  
174  1 Y 1 A ARG 30  ? CD  ? A ARG 30  CD  
175  1 Y 1 A ARG 30  ? NE  ? A ARG 30  NE  
176  1 Y 1 A ARG 30  ? CZ  ? A ARG 30  CZ  
177  1 Y 1 A ARG 30  ? NH1 ? A ARG 30  NH1 
178  1 Y 1 A ARG 30  ? NH2 ? A ARG 30  NH2 
179  1 Y 1 A THR 31  ? N   ? A THR 31  N   
180  1 Y 1 A THR 31  ? C   ? A THR 31  C   
181  1 Y 1 A THR 31  ? O   ? A THR 31  O   
182  1 Y 1 A THR 31  ? CB  ? A THR 31  CB  
183  1 Y 1 A THR 31  ? OG1 ? A THR 31  OG1 
184  1 Y 1 A THR 31  ? CG2 ? A THR 31  CG2 
185  1 Y 1 A VAL 32  ? N   ? A VAL 32  N   
186  1 Y 1 A VAL 32  ? C   ? A VAL 32  C   
187  1 Y 1 A VAL 32  ? O   ? A VAL 32  O   
188  1 Y 1 A VAL 32  ? CB  ? A VAL 32  CB  
189  1 Y 1 A VAL 32  ? CG1 ? A VAL 32  CG1 
190  1 Y 1 A VAL 32  ? CG2 ? A VAL 32  CG2 
191  1 Y 1 A ILE 33  ? N   ? A ILE 33  N   
192  1 Y 1 A ILE 33  ? C   ? A ILE 33  C   
193  1 Y 1 A ILE 33  ? O   ? A ILE 33  O   
194  1 Y 1 A ILE 33  ? CB  ? A ILE 33  CB  
195  1 Y 1 A ILE 33  ? CG1 ? A ILE 33  CG1 
196  1 Y 1 A ILE 33  ? CG2 ? A ILE 33  CG2 
197  1 Y 1 A ILE 33  ? CD1 ? A ILE 33  CD1 
198  1 Y 1 A PRO 34  ? N   ? A PRO 34  N   
199  1 Y 1 A PRO 34  ? C   ? A PRO 34  C   
200  1 Y 1 A PRO 34  ? O   ? A PRO 34  O   
201  1 Y 1 A PRO 34  ? CB  ? A PRO 34  CB  
202  1 Y 1 A PRO 34  ? CG  ? A PRO 34  CG  
203  1 Y 1 A PRO 34  ? CD  ? A PRO 34  CD  
204  1 Y 1 A GLY 35  ? N   ? A GLY 35  N   
205  1 Y 1 A GLY 35  ? C   ? A GLY 35  C   
206  1 Y 1 A GLY 35  ? O   ? A GLY 35  O   
207  1 Y 1 A ALA 36  ? N   ? A ALA 36  N   
208  1 Y 1 A ALA 36  ? C   ? A ALA 36  C   
209  1 Y 1 A ALA 36  ? O   ? A ALA 36  O   
210  1 Y 1 A ALA 36  ? CB  ? A ALA 36  CB  
211  1 Y 1 A THR 37  ? N   ? A THR 37  N   
212  1 Y 1 A THR 37  ? C   ? A THR 37  C   
213  1 Y 1 A THR 37  ? O   ? A THR 37  O   
214  1 Y 1 A THR 37  ? CB  ? A THR 37  CB  
215  1 Y 1 A THR 37  ? OG1 ? A THR 37  OG1 
216  1 Y 1 A THR 37  ? CG2 ? A THR 37  CG2 
217  1 Y 1 A TRP 38  ? N   ? A TRP 38  N   
218  1 Y 1 A TRP 38  ? C   ? A TRP 38  C   
219  1 Y 1 A TRP 38  ? O   ? A TRP 38  O   
220  1 Y 1 A TRP 38  ? CB  ? A TRP 38  CB  
221  1 Y 1 A TRP 38  ? CG  ? A TRP 38  CG  
222  1 Y 1 A TRP 38  ? CD1 ? A TRP 38  CD1 
223  1 Y 1 A TRP 38  ? CD2 ? A TRP 38  CD2 
224  1 Y 1 A TRP 38  ? NE1 ? A TRP 38  NE1 
225  1 Y 1 A TRP 38  ? CE2 ? A TRP 38  CE2 
226  1 Y 1 A TRP 38  ? CE3 ? A TRP 38  CE3 
227  1 Y 1 A TRP 38  ? CZ2 ? A TRP 38  CZ2 
228  1 Y 1 A TRP 38  ? CZ3 ? A TRP 38  CZ3 
229  1 Y 1 A TRP 38  ? CH2 ? A TRP 38  CH2 
230  1 Y 1 A ASP 39  ? N   ? A ASP 39  N   
231  1 Y 1 A ASP 39  ? C   ? A ASP 39  C   
232  1 Y 1 A ASP 39  ? O   ? A ASP 39  O   
233  1 Y 1 A ASP 39  ? CB  ? A ASP 39  CB  
234  1 Y 1 A ASP 39  ? CG  ? A ASP 39  CG  
235  1 Y 1 A ASP 39  ? OD1 ? A ASP 39  OD1 
236  1 Y 1 A ASP 39  ? OD2 ? A ASP 39  OD2 
237  1 Y 1 A CYS 40  ? N   ? A CYS 40  N   
238  1 Y 1 A CYS 40  ? C   ? A CYS 40  C   
239  1 Y 1 A CYS 40  ? O   ? A CYS 40  O   
240  1 Y 1 A CYS 40  ? CB  ? A CYS 40  CB  
241  1 Y 1 A CYS 40  ? SG  ? A CYS 40  SG  
242  1 Y 1 A ILE 41  ? N   ? A ILE 41  N   
243  1 Y 1 A ILE 41  ? C   ? A ILE 41  C   
244  1 Y 1 A ILE 41  ? O   ? A ILE 41  O   
245  1 Y 1 A ILE 41  ? CB  ? A ILE 41  CB  
246  1 Y 1 A ILE 41  ? CG1 ? A ILE 41  CG1 
247  1 Y 1 A ILE 41  ? CG2 ? A ILE 41  CG2 
248  1 Y 1 A ILE 41  ? CD1 ? A ILE 41  CD1 
249  1 Y 1 A HIS 42  ? N   ? A HIS 42  N   
250  1 Y 1 A HIS 42  ? C   ? A HIS 42  C   
251  1 Y 1 A HIS 42  ? O   ? A HIS 42  O   
252  1 Y 1 A HIS 42  ? CB  ? A HIS 42  CB  
253  1 Y 1 A HIS 42  ? CG  ? A HIS 42  CG  
254  1 Y 1 A HIS 42  ? ND1 ? A HIS 42  ND1 
255  1 Y 1 A HIS 42  ? CD2 ? A HIS 42  CD2 
256  1 Y 1 A HIS 42  ? CE1 ? A HIS 42  CE1 
257  1 Y 1 A HIS 42  ? NE2 ? A HIS 42  NE2 
258  1 Y 1 A CYS 43  ? N   ? A CYS 43  N   
259  1 Y 1 A CYS 43  ? C   ? A CYS 43  C   
260  1 Y 1 A CYS 43  ? O   ? A CYS 43  O   
261  1 Y 1 A CYS 43  ? CB  ? A CYS 43  CB  
262  1 Y 1 A CYS 43  ? SG  ? A CYS 43  SG  
263  1 Y 1 A ASP 44  ? N   ? A ASP 44  N   
264  1 Y 1 A ASP 44  ? C   ? A ASP 44  C   
265  1 Y 1 A ASP 44  ? O   ? A ASP 44  O   
266  1 Y 1 A ASP 44  ? CB  ? A ASP 44  CB  
267  1 Y 1 A ASP 44  ? CG  ? A ASP 44  CG  
268  1 Y 1 A ASP 44  ? OD1 ? A ASP 44  OD1 
269  1 Y 1 A ASP 44  ? OD2 ? A ASP 44  OD2 
270  1 Y 1 A ALA 45  ? N   ? A ALA 45  N   
271  1 Y 1 A ALA 45  ? C   ? A ALA 45  C   
272  1 Y 1 A ALA 45  ? O   ? A ALA 45  O   
273  1 Y 1 A ALA 45  ? CB  ? A ALA 45  CB  
274  1 Y 1 A THR 46  ? N   ? A THR 46  N   
275  1 Y 1 A THR 46  ? C   ? A THR 46  C   
276  1 Y 1 A THR 46  ? O   ? A THR 46  O   
277  1 Y 1 A THR 46  ? CB  ? A THR 46  CB  
278  1 Y 1 A THR 46  ? OG1 ? A THR 46  OG1 
279  1 Y 1 A THR 46  ? CG2 ? A THR 46  CG2 
280  1 Y 1 A GLU 47  ? N   ? A GLU 47  N   
281  1 Y 1 A GLU 47  ? C   ? A GLU 47  C   
282  1 Y 1 A GLU 47  ? O   ? A GLU 47  O   
283  1 Y 1 A GLU 47  ? CB  ? A GLU 47  CB  
284  1 Y 1 A GLU 47  ? CG  ? A GLU 47  CG  
285  1 Y 1 A GLU 47  ? CD  ? A GLU 47  CD  
286  1 Y 1 A GLU 47  ? OE1 ? A GLU 47  OE1 
287  1 Y 1 A GLU 47  ? OE2 ? A GLU 47  OE2 
288  1 Y 1 A ASP 48  ? N   ? A ASP 48  N   
289  1 Y 1 A ASP 48  ? C   ? A ASP 48  C   
290  1 Y 1 A ASP 48  ? O   ? A ASP 48  O   
291  1 Y 1 A ASP 48  ? CB  ? A ASP 48  CB  
292  1 Y 1 A ASP 48  ? CG  ? A ASP 48  CG  
293  1 Y 1 A ASP 48  ? OD1 ? A ASP 48  OD1 
294  1 Y 1 A ASP 48  ? OD2 ? A ASP 48  OD2 
295  1 Y 1 A LEU 49  ? N   ? A LEU 49  N   
296  1 Y 1 A LEU 49  ? C   ? A LEU 49  C   
297  1 Y 1 A LEU 49  ? O   ? A LEU 49  O   
298  1 Y 1 A LEU 49  ? CB  ? A LEU 49  CB  
299  1 Y 1 A LEU 49  ? CG  ? A LEU 49  CG  
300  1 Y 1 A LEU 49  ? CD1 ? A LEU 49  CD1 
301  1 Y 1 A LEU 49  ? CD2 ? A LEU 49  CD2 
302  1 Y 1 A LYS 50  ? N   ? A LYS 50  N   
303  1 Y 1 A LYS 50  ? C   ? A LYS 50  C   
304  1 Y 1 A LYS 50  ? O   ? A LYS 50  O   
305  1 Y 1 A LYS 50  ? CB  ? A LYS 50  CB  
306  1 Y 1 A LYS 50  ? CG  ? A LYS 50  CG  
307  1 Y 1 A LYS 50  ? CD  ? A LYS 50  CD  
308  1 Y 1 A LYS 50  ? CE  ? A LYS 50  CE  
309  1 Y 1 A LYS 50  ? NZ  ? A LYS 50  NZ  
310  1 Y 1 A ILE 51  ? N   ? A ILE 51  N   
311  1 Y 1 A ILE 51  ? C   ? A ILE 51  C   
312  1 Y 1 A ILE 51  ? O   ? A ILE 51  O   
313  1 Y 1 A ILE 51  ? CB  ? A ILE 51  CB  
314  1 Y 1 A ILE 51  ? CG1 ? A ILE 51  CG1 
315  1 Y 1 A ILE 51  ? CG2 ? A ILE 51  CG2 
316  1 Y 1 A ILE 51  ? CD1 ? A ILE 51  CD1 
317  1 Y 1 A ILE 52  ? N   ? A ILE 52  N   
318  1 Y 1 A ILE 52  ? C   ? A ILE 52  C   
319  1 Y 1 A ILE 52  ? O   ? A ILE 52  O   
320  1 Y 1 A ILE 52  ? CB  ? A ILE 52  CB  
321  1 Y 1 A ILE 52  ? CG1 ? A ILE 52  CG1 
322  1 Y 1 A ILE 52  ? CG2 ? A ILE 52  CG2 
323  1 Y 1 A ILE 52  ? CD1 ? A ILE 52  CD1 
324  1 Y 1 A LYS 53  ? N   ? A LYS 53  N   
325  1 Y 1 A LYS 53  ? C   ? A LYS 53  C   
326  1 Y 1 A LYS 53  ? O   ? A LYS 53  O   
327  1 Y 1 A LYS 53  ? CB  ? A LYS 53  CB  
328  1 Y 1 A LYS 53  ? CG  ? A LYS 53  CG  
329  1 Y 1 A LYS 53  ? CD  ? A LYS 53  CD  
330  1 Y 1 A LYS 53  ? CE  ? A LYS 53  CE  
331  1 Y 1 A LYS 53  ? NZ  ? A LYS 53  NZ  
332  1 Y 1 A THR 54  ? N   ? A THR 54  N   
333  1 Y 1 A THR 54  ? C   ? A THR 54  C   
334  1 Y 1 A THR 54  ? O   ? A THR 54  O   
335  1 Y 1 A THR 54  ? CB  ? A THR 54  CB  
336  1 Y 1 A THR 54  ? OG1 ? A THR 54  OG1 
337  1 Y 1 A THR 54  ? CG2 ? A THR 54  CG2 
338  1 Y 1 A TRP 55  ? N   ? A TRP 55  N   
339  1 Y 1 A TRP 55  ? C   ? A TRP 55  C   
340  1 Y 1 A TRP 55  ? O   ? A TRP 55  O   
341  1 Y 1 A TRP 55  ? CB  ? A TRP 55  CB  
342  1 Y 1 A TRP 55  ? CG  ? A TRP 55  CG  
343  1 Y 1 A TRP 55  ? CD1 ? A TRP 55  CD1 
344  1 Y 1 A TRP 55  ? CD2 ? A TRP 55  CD2 
345  1 Y 1 A TRP 55  ? NE1 ? A TRP 55  NE1 
346  1 Y 1 A TRP 55  ? CE2 ? A TRP 55  CE2 
347  1 Y 1 A TRP 55  ? CE3 ? A TRP 55  CE3 
348  1 Y 1 A TRP 55  ? CZ2 ? A TRP 55  CZ2 
349  1 Y 1 A TRP 55  ? CZ3 ? A TRP 55  CZ3 
350  1 Y 1 A TRP 55  ? CH2 ? A TRP 55  CH2 
351  1 Y 1 A SER 56  ? N   ? A SER 56  N   
352  1 Y 1 A SER 56  ? C   ? A SER 56  C   
353  1 Y 1 A SER 56  ? O   ? A SER 56  O   
354  1 Y 1 A SER 56  ? CB  ? A SER 56  CB  
355  1 Y 1 A SER 56  ? OG  ? A SER 56  OG  
356  1 Y 1 A THR 57  ? N   ? A THR 57  N   
357  1 Y 1 A THR 57  ? C   ? A THR 57  C   
358  1 Y 1 A THR 57  ? O   ? A THR 57  O   
359  1 Y 1 A THR 57  ? CB  ? A THR 57  CB  
360  1 Y 1 A THR 57  ? OG1 ? A THR 57  OG1 
361  1 Y 1 A THR 57  ? CG2 ? A THR 57  CG2 
362  1 Y 1 A LEU 58  ? N   ? A LEU 58  N   
363  1 Y 1 A LEU 58  ? C   ? A LEU 58  C   
364  1 Y 1 A LEU 58  ? O   ? A LEU 58  O   
365  1 Y 1 A LEU 58  ? CB  ? A LEU 58  CB  
366  1 Y 1 A LEU 58  ? CG  ? A LEU 58  CG  
367  1 Y 1 A LEU 58  ? CD1 ? A LEU 58  CD1 
368  1 Y 1 A LEU 58  ? CD2 ? A LEU 58  CD2 
369  1 Y 1 A ILE 59  ? N   ? A ILE 59  N   
370  1 Y 1 A ILE 59  ? C   ? A ILE 59  C   
371  1 Y 1 A ILE 59  ? O   ? A ILE 59  O   
372  1 Y 1 A ILE 59  ? CB  ? A ILE 59  CB  
373  1 Y 1 A ILE 59  ? CG1 ? A ILE 59  CG1 
374  1 Y 1 A ILE 59  ? CG2 ? A ILE 59  CG2 
375  1 Y 1 A ILE 59  ? CD1 ? A ILE 59  CD1 
376  1 Y 1 A TYR 60  ? N   ? A TYR 60  N   
377  1 Y 1 A TYR 60  ? C   ? A TYR 60  C   
378  1 Y 1 A TYR 60  ? O   ? A TYR 60  O   
379  1 Y 1 A TYR 60  ? CB  ? A TYR 60  CB  
380  1 Y 1 A TYR 60  ? CG  ? A TYR 60  CG  
381  1 Y 1 A TYR 60  ? CD1 ? A TYR 60  CD1 
382  1 Y 1 A TYR 60  ? CD2 ? A TYR 60  CD2 
383  1 Y 1 A TYR 60  ? CE1 ? A TYR 60  CE1 
384  1 Y 1 A TYR 60  ? CE2 ? A TYR 60  CE2 
385  1 Y 1 A TYR 60  ? CZ  ? A TYR 60  CZ  
386  1 Y 1 A TYR 60  ? OH  ? A TYR 60  OH  
387  1 Y 1 A ASP 61  ? N   ? A ASP 61  N   
388  1 Y 1 A ASP 61  ? C   ? A ASP 61  C   
389  1 Y 1 A ASP 61  ? O   ? A ASP 61  O   
390  1 Y 1 A ASP 61  ? CB  ? A ASP 61  CB  
391  1 Y 1 A ASP 61  ? CG  ? A ASP 61  CG  
392  1 Y 1 A ASP 61  ? OD1 ? A ASP 61  OD1 
393  1 Y 1 A ASP 61  ? OD2 ? A ASP 61  OD2 
394  1 Y 1 A THR 62  ? N   ? A THR 62  N   
395  1 Y 1 A THR 62  ? C   ? A THR 62  C   
396  1 Y 1 A THR 62  ? O   ? A THR 62  O   
397  1 Y 1 A THR 62  ? CB  ? A THR 62  CB  
398  1 Y 1 A THR 62  ? OG1 ? A THR 62  OG1 
399  1 Y 1 A THR 62  ? CG2 ? A THR 62  CG2 
400  1 Y 1 A ASN 63  ? N   ? A ASN 63  N   
401  1 Y 1 A ASN 63  ? C   ? A ASN 63  C   
402  1 Y 1 A ASN 63  ? O   ? A ASN 63  O   
403  1 Y 1 A ASN 63  ? CB  ? A ASN 63  CB  
404  1 Y 1 A ASN 63  ? CG  ? A ASN 63  CG  
405  1 Y 1 A ASN 63  ? OD1 ? A ASN 63  OD1 
406  1 Y 1 A ASN 63  ? ND2 ? A ASN 63  ND2 
407  1 Y 1 A ALA 64  ? N   ? A ALA 64  N   
408  1 Y 1 A ALA 64  ? C   ? A ALA 64  C   
409  1 Y 1 A ALA 64  ? O   ? A ALA 64  O   
410  1 Y 1 A ALA 64  ? CB  ? A ALA 64  CB  
411  1 Y 1 A MET 65  ? N   ? A MET 65  N   
412  1 Y 1 A MET 65  ? C   ? A MET 65  C   
413  1 Y 1 A MET 65  ? O   ? A MET 65  O   
414  1 Y 1 A MET 65  ? CB  ? A MET 65  CB  
415  1 Y 1 A MET 65  ? CG  ? A MET 65  CG  
416  1 Y 1 A MET 65  ? SD  ? A MET 65  SD  
417  1 Y 1 A MET 65  ? CE  ? A MET 65  CE  
418  1 Y 1 A VAL 66  ? N   ? A VAL 66  N   
419  1 Y 1 A VAL 66  ? C   ? A VAL 66  C   
420  1 Y 1 A VAL 66  ? O   ? A VAL 66  O   
421  1 Y 1 A VAL 66  ? CB  ? A VAL 66  CB  
422  1 Y 1 A VAL 66  ? CG1 ? A VAL 66  CG1 
423  1 Y 1 A VAL 66  ? CG2 ? A VAL 66  CG2 
424  1 Y 1 A ALA 67  ? N   ? A ALA 67  N   
425  1 Y 1 A ALA 67  ? C   ? A ALA 67  C   
426  1 Y 1 A ALA 67  ? O   ? A ALA 67  O   
427  1 Y 1 A ALA 67  ? CB  ? A ALA 67  CB  
428  1 Y 1 A ARG 68  ? N   ? A ARG 68  N   
429  1 Y 1 A ARG 68  ? C   ? A ARG 68  C   
430  1 Y 1 A ARG 68  ? O   ? A ARG 68  O   
431  1 Y 1 A ARG 68  ? CB  ? A ARG 68  CB  
432  1 Y 1 A ARG 68  ? CG  ? A ARG 68  CG  
433  1 Y 1 A ARG 68  ? CD  ? A ARG 68  CD  
434  1 Y 1 A ARG 68  ? NE  ? A ARG 68  NE  
435  1 Y 1 A ARG 68  ? CZ  ? A ARG 68  CZ  
436  1 Y 1 A ARG 68  ? NH1 ? A ARG 68  NH1 
437  1 Y 1 A ARG 68  ? NH2 ? A ARG 68  NH2 
438  1 Y 1 A GLY 69  ? N   ? A GLY 69  N   
439  1 Y 1 A GLY 69  ? C   ? A GLY 69  C   
440  1 Y 1 A GLY 69  ? O   ? A GLY 69  O   
441  1 Y 1 A ASP 70  ? N   ? A ASP 70  N   
442  1 Y 1 A ASP 70  ? C   ? A ASP 70  C   
443  1 Y 1 A ASP 70  ? O   ? A ASP 70  O   
444  1 Y 1 A ASP 70  ? CB  ? A ASP 70  CB  
445  1 Y 1 A ASP 70  ? CG  ? A ASP 70  CG  
446  1 Y 1 A ASP 70  ? OD1 ? A ASP 70  OD1 
447  1 Y 1 A ASP 70  ? OD2 ? A ASP 70  OD2 
448  1 Y 1 A SER 71  ? N   ? A SER 71  N   
449  1 Y 1 A SER 71  ? C   ? A SER 71  C   
450  1 Y 1 A SER 71  ? O   ? A SER 71  O   
451  1 Y 1 A SER 71  ? CB  ? A SER 71  CB  
452  1 Y 1 A SER 71  ? OG  ? A SER 71  OG  
453  1 Y 1 A GLU 72  ? N   ? A GLU 72  N   
454  1 Y 1 A GLU 72  ? C   ? A GLU 72  C   
455  1 Y 1 A GLU 72  ? O   ? A GLU 72  O   
456  1 Y 1 A GLU 72  ? CB  ? A GLU 72  CB  
457  1 Y 1 A GLU 72  ? CG  ? A GLU 72  CG  
458  1 Y 1 A GLU 72  ? CD  ? A GLU 72  CD  
459  1 Y 1 A GLU 72  ? OE1 ? A GLU 72  OE1 
460  1 Y 1 A GLU 72  ? OE2 ? A GLU 72  OE2 
461  1 Y 1 A LYS 73  ? N   ? A LYS 73  N   
462  1 Y 1 A LYS 73  ? C   ? A LYS 73  C   
463  1 Y 1 A LYS 73  ? O   ? A LYS 73  O   
464  1 Y 1 A LYS 73  ? CB  ? A LYS 73  CB  
465  1 Y 1 A LYS 73  ? CG  ? A LYS 73  CG  
466  1 Y 1 A LYS 73  ? CD  ? A LYS 73  CD  
467  1 Y 1 A LYS 73  ? CE  ? A LYS 73  CE  
468  1 Y 1 A LYS 73  ? NZ  ? A LYS 73  NZ  
469  1 Y 1 A THR 74  ? N   ? A THR 74  N   
470  1 Y 1 A THR 74  ? C   ? A THR 74  C   
471  1 Y 1 A THR 74  ? O   ? A THR 74  O   
472  1 Y 1 A THR 74  ? CB  ? A THR 74  CB  
473  1 Y 1 A THR 74  ? OG1 ? A THR 74  OG1 
474  1 Y 1 A THR 74  ? CG2 ? A THR 74  CG2 
475  1 Y 1 A ILE 75  ? N   ? A ILE 75  N   
476  1 Y 1 A ILE 75  ? C   ? A ILE 75  C   
477  1 Y 1 A ILE 75  ? O   ? A ILE 75  O   
478  1 Y 1 A ILE 75  ? CB  ? A ILE 75  CB  
479  1 Y 1 A ILE 75  ? CG1 ? A ILE 75  CG1 
480  1 Y 1 A ILE 75  ? CG2 ? A ILE 75  CG2 
481  1 Y 1 A ILE 75  ? CD1 ? A ILE 75  CD1 
482  1 Y 1 A TYR 76  ? N   ? A TYR 76  N   
483  1 Y 1 A TYR 76  ? C   ? A TYR 76  C   
484  1 Y 1 A TYR 76  ? O   ? A TYR 76  O   
485  1 Y 1 A TYR 76  ? CB  ? A TYR 76  CB  
486  1 Y 1 A TYR 76  ? CG  ? A TYR 76  CG  
487  1 Y 1 A TYR 76  ? CD1 ? A TYR 76  CD1 
488  1 Y 1 A TYR 76  ? CD2 ? A TYR 76  CD2 
489  1 Y 1 A TYR 76  ? CE1 ? A TYR 76  CE1 
490  1 Y 1 A TYR 76  ? CE2 ? A TYR 76  CE2 
491  1 Y 1 A TYR 76  ? CZ  ? A TYR 76  CZ  
492  1 Y 1 A TYR 76  ? OH  ? A TYR 76  OH  
493  1 Y 1 A ILE 77  ? N   ? A ILE 77  N   
494  1 Y 1 A ILE 77  ? C   ? A ILE 77  C   
495  1 Y 1 A ILE 77  ? O   ? A ILE 77  O   
496  1 Y 1 A ILE 77  ? CB  ? A ILE 77  CB  
497  1 Y 1 A ILE 77  ? CG1 ? A ILE 77  CG1 
498  1 Y 1 A ILE 77  ? CG2 ? A ILE 77  CG2 
499  1 Y 1 A ILE 77  ? CD1 ? A ILE 77  CD1 
500  1 Y 1 A VAL 78  ? N   ? A VAL 78  N   
501  1 Y 1 A VAL 78  ? C   ? A VAL 78  C   
502  1 Y 1 A VAL 78  ? O   ? A VAL 78  O   
503  1 Y 1 A VAL 78  ? CB  ? A VAL 78  CB  
504  1 Y 1 A VAL 78  ? CG1 ? A VAL 78  CG1 
505  1 Y 1 A VAL 78  ? CG2 ? A VAL 78  CG2 
506  1 Y 1 A PHE 79  ? N   ? A PHE 79  N   
507  1 Y 1 A PHE 79  ? C   ? A PHE 79  C   
508  1 Y 1 A PHE 79  ? O   ? A PHE 79  O   
509  1 Y 1 A PHE 79  ? CB  ? A PHE 79  CB  
510  1 Y 1 A PHE 79  ? CG  ? A PHE 79  CG  
511  1 Y 1 A PHE 79  ? CD1 ? A PHE 79  CD1 
512  1 Y 1 A PHE 79  ? CD2 ? A PHE 79  CD2 
513  1 Y 1 A PHE 79  ? CE1 ? A PHE 79  CE1 
514  1 Y 1 A PHE 79  ? CE2 ? A PHE 79  CE2 
515  1 Y 1 A PHE 79  ? CZ  ? A PHE 79  CZ  
516  1 Y 1 A ARG 80  ? N   ? A ARG 80  N   
517  1 Y 1 A ARG 80  ? C   ? A ARG 80  C   
518  1 Y 1 A ARG 80  ? O   ? A ARG 80  O   
519  1 Y 1 A ARG 80  ? CB  ? A ARG 80  CB  
520  1 Y 1 A ARG 80  ? CG  ? A ARG 80  CG  
521  1 Y 1 A ARG 80  ? CD  ? A ARG 80  CD  
522  1 Y 1 A ARG 80  ? NE  ? A ARG 80  NE  
523  1 Y 1 A ARG 80  ? CZ  ? A ARG 80  CZ  
524  1 Y 1 A ARG 80  ? NH1 ? A ARG 80  NH1 
525  1 Y 1 A ARG 80  ? NH2 ? A ARG 80  NH2 
526  1 Y 1 A GLY 81  ? N   ? A GLY 81  N   
527  1 Y 1 A GLY 81  ? C   ? A GLY 81  C   
528  1 Y 1 A GLY 81  ? O   ? A GLY 81  O   
529  1 Y 1 A SER 82  ? N   ? A SER 82  N   
530  1 Y 1 A SER 82  ? C   ? A SER 82  C   
531  1 Y 1 A SER 82  ? O   ? A SER 82  O   
532  1 Y 1 A SER 82  ? CB  ? A SER 82  CB  
533  1 Y 1 A SER 82  ? OG  ? A SER 82  OG  
534  1 Y 1 A SER 83  ? N   ? A SER 83  N   
535  1 Y 1 A SER 83  ? C   ? A SER 83  C   
536  1 Y 1 A SER 83  ? O   ? A SER 83  O   
537  1 Y 1 A SER 83  ? CB  ? A SER 83  CB  
538  1 Y 1 A SER 83  ? OG  ? A SER 83  OG  
539  1 Y 1 A SER 84  ? N   ? A SER 84  N   
540  1 Y 1 A SER 84  ? C   ? A SER 84  C   
541  1 Y 1 A SER 84  ? O   ? A SER 84  O   
542  1 Y 1 A SER 84  ? CB  ? A SER 84  CB  
543  1 Y 1 A SER 84  ? OG  ? A SER 84  OG  
544  1 Y 1 A ILE 85  ? N   ? A ILE 85  N   
545  1 Y 1 A ILE 85  ? C   ? A ILE 85  C   
546  1 Y 1 A ILE 85  ? O   ? A ILE 85  O   
547  1 Y 1 A ILE 85  ? CB  ? A ILE 85  CB  
548  1 Y 1 A ILE 85  ? CG1 ? A ILE 85  CG1 
549  1 Y 1 A ILE 85  ? CG2 ? A ILE 85  CG2 
550  1 Y 1 A ILE 85  ? CD1 ? A ILE 85  CD1 
551  1 Y 1 A ARG 86  ? N   ? A ARG 86  N   
552  1 Y 1 A ARG 86  ? C   ? A ARG 86  C   
553  1 Y 1 A ARG 86  ? O   ? A ARG 86  O   
554  1 Y 1 A ARG 86  ? CB  ? A ARG 86  CB  
555  1 Y 1 A ARG 86  ? CG  ? A ARG 86  CG  
556  1 Y 1 A ARG 86  ? CD  ? A ARG 86  CD  
557  1 Y 1 A ARG 86  ? NE  ? A ARG 86  NE  
558  1 Y 1 A ARG 86  ? CZ  ? A ARG 86  CZ  
559  1 Y 1 A ARG 86  ? NH1 ? A ARG 86  NH1 
560  1 Y 1 A ARG 86  ? NH2 ? A ARG 86  NH2 
561  1 Y 1 A ASN 87  ? N   ? A ASN 87  N   
562  1 Y 1 A ASN 87  ? C   ? A ASN 87  C   
563  1 Y 1 A ASN 87  ? O   ? A ASN 87  O   
564  1 Y 1 A ASN 87  ? CB  ? A ASN 87  CB  
565  1 Y 1 A ASN 87  ? CG  ? A ASN 87  CG  
566  1 Y 1 A ASN 87  ? OD1 ? A ASN 87  OD1 
567  1 Y 1 A ASN 87  ? ND2 ? A ASN 87  ND2 
568  1 Y 1 A TRP 88  ? N   ? A TRP 88  N   
569  1 Y 1 A TRP 88  ? C   ? A TRP 88  C   
570  1 Y 1 A TRP 88  ? O   ? A TRP 88  O   
571  1 Y 1 A TRP 88  ? CB  ? A TRP 88  CB  
572  1 Y 1 A TRP 88  ? CG  ? A TRP 88  CG  
573  1 Y 1 A TRP 88  ? CD1 ? A TRP 88  CD1 
574  1 Y 1 A TRP 88  ? CD2 ? A TRP 88  CD2 
575  1 Y 1 A TRP 88  ? NE1 ? A TRP 88  NE1 
576  1 Y 1 A TRP 88  ? CE2 ? A TRP 88  CE2 
577  1 Y 1 A TRP 88  ? CE3 ? A TRP 88  CE3 
578  1 Y 1 A TRP 88  ? CZ2 ? A TRP 88  CZ2 
579  1 Y 1 A TRP 88  ? CZ3 ? A TRP 88  CZ3 
580  1 Y 1 A TRP 88  ? CH2 ? A TRP 88  CH2 
581  1 Y 1 A ILE 89  ? N   ? A ILE 89  N   
582  1 Y 1 A ILE 89  ? C   ? A ILE 89  C   
583  1 Y 1 A ILE 89  ? O   ? A ILE 89  O   
584  1 Y 1 A ILE 89  ? CB  ? A ILE 89  CB  
585  1 Y 1 A ILE 89  ? CG1 ? A ILE 89  CG1 
586  1 Y 1 A ILE 89  ? CG2 ? A ILE 89  CG2 
587  1 Y 1 A ILE 89  ? CD1 ? A ILE 89  CD1 
588  1 Y 1 A ALA 90  ? N   ? A ALA 90  N   
589  1 Y 1 A ALA 90  ? C   ? A ALA 90  C   
590  1 Y 1 A ALA 90  ? O   ? A ALA 90  O   
591  1 Y 1 A ALA 90  ? CB  ? A ALA 90  CB  
592  1 Y 1 A ASP 91  ? N   ? A ASP 91  N   
593  1 Y 1 A ASP 91  ? C   ? A ASP 91  C   
594  1 Y 1 A ASP 91  ? O   ? A ASP 91  O   
595  1 Y 1 A ASP 91  ? CB  ? A ASP 91  CB  
596  1 Y 1 A ASP 91  ? CG  ? A ASP 91  CG  
597  1 Y 1 A ASP 91  ? OD1 ? A ASP 91  OD1 
598  1 Y 1 A ASP 91  ? OD2 ? A ASP 91  OD2 
599  1 Y 1 A LEU 92  ? N   ? A LEU 92  N   
600  1 Y 1 A LEU 92  ? C   ? A LEU 92  C   
601  1 Y 1 A LEU 92  ? O   ? A LEU 92  O   
602  1 Y 1 A LEU 92  ? CB  ? A LEU 92  CB  
603  1 Y 1 A LEU 92  ? CG  ? A LEU 92  CG  
604  1 Y 1 A LEU 92  ? CD1 ? A LEU 92  CD1 
605  1 Y 1 A LEU 92  ? CD2 ? A LEU 92  CD2 
606  1 Y 1 A THR 93  ? N   ? A THR 93  N   
607  1 Y 1 A THR 93  ? C   ? A THR 93  C   
608  1 Y 1 A THR 93  ? O   ? A THR 93  O   
609  1 Y 1 A THR 93  ? CB  ? A THR 93  CB  
610  1 Y 1 A THR 93  ? OG1 ? A THR 93  OG1 
611  1 Y 1 A THR 93  ? CG2 ? A THR 93  CG2 
612  1 Y 1 A PHE 94  ? N   ? A PHE 94  N   
613  1 Y 1 A PHE 94  ? C   ? A PHE 94  C   
614  1 Y 1 A PHE 94  ? O   ? A PHE 94  O   
615  1 Y 1 A PHE 94  ? CB  ? A PHE 94  CB  
616  1 Y 1 A PHE 94  ? CG  ? A PHE 94  CG  
617  1 Y 1 A PHE 94  ? CD1 ? A PHE 94  CD1 
618  1 Y 1 A PHE 94  ? CD2 ? A PHE 94  CD2 
619  1 Y 1 A PHE 94  ? CE1 ? A PHE 94  CE1 
620  1 Y 1 A PHE 94  ? CE2 ? A PHE 94  CE2 
621  1 Y 1 A PHE 94  ? CZ  ? A PHE 94  CZ  
622  1 Y 1 A VAL 95  ? N   ? A VAL 95  N   
623  1 Y 1 A VAL 95  ? C   ? A VAL 95  C   
624  1 Y 1 A VAL 95  ? O   ? A VAL 95  O   
625  1 Y 1 A VAL 95  ? CB  ? A VAL 95  CB  
626  1 Y 1 A VAL 95  ? CG1 ? A VAL 95  CG1 
627  1 Y 1 A VAL 95  ? CG2 ? A VAL 95  CG2 
628  1 Y 1 A PRO 96  ? N   ? A PRO 96  N   
629  1 Y 1 A PRO 96  ? C   ? A PRO 96  C   
630  1 Y 1 A PRO 96  ? O   ? A PRO 96  O   
631  1 Y 1 A PRO 96  ? CB  ? A PRO 96  CB  
632  1 Y 1 A PRO 96  ? CG  ? A PRO 96  CG  
633  1 Y 1 A PRO 96  ? CD  ? A PRO 96  CD  
634  1 Y 1 A VAL 97  ? N   ? A VAL 97  N   
635  1 Y 1 A VAL 97  ? C   ? A VAL 97  C   
636  1 Y 1 A VAL 97  ? O   ? A VAL 97  O   
637  1 Y 1 A VAL 97  ? CB  ? A VAL 97  CB  
638  1 Y 1 A VAL 97  ? CG1 ? A VAL 97  CG1 
639  1 Y 1 A VAL 97  ? CG2 ? A VAL 97  CG2 
640  1 Y 1 A SER 98  ? N   ? A SER 98  N   
641  1 Y 1 A SER 98  ? C   ? A SER 98  C   
642  1 Y 1 A SER 98  ? O   ? A SER 98  O   
643  1 Y 1 A SER 98  ? CB  ? A SER 98  CB  
644  1 Y 1 A SER 98  ? OG  ? A SER 98  OG  
645  1 Y 1 A TYR 99  ? N   ? A TYR 99  N   
646  1 Y 1 A TYR 99  ? C   ? A TYR 99  C   
647  1 Y 1 A TYR 99  ? O   ? A TYR 99  O   
648  1 Y 1 A TYR 99  ? CB  ? A TYR 99  CB  
649  1 Y 1 A TYR 99  ? CG  ? A TYR 99  CG  
650  1 Y 1 A TYR 99  ? CD1 ? A TYR 99  CD1 
651  1 Y 1 A TYR 99  ? CD2 ? A TYR 99  CD2 
652  1 Y 1 A TYR 99  ? CE1 ? A TYR 99  CE1 
653  1 Y 1 A TYR 99  ? CE2 ? A TYR 99  CE2 
654  1 Y 1 A TYR 99  ? CZ  ? A TYR 99  CZ  
655  1 Y 1 A TYR 99  ? OH  ? A TYR 99  OH  
656  1 Y 1 A PRO 100 ? N   ? A PRO 100 N   
657  1 Y 1 A PRO 100 ? C   ? A PRO 100 C   
658  1 Y 1 A PRO 100 ? O   ? A PRO 100 O   
659  1 Y 1 A PRO 100 ? CB  ? A PRO 100 CB  
660  1 Y 1 A PRO 100 ? CG  ? A PRO 100 CG  
661  1 Y 1 A PRO 100 ? CD  ? A PRO 100 CD  
662  1 Y 1 A PRO 101 ? N   ? A PRO 101 N   
663  1 Y 1 A PRO 101 ? C   ? A PRO 101 C   
664  1 Y 1 A PRO 101 ? O   ? A PRO 101 O   
665  1 Y 1 A PRO 101 ? CB  ? A PRO 101 CB  
666  1 Y 1 A PRO 101 ? CG  ? A PRO 101 CG  
667  1 Y 1 A PRO 101 ? CD  ? A PRO 101 CD  
668  1 Y 1 A VAL 102 ? N   ? A VAL 102 N   
669  1 Y 1 A VAL 102 ? C   ? A VAL 102 C   
670  1 Y 1 A VAL 102 ? O   ? A VAL 102 O   
671  1 Y 1 A VAL 102 ? CB  ? A VAL 102 CB  
672  1 Y 1 A VAL 102 ? CG1 ? A VAL 102 CG1 
673  1 Y 1 A VAL 102 ? CG2 ? A VAL 102 CG2 
674  1 Y 1 A SER 103 ? N   ? A SER 103 N   
675  1 Y 1 A SER 103 ? C   ? A SER 103 C   
676  1 Y 1 A SER 103 ? O   ? A SER 103 O   
677  1 Y 1 A SER 103 ? CB  ? A SER 103 CB  
678  1 Y 1 A SER 103 ? OG  ? A SER 103 OG  
679  1 Y 1 A GLY 104 ? N   ? A GLY 104 N   
680  1 Y 1 A GLY 104 ? C   ? A GLY 104 C   
681  1 Y 1 A GLY 104 ? O   ? A GLY 104 O   
682  1 Y 1 A THR 105 ? N   ? A THR 105 N   
683  1 Y 1 A THR 105 ? C   ? A THR 105 C   
684  1 Y 1 A THR 105 ? O   ? A THR 105 O   
685  1 Y 1 A THR 105 ? CB  ? A THR 105 CB  
686  1 Y 1 A THR 105 ? OG1 ? A THR 105 OG1 
687  1 Y 1 A THR 105 ? CG2 ? A THR 105 CG2 
688  1 Y 1 A LYS 106 ? N   ? A LYS 106 N   
689  1 Y 1 A LYS 106 ? C   ? A LYS 106 C   
690  1 Y 1 A LYS 106 ? O   ? A LYS 106 O   
691  1 Y 1 A LYS 106 ? CB  ? A LYS 106 CB  
692  1 Y 1 A LYS 106 ? CG  ? A LYS 106 CG  
693  1 Y 1 A LYS 106 ? CD  ? A LYS 106 CD  
694  1 Y 1 A LYS 106 ? CE  ? A LYS 106 CE  
695  1 Y 1 A LYS 106 ? NZ  ? A LYS 106 NZ  
696  1 Y 1 A VAL 107 ? N   ? A VAL 107 N   
697  1 Y 1 A VAL 107 ? C   ? A VAL 107 C   
698  1 Y 1 A VAL 107 ? O   ? A VAL 107 O   
699  1 Y 1 A VAL 107 ? CB  ? A VAL 107 CB  
700  1 Y 1 A VAL 107 ? CG1 ? A VAL 107 CG1 
701  1 Y 1 A VAL 107 ? CG2 ? A VAL 107 CG2 
702  1 Y 1 A HIS 108 ? N   ? A HIS 108 N   
703  1 Y 1 A HIS 108 ? C   ? A HIS 108 C   
704  1 Y 1 A HIS 108 ? O   ? A HIS 108 O   
705  1 Y 1 A HIS 108 ? CB  ? A HIS 108 CB  
706  1 Y 1 A HIS 108 ? CG  ? A HIS 108 CG  
707  1 Y 1 A HIS 108 ? ND1 ? A HIS 108 ND1 
708  1 Y 1 A HIS 108 ? CD2 ? A HIS 108 CD2 
709  1 Y 1 A HIS 108 ? CE1 ? A HIS 108 CE1 
710  1 Y 1 A HIS 108 ? NE2 ? A HIS 108 NE2 
711  1 Y 1 A LYS 109 ? N   ? A LYS 109 N   
712  1 Y 1 A LYS 109 ? C   ? A LYS 109 C   
713  1 Y 1 A LYS 109 ? O   ? A LYS 109 O   
714  1 Y 1 A LYS 109 ? CB  ? A LYS 109 CB  
715  1 Y 1 A LYS 109 ? CG  ? A LYS 109 CG  
716  1 Y 1 A LYS 109 ? CD  ? A LYS 109 CD  
717  1 Y 1 A LYS 109 ? CE  ? A LYS 109 CE  
718  1 Y 1 A LYS 109 ? NZ  ? A LYS 109 NZ  
719  1 Y 1 A GLY 110 ? N   ? A GLY 110 N   
720  1 Y 1 A GLY 110 ? C   ? A GLY 110 C   
721  1 Y 1 A GLY 110 ? O   ? A GLY 110 O   
722  1 Y 1 A PHE 111 ? N   ? A PHE 111 N   
723  1 Y 1 A PHE 111 ? C   ? A PHE 111 C   
724  1 Y 1 A PHE 111 ? O   ? A PHE 111 O   
725  1 Y 1 A PHE 111 ? CB  ? A PHE 111 CB  
726  1 Y 1 A PHE 111 ? CG  ? A PHE 111 CG  
727  1 Y 1 A PHE 111 ? CD1 ? A PHE 111 CD1 
728  1 Y 1 A PHE 111 ? CD2 ? A PHE 111 CD2 
729  1 Y 1 A PHE 111 ? CE1 ? A PHE 111 CE1 
730  1 Y 1 A PHE 111 ? CE2 ? A PHE 111 CE2 
731  1 Y 1 A PHE 111 ? CZ  ? A PHE 111 CZ  
732  1 Y 1 A LEU 112 ? N   ? A LEU 112 N   
733  1 Y 1 A LEU 112 ? C   ? A LEU 112 C   
734  1 Y 1 A LEU 112 ? O   ? A LEU 112 O   
735  1 Y 1 A LEU 112 ? CB  ? A LEU 112 CB  
736  1 Y 1 A LEU 112 ? CG  ? A LEU 112 CG  
737  1 Y 1 A LEU 112 ? CD1 ? A LEU 112 CD1 
738  1 Y 1 A LEU 112 ? CD2 ? A LEU 112 CD2 
739  1 Y 1 A ASP 113 ? N   ? A ASP 113 N   
740  1 Y 1 A ASP 113 ? C   ? A ASP 113 C   
741  1 Y 1 A ASP 113 ? O   ? A ASP 113 O   
742  1 Y 1 A ASP 113 ? CB  ? A ASP 113 CB  
743  1 Y 1 A ASP 113 ? CG  ? A ASP 113 CG  
744  1 Y 1 A ASP 113 ? OD1 ? A ASP 113 OD1 
745  1 Y 1 A ASP 113 ? OD2 ? A ASP 113 OD2 
746  1 Y 1 A SER 114 ? N   ? A SER 114 N   
747  1 Y 1 A SER 114 ? C   ? A SER 114 C   
748  1 Y 1 A SER 114 ? O   ? A SER 114 O   
749  1 Y 1 A SER 114 ? CB  ? A SER 114 CB  
750  1 Y 1 A SER 114 ? OG  ? A SER 114 OG  
751  1 Y 1 A TYR 115 ? N   ? A TYR 115 N   
752  1 Y 1 A TYR 115 ? C   ? A TYR 115 C   
753  1 Y 1 A TYR 115 ? O   ? A TYR 115 O   
754  1 Y 1 A TYR 115 ? CB  ? A TYR 115 CB  
755  1 Y 1 A TYR 115 ? CG  ? A TYR 115 CG  
756  1 Y 1 A TYR 115 ? CD1 ? A TYR 115 CD1 
757  1 Y 1 A TYR 115 ? CD2 ? A TYR 115 CD2 
758  1 Y 1 A TYR 115 ? CE1 ? A TYR 115 CE1 
759  1 Y 1 A TYR 115 ? CE2 ? A TYR 115 CE2 
760  1 Y 1 A TYR 115 ? CZ  ? A TYR 115 CZ  
761  1 Y 1 A TYR 115 ? OH  ? A TYR 115 OH  
762  1 Y 1 A GLY 116 ? N   ? A GLY 116 N   
763  1 Y 1 A GLY 116 ? C   ? A GLY 116 C   
764  1 Y 1 A GLY 116 ? O   ? A GLY 116 O   
765  1 Y 1 A GLU 117 ? N   ? A GLU 117 N   
766  1 Y 1 A GLU 117 ? C   ? A GLU 117 C   
767  1 Y 1 A GLU 117 ? O   ? A GLU 117 O   
768  1 Y 1 A GLU 117 ? CB  ? A GLU 117 CB  
769  1 Y 1 A GLU 117 ? CG  ? A GLU 117 CG  
770  1 Y 1 A GLU 117 ? CD  ? A GLU 117 CD  
771  1 Y 1 A GLU 117 ? OE1 ? A GLU 117 OE1 
772  1 Y 1 A GLU 117 ? OE2 ? A GLU 117 OE2 
773  1 Y 1 A VAL 118 ? N   ? A VAL 118 N   
774  1 Y 1 A VAL 118 ? C   ? A VAL 118 C   
775  1 Y 1 A VAL 118 ? O   ? A VAL 118 O   
776  1 Y 1 A VAL 118 ? CB  ? A VAL 118 CB  
777  1 Y 1 A VAL 118 ? CG1 ? A VAL 118 CG1 
778  1 Y 1 A VAL 118 ? CG2 ? A VAL 118 CG2 
779  1 Y 1 A GLN 119 ? N   ? A GLN 119 N   
780  1 Y 1 A GLN 119 ? C   ? A GLN 119 C   
781  1 Y 1 A GLN 119 ? O   ? A GLN 119 O   
782  1 Y 1 A GLN 119 ? CB  ? A GLN 119 CB  
783  1 Y 1 A GLN 119 ? CG  ? A GLN 119 CG  
784  1 Y 1 A GLN 119 ? CD  ? A GLN 119 CD  
785  1 Y 1 A GLN 119 ? OE1 ? A GLN 119 OE1 
786  1 Y 1 A GLN 119 ? NE2 ? A GLN 119 NE2 
787  1 Y 1 A ASN 120 ? N   ? A ASN 120 N   
788  1 Y 1 A ASN 120 ? C   ? A ASN 120 C   
789  1 Y 1 A ASN 120 ? O   ? A ASN 120 O   
790  1 Y 1 A ASN 120 ? CB  ? A ASN 120 CB  
791  1 Y 1 A ASN 120 ? CG  ? A ASN 120 CG  
792  1 Y 1 A ASN 120 ? OD1 ? A ASN 120 OD1 
793  1 Y 1 A ASN 120 ? ND2 ? A ASN 120 ND2 
794  1 Y 1 A GLU 121 ? N   ? A GLU 121 N   
795  1 Y 1 A GLU 121 ? C   ? A GLU 121 C   
796  1 Y 1 A GLU 121 ? O   ? A GLU 121 O   
797  1 Y 1 A GLU 121 ? CB  ? A GLU 121 CB  
798  1 Y 1 A GLU 121 ? CG  ? A GLU 121 CG  
799  1 Y 1 A GLU 121 ? CD  ? A GLU 121 CD  
800  1 Y 1 A GLU 121 ? OE1 ? A GLU 121 OE1 
801  1 Y 1 A GLU 121 ? OE2 ? A GLU 121 OE2 
802  1 Y 1 A LEU 122 ? N   ? A LEU 122 N   
803  1 Y 1 A LEU 122 ? C   ? A LEU 122 C   
804  1 Y 1 A LEU 122 ? O   ? A LEU 122 O   
805  1 Y 1 A LEU 122 ? CB  ? A LEU 122 CB  
806  1 Y 1 A LEU 122 ? CG  ? A LEU 122 CG  
807  1 Y 1 A LEU 122 ? CD1 ? A LEU 122 CD1 
808  1 Y 1 A LEU 122 ? CD2 ? A LEU 122 CD2 
809  1 Y 1 A VAL 123 ? N   ? A VAL 123 N   
810  1 Y 1 A VAL 123 ? C   ? A VAL 123 C   
811  1 Y 1 A VAL 123 ? O   ? A VAL 123 O   
812  1 Y 1 A VAL 123 ? CB  ? A VAL 123 CB  
813  1 Y 1 A VAL 123 ? CG1 ? A VAL 123 CG1 
814  1 Y 1 A VAL 123 ? CG2 ? A VAL 123 CG2 
815  1 Y 1 A ALA 124 ? N   ? A ALA 124 N   
816  1 Y 1 A ALA 124 ? C   ? A ALA 124 C   
817  1 Y 1 A ALA 124 ? O   ? A ALA 124 O   
818  1 Y 1 A ALA 124 ? CB  ? A ALA 124 CB  
819  1 Y 1 A THR 125 ? N   ? A THR 125 N   
820  1 Y 1 A THR 125 ? C   ? A THR 125 C   
821  1 Y 1 A THR 125 ? O   ? A THR 125 O   
822  1 Y 1 A THR 125 ? CB  ? A THR 125 CB  
823  1 Y 1 A THR 125 ? OG1 ? A THR 125 OG1 
824  1 Y 1 A THR 125 ? CG2 ? A THR 125 CG2 
825  1 Y 1 A VAL 126 ? N   ? A VAL 126 N   
826  1 Y 1 A VAL 126 ? C   ? A VAL 126 C   
827  1 Y 1 A VAL 126 ? O   ? A VAL 126 O   
828  1 Y 1 A VAL 126 ? CB  ? A VAL 126 CB  
829  1 Y 1 A VAL 126 ? CG1 ? A VAL 126 CG1 
830  1 Y 1 A VAL 126 ? CG2 ? A VAL 126 CG2 
831  1 Y 1 A LEU 127 ? N   ? A LEU 127 N   
832  1 Y 1 A LEU 127 ? C   ? A LEU 127 C   
833  1 Y 1 A LEU 127 ? O   ? A LEU 127 O   
834  1 Y 1 A LEU 127 ? CB  ? A LEU 127 CB  
835  1 Y 1 A LEU 127 ? CG  ? A LEU 127 CG  
836  1 Y 1 A LEU 127 ? CD1 ? A LEU 127 CD1 
837  1 Y 1 A LEU 127 ? CD2 ? A LEU 127 CD2 
838  1 Y 1 A ASP 128 ? N   ? A ASP 128 N   
839  1 Y 1 A ASP 128 ? C   ? A ASP 128 C   
840  1 Y 1 A ASP 128 ? O   ? A ASP 128 O   
841  1 Y 1 A ASP 128 ? CB  ? A ASP 128 CB  
842  1 Y 1 A ASP 128 ? CG  ? A ASP 128 CG  
843  1 Y 1 A ASP 128 ? OD1 ? A ASP 128 OD1 
844  1 Y 1 A ASP 128 ? OD2 ? A ASP 128 OD2 
845  1 Y 1 A GLN 129 ? N   ? A GLN 129 N   
846  1 Y 1 A GLN 129 ? C   ? A GLN 129 C   
847  1 Y 1 A GLN 129 ? O   ? A GLN 129 O   
848  1 Y 1 A GLN 129 ? CB  ? A GLN 129 CB  
849  1 Y 1 A GLN 129 ? CG  ? A GLN 129 CG  
850  1 Y 1 A GLN 129 ? CD  ? A GLN 129 CD  
851  1 Y 1 A GLN 129 ? OE1 ? A GLN 129 OE1 
852  1 Y 1 A GLN 129 ? NE2 ? A GLN 129 NE2 
853  1 Y 1 A PHE 130 ? N   ? A PHE 130 N   
854  1 Y 1 A PHE 130 ? C   ? A PHE 130 C   
855  1 Y 1 A PHE 130 ? O   ? A PHE 130 O   
856  1 Y 1 A PHE 130 ? CB  ? A PHE 130 CB  
857  1 Y 1 A PHE 130 ? CG  ? A PHE 130 CG  
858  1 Y 1 A PHE 130 ? CD1 ? A PHE 130 CD1 
859  1 Y 1 A PHE 130 ? CD2 ? A PHE 130 CD2 
860  1 Y 1 A PHE 130 ? CE1 ? A PHE 130 CE1 
861  1 Y 1 A PHE 130 ? CE2 ? A PHE 130 CE2 
862  1 Y 1 A PHE 130 ? CZ  ? A PHE 130 CZ  
863  1 Y 1 A LYS 131 ? N   ? A LYS 131 N   
864  1 Y 1 A LYS 131 ? C   ? A LYS 131 C   
865  1 Y 1 A LYS 131 ? O   ? A LYS 131 O   
866  1 Y 1 A LYS 131 ? CB  ? A LYS 131 CB  
867  1 Y 1 A LYS 131 ? CG  ? A LYS 131 CG  
868  1 Y 1 A LYS 131 ? CD  ? A LYS 131 CD  
869  1 Y 1 A LYS 131 ? CE  ? A LYS 131 CE  
870  1 Y 1 A LYS 131 ? NZ  ? A LYS 131 NZ  
871  1 Y 1 A GLN 132 ? N   ? A GLN 132 N   
872  1 Y 1 A GLN 132 ? C   ? A GLN 132 C   
873  1 Y 1 A GLN 132 ? O   ? A GLN 132 O   
874  1 Y 1 A GLN 132 ? CB  ? A GLN 132 CB  
875  1 Y 1 A GLN 132 ? CG  ? A GLN 132 CG  
876  1 Y 1 A GLN 132 ? CD  ? A GLN 132 CD  
877  1 Y 1 A GLN 132 ? OE1 ? A GLN 132 OE1 
878  1 Y 1 A GLN 132 ? NE2 ? A GLN 132 NE2 
879  1 Y 1 A TYR 133 ? N   ? A TYR 133 N   
880  1 Y 1 A TYR 133 ? C   ? A TYR 133 C   
881  1 Y 1 A TYR 133 ? O   ? A TYR 133 O   
882  1 Y 1 A TYR 133 ? CB  ? A TYR 133 CB  
883  1 Y 1 A TYR 133 ? CG  ? A TYR 133 CG  
884  1 Y 1 A TYR 133 ? CD1 ? A TYR 133 CD1 
885  1 Y 1 A TYR 133 ? CD2 ? A TYR 133 CD2 
886  1 Y 1 A TYR 133 ? CE1 ? A TYR 133 CE1 
887  1 Y 1 A TYR 133 ? CE2 ? A TYR 133 CE2 
888  1 Y 1 A TYR 133 ? CZ  ? A TYR 133 CZ  
889  1 Y 1 A TYR 133 ? OH  ? A TYR 133 OH  
890  1 Y 1 A PRO 134 ? N   ? A PRO 134 N   
891  1 Y 1 A PRO 134 ? C   ? A PRO 134 C   
892  1 Y 1 A PRO 134 ? O   ? A PRO 134 O   
893  1 Y 1 A PRO 134 ? CB  ? A PRO 134 CB  
894  1 Y 1 A PRO 134 ? CG  ? A PRO 134 CG  
895  1 Y 1 A PRO 134 ? CD  ? A PRO 134 CD  
896  1 Y 1 A SER 135 ? N   ? A SER 135 N   
897  1 Y 1 A SER 135 ? C   ? A SER 135 C   
898  1 Y 1 A SER 135 ? O   ? A SER 135 O   
899  1 Y 1 A SER 135 ? CB  ? A SER 135 CB  
900  1 Y 1 A SER 135 ? OG  ? A SER 135 OG  
901  1 Y 1 A TYR 136 ? N   ? A TYR 136 N   
902  1 Y 1 A TYR 136 ? C   ? A TYR 136 C   
903  1 Y 1 A TYR 136 ? O   ? A TYR 136 O   
904  1 Y 1 A TYR 136 ? CB  ? A TYR 136 CB  
905  1 Y 1 A TYR 136 ? CG  ? A TYR 136 CG  
906  1 Y 1 A TYR 136 ? CD1 ? A TYR 136 CD1 
907  1 Y 1 A TYR 136 ? CD2 ? A TYR 136 CD2 
908  1 Y 1 A TYR 136 ? CE1 ? A TYR 136 CE1 
909  1 Y 1 A TYR 136 ? CE2 ? A TYR 136 CE2 
910  1 Y 1 A TYR 136 ? CZ  ? A TYR 136 CZ  
911  1 Y 1 A TYR 136 ? OH  ? A TYR 136 OH  
912  1 Y 1 A LYS 137 ? N   ? A LYS 137 N   
913  1 Y 1 A LYS 137 ? C   ? A LYS 137 C   
914  1 Y 1 A LYS 137 ? O   ? A LYS 137 O   
915  1 Y 1 A LYS 137 ? CB  ? A LYS 137 CB  
916  1 Y 1 A LYS 137 ? CG  ? A LYS 137 CG  
917  1 Y 1 A LYS 137 ? CD  ? A LYS 137 CD  
918  1 Y 1 A LYS 137 ? CE  ? A LYS 137 CE  
919  1 Y 1 A LYS 137 ? NZ  ? A LYS 137 NZ  
920  1 Y 1 A VAL 138 ? N   ? A VAL 138 N   
921  1 Y 1 A VAL 138 ? C   ? A VAL 138 C   
922  1 Y 1 A VAL 138 ? O   ? A VAL 138 O   
923  1 Y 1 A VAL 138 ? CB  ? A VAL 138 CB  
924  1 Y 1 A VAL 138 ? CG1 ? A VAL 138 CG1 
925  1 Y 1 A VAL 138 ? CG2 ? A VAL 138 CG2 
926  1 Y 1 A ALA 139 ? N   ? A ALA 139 N   
927  1 Y 1 A ALA 139 ? C   ? A ALA 139 C   
928  1 Y 1 A ALA 139 ? O   ? A ALA 139 O   
929  1 Y 1 A ALA 139 ? CB  ? A ALA 139 CB  
930  1 Y 1 A VAL 140 ? N   ? A VAL 140 N   
931  1 Y 1 A VAL 140 ? C   ? A VAL 140 C   
932  1 Y 1 A VAL 140 ? O   ? A VAL 140 O   
933  1 Y 1 A VAL 140 ? CB  ? A VAL 140 CB  
934  1 Y 1 A VAL 140 ? CG1 ? A VAL 140 CG1 
935  1 Y 1 A VAL 140 ? CG2 ? A VAL 140 CG2 
936  1 Y 1 A THR 141 ? N   ? A THR 141 N   
937  1 Y 1 A THR 141 ? C   ? A THR 141 C   
938  1 Y 1 A THR 141 ? O   ? A THR 141 O   
939  1 Y 1 A THR 141 ? CB  ? A THR 141 CB  
940  1 Y 1 A THR 141 ? OG1 ? A THR 141 OG1 
941  1 Y 1 A THR 141 ? CG2 ? A THR 141 CG2 
942  1 Y 1 A GLY 142 ? N   ? A GLY 142 N   
943  1 Y 1 A GLY 142 ? C   ? A GLY 142 C   
944  1 Y 1 A GLY 142 ? O   ? A GLY 142 O   
945  1 Y 1 A HIS 143 ? N   ? A HIS 143 N   
946  1 Y 1 A HIS 143 ? C   ? A HIS 143 C   
947  1 Y 1 A HIS 143 ? O   ? A HIS 143 O   
948  1 Y 1 A HIS 143 ? CB  ? A HIS 143 CB  
949  1 Y 1 A HIS 143 ? CG  ? A HIS 143 CG  
950  1 Y 1 A HIS 143 ? ND1 ? A HIS 143 ND1 
951  1 Y 1 A HIS 143 ? CD2 ? A HIS 143 CD2 
952  1 Y 1 A HIS 143 ? CE1 ? A HIS 143 CE1 
953  1 Y 1 A HIS 143 ? NE2 ? A HIS 143 NE2 
954  1 Y 1 A LEU 145 ? N   ? A LEU 145 N   
955  1 Y 1 A LEU 145 ? C   ? A LEU 145 C   
956  1 Y 1 A LEU 145 ? O   ? A LEU 145 O   
957  1 Y 1 A LEU 145 ? CB  ? A LEU 145 CB  
958  1 Y 1 A LEU 145 ? CG  ? A LEU 145 CG  
959  1 Y 1 A LEU 145 ? CD1 ? A LEU 145 CD1 
960  1 Y 1 A LEU 145 ? CD2 ? A LEU 145 CD2 
961  1 Y 1 A GLY 146 ? N   ? A GLY 146 N   
962  1 Y 1 A GLY 146 ? C   ? A GLY 146 C   
963  1 Y 1 A GLY 146 ? O   ? A GLY 146 O   
964  1 Y 1 A GLY 147 ? N   ? A GLY 147 N   
965  1 Y 1 A GLY 147 ? C   ? A GLY 147 C   
966  1 Y 1 A GLY 147 ? O   ? A GLY 147 O   
967  1 Y 1 A ALA 148 ? N   ? A ALA 148 N   
968  1 Y 1 A ALA 148 ? C   ? A ALA 148 C   
969  1 Y 1 A ALA 148 ? O   ? A ALA 148 O   
970  1 Y 1 A ALA 148 ? CB  ? A ALA 148 CB  
971  1 Y 1 A THR 149 ? N   ? A THR 149 N   
972  1 Y 1 A THR 149 ? C   ? A THR 149 C   
973  1 Y 1 A THR 149 ? O   ? A THR 149 O   
974  1 Y 1 A THR 149 ? CB  ? A THR 149 CB  
975  1 Y 1 A THR 149 ? OG1 ? A THR 149 OG1 
976  1 Y 1 A THR 149 ? CG2 ? A THR 149 CG2 
977  1 Y 1 A ALA 150 ? N   ? A ALA 150 N   
978  1 Y 1 A ALA 150 ? C   ? A ALA 150 C   
979  1 Y 1 A ALA 150 ? O   ? A ALA 150 O   
980  1 Y 1 A ALA 150 ? CB  ? A ALA 150 CB  
981  1 Y 1 A LEU 151 ? N   ? A LEU 151 N   
982  1 Y 1 A LEU 151 ? C   ? A LEU 151 C   
983  1 Y 1 A LEU 151 ? O   ? A LEU 151 O   
984  1 Y 1 A LEU 151 ? CB  ? A LEU 151 CB  
985  1 Y 1 A LEU 151 ? CG  ? A LEU 151 CG  
986  1 Y 1 A LEU 151 ? CD1 ? A LEU 151 CD1 
987  1 Y 1 A LEU 151 ? CD2 ? A LEU 151 CD2 
988  1 Y 1 A LEU 152 ? N   ? A LEU 152 N   
989  1 Y 1 A LEU 152 ? C   ? A LEU 152 C   
990  1 Y 1 A LEU 152 ? O   ? A LEU 152 O   
991  1 Y 1 A LEU 152 ? CB  ? A LEU 152 CB  
992  1 Y 1 A LEU 152 ? CG  ? A LEU 152 CG  
993  1 Y 1 A LEU 152 ? CD1 ? A LEU 152 CD1 
994  1 Y 1 A LEU 152 ? CD2 ? A LEU 152 CD2 
995  1 Y 1 A CYS 153 ? N   ? A CYS 153 N   
996  1 Y 1 A CYS 153 ? C   ? A CYS 153 C   
997  1 Y 1 A CYS 153 ? O   ? A CYS 153 O   
998  1 Y 1 A CYS 153 ? CB  ? A CYS 153 CB  
999  1 Y 1 A CYS 153 ? SG  ? A CYS 153 SG  
1000 1 Y 1 A ALA 154 ? N   ? A ALA 154 N   
1001 1 Y 1 A ALA 154 ? C   ? A ALA 154 C   
1002 1 Y 1 A ALA 154 ? O   ? A ALA 154 O   
1003 1 Y 1 A ALA 154 ? CB  ? A ALA 154 CB  
1004 1 Y 1 A LEU 155 ? N   ? A LEU 155 N   
1005 1 Y 1 A LEU 155 ? C   ? A LEU 155 C   
1006 1 Y 1 A LEU 155 ? O   ? A LEU 155 O   
1007 1 Y 1 A LEU 155 ? CB  ? A LEU 155 CB  
1008 1 Y 1 A LEU 155 ? CG  ? A LEU 155 CG  
1009 1 Y 1 A LEU 155 ? CD1 ? A LEU 155 CD1 
1010 1 Y 1 A LEU 155 ? CD2 ? A LEU 155 CD2 
1011 1 Y 1 A ASP 156 ? N   ? A ASP 156 N   
1012 1 Y 1 A ASP 156 ? C   ? A ASP 156 C   
1013 1 Y 1 A ASP 156 ? O   ? A ASP 156 O   
1014 1 Y 1 A ASP 156 ? CB  ? A ASP 156 CB  
1015 1 Y 1 A ASP 156 ? CG  ? A ASP 156 CG  
1016 1 Y 1 A ASP 156 ? OD1 ? A ASP 156 OD1 
1017 1 Y 1 A ASP 156 ? OD2 ? A ASP 156 OD2 
1018 1 Y 1 A LEU 157 ? N   ? A LEU 157 N   
1019 1 Y 1 A LEU 157 ? C   ? A LEU 157 C   
1020 1 Y 1 A LEU 157 ? O   ? A LEU 157 O   
1021 1 Y 1 A LEU 157 ? CB  ? A LEU 157 CB  
1022 1 Y 1 A LEU 157 ? CG  ? A LEU 157 CG  
1023 1 Y 1 A LEU 157 ? CD1 ? A LEU 157 CD1 
1024 1 Y 1 A LEU 157 ? CD2 ? A LEU 157 CD2 
1025 1 Y 1 A TYR 158 ? N   ? A TYR 158 N   
1026 1 Y 1 A TYR 158 ? C   ? A TYR 158 C   
1027 1 Y 1 A TYR 158 ? O   ? A TYR 158 O   
1028 1 Y 1 A TYR 158 ? CB  ? A TYR 158 CB  
1029 1 Y 1 A TYR 158 ? CG  ? A TYR 158 CG  
1030 1 Y 1 A TYR 158 ? CD1 ? A TYR 158 CD1 
1031 1 Y 1 A TYR 158 ? CD2 ? A TYR 158 CD2 
1032 1 Y 1 A TYR 158 ? CE1 ? A TYR 158 CE1 
1033 1 Y 1 A TYR 158 ? CE2 ? A TYR 158 CE2 
1034 1 Y 1 A TYR 158 ? CZ  ? A TYR 158 CZ  
1035 1 Y 1 A TYR 158 ? OH  ? A TYR 158 OH  
1036 1 Y 1 A GLN 159 ? N   ? A GLN 159 N   
1037 1 Y 1 A GLN 159 ? C   ? A GLN 159 C   
1038 1 Y 1 A GLN 159 ? O   ? A GLN 159 O   
1039 1 Y 1 A GLN 159 ? CB  ? A GLN 159 CB  
1040 1 Y 1 A GLN 159 ? CG  ? A GLN 159 CG  
1041 1 Y 1 A GLN 159 ? CD  ? A GLN 159 CD  
1042 1 Y 1 A GLN 159 ? OE1 ? A GLN 159 OE1 
1043 1 Y 1 A GLN 159 ? NE2 ? A GLN 159 NE2 
1044 1 Y 1 A ARG 160 ? N   ? A ARG 160 N   
1045 1 Y 1 A ARG 160 ? C   ? A ARG 160 C   
1046 1 Y 1 A ARG 160 ? O   ? A ARG 160 O   
1047 1 Y 1 A ARG 160 ? CB  ? A ARG 160 CB  
1048 1 Y 1 A ARG 160 ? CG  ? A ARG 160 CG  
1049 1 Y 1 A ARG 160 ? CD  ? A ARG 160 CD  
1050 1 Y 1 A ARG 160 ? NE  ? A ARG 160 NE  
1051 1 Y 1 A ARG 160 ? CZ  ? A ARG 160 CZ  
1052 1 Y 1 A ARG 160 ? NH1 ? A ARG 160 NH1 
1053 1 Y 1 A ARG 160 ? NH2 ? A ARG 160 NH2 
1054 1 Y 1 A GLU 161 ? N   ? A GLU 161 N   
1055 1 Y 1 A GLU 161 ? C   ? A GLU 161 C   
1056 1 Y 1 A GLU 161 ? O   ? A GLU 161 O   
1057 1 Y 1 A GLU 161 ? CB  ? A GLU 161 CB  
1058 1 Y 1 A GLU 161 ? CG  ? A GLU 161 CG  
1059 1 Y 1 A GLU 161 ? CD  ? A GLU 161 CD  
1060 1 Y 1 A GLU 161 ? OE1 ? A GLU 161 OE1 
1061 1 Y 1 A GLU 161 ? OE2 ? A GLU 161 OE2 
1062 1 Y 1 A GLU 162 ? N   ? A GLU 162 N   
1063 1 Y 1 A GLU 162 ? C   ? A GLU 162 C   
1064 1 Y 1 A GLU 162 ? O   ? A GLU 162 O   
1065 1 Y 1 A GLU 162 ? CB  ? A GLU 162 CB  
1066 1 Y 1 A GLU 162 ? CG  ? A GLU 162 CG  
1067 1 Y 1 A GLU 162 ? CD  ? A GLU 162 CD  
1068 1 Y 1 A GLU 162 ? OE1 ? A GLU 162 OE1 
1069 1 Y 1 A GLU 162 ? OE2 ? A GLU 162 OE2 
1070 1 Y 1 A GLY 163 ? N   ? A GLY 163 N   
1071 1 Y 1 A GLY 163 ? C   ? A GLY 163 C   
1072 1 Y 1 A GLY 163 ? O   ? A GLY 163 O   
1073 1 Y 1 A LEU 164 ? N   ? A LEU 164 N   
1074 1 Y 1 A LEU 164 ? C   ? A LEU 164 C   
1075 1 Y 1 A LEU 164 ? O   ? A LEU 164 O   
1076 1 Y 1 A LEU 164 ? CB  ? A LEU 164 CB  
1077 1 Y 1 A LEU 164 ? CG  ? A LEU 164 CG  
1078 1 Y 1 A LEU 164 ? CD1 ? A LEU 164 CD1 
1079 1 Y 1 A LEU 164 ? CD2 ? A LEU 164 CD2 
1080 1 Y 1 A SER 165 ? N   ? A SER 165 N   
1081 1 Y 1 A SER 165 ? C   ? A SER 165 C   
1082 1 Y 1 A SER 165 ? O   ? A SER 165 O   
1083 1 Y 1 A SER 165 ? CB  ? A SER 165 CB  
1084 1 Y 1 A SER 165 ? OG  ? A SER 165 OG  
1085 1 Y 1 A SER 166 ? N   ? A SER 166 N   
1086 1 Y 1 A SER 166 ? C   ? A SER 166 C   
1087 1 Y 1 A SER 166 ? O   ? A SER 166 O   
1088 1 Y 1 A SER 166 ? CB  ? A SER 166 CB  
1089 1 Y 1 A SER 166 ? OG  ? A SER 166 OG  
1090 1 Y 1 A SER 167 ? N   ? A SER 167 N   
1091 1 Y 1 A SER 167 ? C   ? A SER 167 C   
1092 1 Y 1 A SER 167 ? O   ? A SER 167 O   
1093 1 Y 1 A SER 167 ? CB  ? A SER 167 CB  
1094 1 Y 1 A SER 167 ? OG  ? A SER 167 OG  
1095 1 Y 1 A ASN 168 ? N   ? A ASN 168 N   
1096 1 Y 1 A ASN 168 ? C   ? A ASN 168 C   
1097 1 Y 1 A ASN 168 ? O   ? A ASN 168 O   
1098 1 Y 1 A ASN 168 ? CB  ? A ASN 168 CB  
1099 1 Y 1 A ASN 168 ? CG  ? A ASN 168 CG  
1100 1 Y 1 A ASN 168 ? OD1 ? A ASN 168 OD1 
1101 1 Y 1 A ASN 168 ? ND2 ? A ASN 168 ND2 
1102 1 Y 1 A LEU 169 ? N   ? A LEU 169 N   
1103 1 Y 1 A LEU 169 ? C   ? A LEU 169 C   
1104 1 Y 1 A LEU 169 ? O   ? A LEU 169 O   
1105 1 Y 1 A LEU 169 ? CB  ? A LEU 169 CB  
1106 1 Y 1 A LEU 169 ? CG  ? A LEU 169 CG  
1107 1 Y 1 A LEU 169 ? CD1 ? A LEU 169 CD1 
1108 1 Y 1 A LEU 169 ? CD2 ? A LEU 169 CD2 
1109 1 Y 1 A PHE 170 ? N   ? A PHE 170 N   
1110 1 Y 1 A PHE 170 ? C   ? A PHE 170 C   
1111 1 Y 1 A PHE 170 ? O   ? A PHE 170 O   
1112 1 Y 1 A PHE 170 ? CB  ? A PHE 170 CB  
1113 1 Y 1 A PHE 170 ? CG  ? A PHE 170 CG  
1114 1 Y 1 A PHE 170 ? CD1 ? A PHE 170 CD1 
1115 1 Y 1 A PHE 170 ? CD2 ? A PHE 170 CD2 
1116 1 Y 1 A PHE 170 ? CE1 ? A PHE 170 CE1 
1117 1 Y 1 A PHE 170 ? CE2 ? A PHE 170 CE2 
1118 1 Y 1 A PHE 170 ? CZ  ? A PHE 170 CZ  
1119 1 Y 1 A LEU 171 ? N   ? A LEU 171 N   
1120 1 Y 1 A LEU 171 ? C   ? A LEU 171 C   
1121 1 Y 1 A LEU 171 ? O   ? A LEU 171 O   
1122 1 Y 1 A LEU 171 ? CB  ? A LEU 171 CB  
1123 1 Y 1 A LEU 171 ? CG  ? A LEU 171 CG  
1124 1 Y 1 A LEU 171 ? CD1 ? A LEU 171 CD1 
1125 1 Y 1 A LEU 171 ? CD2 ? A LEU 171 CD2 
1126 1 Y 1 A TYR 172 ? N   ? A TYR 172 N   
1127 1 Y 1 A TYR 172 ? C   ? A TYR 172 C   
1128 1 Y 1 A TYR 172 ? O   ? A TYR 172 O   
1129 1 Y 1 A TYR 172 ? CB  ? A TYR 172 CB  
1130 1 Y 1 A TYR 172 ? CG  ? A TYR 172 CG  
1131 1 Y 1 A TYR 172 ? CD1 ? A TYR 172 CD1 
1132 1 Y 1 A TYR 172 ? CD2 ? A TYR 172 CD2 
1133 1 Y 1 A TYR 172 ? CE1 ? A TYR 172 CE1 
1134 1 Y 1 A TYR 172 ? CE2 ? A TYR 172 CE2 
1135 1 Y 1 A TYR 172 ? CZ  ? A TYR 172 CZ  
1136 1 Y 1 A TYR 172 ? OH  ? A TYR 172 OH  
1137 1 Y 1 A THR 173 ? N   ? A THR 173 N   
1138 1 Y 1 A THR 173 ? C   ? A THR 173 C   
1139 1 Y 1 A THR 173 ? O   ? A THR 173 O   
1140 1 Y 1 A THR 173 ? CB  ? A THR 173 CB  
1141 1 Y 1 A THR 173 ? OG1 ? A THR 173 OG1 
1142 1 Y 1 A THR 173 ? CG2 ? A THR 173 CG2 
1143 1 Y 1 A GLN 174 ? N   ? A GLN 174 N   
1144 1 Y 1 A GLN 174 ? C   ? A GLN 174 C   
1145 1 Y 1 A GLN 174 ? O   ? A GLN 174 O   
1146 1 Y 1 A GLN 174 ? CB  ? A GLN 174 CB  
1147 1 Y 1 A GLN 174 ? CG  ? A GLN 174 CG  
1148 1 Y 1 A GLN 174 ? CD  ? A GLN 174 CD  
1149 1 Y 1 A GLN 174 ? OE1 ? A GLN 174 OE1 
1150 1 Y 1 A GLN 174 ? NE2 ? A GLN 174 NE2 
1151 1 Y 1 A GLY 175 ? N   ? A GLY 175 N   
1152 1 Y 1 A GLY 175 ? C   ? A GLY 175 C   
1153 1 Y 1 A GLY 175 ? O   ? A GLY 175 O   
1154 1 Y 1 A GLN 176 ? N   ? A GLN 176 N   
1155 1 Y 1 A GLN 176 ? C   ? A GLN 176 C   
1156 1 Y 1 A GLN 176 ? O   ? A GLN 176 O   
1157 1 Y 1 A GLN 176 ? CB  ? A GLN 176 CB  
1158 1 Y 1 A GLN 176 ? CG  ? A GLN 176 CG  
1159 1 Y 1 A GLN 176 ? CD  ? A GLN 176 CD  
1160 1 Y 1 A GLN 176 ? OE1 ? A GLN 176 OE1 
1161 1 Y 1 A GLN 176 ? NE2 ? A GLN 176 NE2 
1162 1 Y 1 A PRO 177 ? N   ? A PRO 177 N   
1163 1 Y 1 A PRO 177 ? C   ? A PRO 177 C   
1164 1 Y 1 A PRO 177 ? O   ? A PRO 177 O   
1165 1 Y 1 A PRO 177 ? CB  ? A PRO 177 CB  
1166 1 Y 1 A PRO 177 ? CG  ? A PRO 177 CG  
1167 1 Y 1 A PRO 177 ? CD  ? A PRO 177 CD  
1168 1 Y 1 A ARG 178 ? N   ? A ARG 178 N   
1169 1 Y 1 A ARG 178 ? C   ? A ARG 178 C   
1170 1 Y 1 A ARG 178 ? O   ? A ARG 178 O   
1171 1 Y 1 A ARG 178 ? CB  ? A ARG 178 CB  
1172 1 Y 1 A ARG 178 ? CG  ? A ARG 178 CG  
1173 1 Y 1 A ARG 178 ? CD  ? A ARG 178 CD  
1174 1 Y 1 A ARG 178 ? NE  ? A ARG 178 NE  
1175 1 Y 1 A ARG 178 ? CZ  ? A ARG 178 CZ  
1176 1 Y 1 A ARG 178 ? NH1 ? A ARG 178 NH1 
1177 1 Y 1 A ARG 178 ? NH2 ? A ARG 178 NH2 
1178 1 Y 1 A VAL 179 ? N   ? A VAL 179 N   
1179 1 Y 1 A VAL 179 ? C   ? A VAL 179 C   
1180 1 Y 1 A VAL 179 ? O   ? A VAL 179 O   
1181 1 Y 1 A VAL 179 ? CB  ? A VAL 179 CB  
1182 1 Y 1 A VAL 179 ? CG1 ? A VAL 179 CG1 
1183 1 Y 1 A VAL 179 ? CG2 ? A VAL 179 CG2 
1184 1 Y 1 A GLY 180 ? N   ? A GLY 180 N   
1185 1 Y 1 A GLY 180 ? C   ? A GLY 180 C   
1186 1 Y 1 A GLY 180 ? O   ? A GLY 180 O   
1187 1 Y 1 A ASN 181 ? N   ? A ASN 181 N   
1188 1 Y 1 A ASN 181 ? C   ? A ASN 181 C   
1189 1 Y 1 A ASN 181 ? O   ? A ASN 181 O   
1190 1 Y 1 A ASN 181 ? CB  ? A ASN 181 CB  
1191 1 Y 1 A ASN 181 ? CG  ? A ASN 181 CG  
1192 1 Y 1 A ASN 181 ? OD1 ? A ASN 181 OD1 
1193 1 Y 1 A ASN 181 ? ND2 ? A ASN 181 ND2 
1194 1 Y 1 A PRO 182 ? N   ? A PRO 182 N   
1195 1 Y 1 A PRO 182 ? C   ? A PRO 182 C   
1196 1 Y 1 A PRO 182 ? O   ? A PRO 182 O   
1197 1 Y 1 A PRO 182 ? CB  ? A PRO 182 CB  
1198 1 Y 1 A PRO 182 ? CG  ? A PRO 182 CG  
1199 1 Y 1 A PRO 182 ? CD  ? A PRO 182 CD  
1200 1 Y 1 A ALA 183 ? N   ? A ALA 183 N   
1201 1 Y 1 A ALA 183 ? C   ? A ALA 183 C   
1202 1 Y 1 A ALA 183 ? O   ? A ALA 183 O   
1203 1 Y 1 A ALA 183 ? CB  ? A ALA 183 CB  
1204 1 Y 1 A PHE 184 ? N   ? A PHE 184 N   
1205 1 Y 1 A PHE 184 ? C   ? A PHE 184 C   
1206 1 Y 1 A PHE 184 ? O   ? A PHE 184 O   
1207 1 Y 1 A PHE 184 ? CB  ? A PHE 184 CB  
1208 1 Y 1 A PHE 184 ? CG  ? A PHE 184 CG  
1209 1 Y 1 A PHE 184 ? CD1 ? A PHE 184 CD1 
1210 1 Y 1 A PHE 184 ? CD2 ? A PHE 184 CD2 
1211 1 Y 1 A PHE 184 ? CE1 ? A PHE 184 CE1 
1212 1 Y 1 A PHE 184 ? CE2 ? A PHE 184 CE2 
1213 1 Y 1 A PHE 184 ? CZ  ? A PHE 184 CZ  
1214 1 Y 1 A ALA 185 ? N   ? A ALA 185 N   
1215 1 Y 1 A ALA 185 ? C   ? A ALA 185 C   
1216 1 Y 1 A ALA 185 ? O   ? A ALA 185 O   
1217 1 Y 1 A ALA 185 ? CB  ? A ALA 185 CB  
1218 1 Y 1 A ASN 186 ? N   ? A ASN 186 N   
1219 1 Y 1 A ASN 186 ? C   ? A ASN 186 C   
1220 1 Y 1 A ASN 186 ? O   ? A ASN 186 O   
1221 1 Y 1 A ASN 186 ? CB  ? A ASN 186 CB  
1222 1 Y 1 A ASN 186 ? CG  ? A ASN 186 CG  
1223 1 Y 1 A ASN 186 ? OD1 ? A ASN 186 OD1 
1224 1 Y 1 A ASN 186 ? ND2 ? A ASN 186 ND2 
1225 1 Y 1 A TYR 187 ? N   ? A TYR 187 N   
1226 1 Y 1 A TYR 187 ? C   ? A TYR 187 C   
1227 1 Y 1 A TYR 187 ? O   ? A TYR 187 O   
1228 1 Y 1 A TYR 187 ? CB  ? A TYR 187 CB  
1229 1 Y 1 A TYR 187 ? CG  ? A TYR 187 CG  
1230 1 Y 1 A TYR 187 ? CD1 ? A TYR 187 CD1 
1231 1 Y 1 A TYR 187 ? CD2 ? A TYR 187 CD2 
1232 1 Y 1 A TYR 187 ? CE1 ? A TYR 187 CE1 
1233 1 Y 1 A TYR 187 ? CE2 ? A TYR 187 CE2 
1234 1 Y 1 A TYR 187 ? CZ  ? A TYR 187 CZ  
1235 1 Y 1 A TYR 187 ? OH  ? A TYR 187 OH  
1236 1 Y 1 A VAL 188 ? N   ? A VAL 188 N   
1237 1 Y 1 A VAL 188 ? C   ? A VAL 188 C   
1238 1 Y 1 A VAL 188 ? O   ? A VAL 188 O   
1239 1 Y 1 A VAL 188 ? CB  ? A VAL 188 CB  
1240 1 Y 1 A VAL 188 ? CG1 ? A VAL 188 CG1 
1241 1 Y 1 A VAL 188 ? CG2 ? A VAL 188 CG2 
1242 1 Y 1 A VAL 189 ? N   ? A VAL 189 N   
1243 1 Y 1 A VAL 189 ? C   ? A VAL 189 C   
1244 1 Y 1 A VAL 189 ? O   ? A VAL 189 O   
1245 1 Y 1 A VAL 189 ? CB  ? A VAL 189 CB  
1246 1 Y 1 A VAL 189 ? CG1 ? A VAL 189 CG1 
1247 1 Y 1 A VAL 189 ? CG2 ? A VAL 189 CG2 
1248 1 Y 1 A SER 190 ? N   ? A SER 190 N   
1249 1 Y 1 A SER 190 ? C   ? A SER 190 C   
1250 1 Y 1 A SER 190 ? O   ? A SER 190 O   
1251 1 Y 1 A SER 190 ? CB  ? A SER 190 CB  
1252 1 Y 1 A SER 190 ? OG  ? A SER 190 OG  
1253 1 Y 1 A THR 191 ? N   ? A THR 191 N   
1254 1 Y 1 A THR 191 ? C   ? A THR 191 C   
1255 1 Y 1 A THR 191 ? O   ? A THR 191 O   
1256 1 Y 1 A THR 191 ? CB  ? A THR 191 CB  
1257 1 Y 1 A THR 191 ? OG1 ? A THR 191 OG1 
1258 1 Y 1 A THR 191 ? CG2 ? A THR 191 CG2 
1259 1 Y 1 A GLY 192 ? N   ? A GLY 192 N   
1260 1 Y 1 A GLY 192 ? C   ? A GLY 192 C   
1261 1 Y 1 A GLY 192 ? O   ? A GLY 192 O   
1262 1 Y 1 A ILE 193 ? N   ? A ILE 193 N   
1263 1 Y 1 A ILE 193 ? C   ? A ILE 193 C   
1264 1 Y 1 A ILE 193 ? O   ? A ILE 193 O   
1265 1 Y 1 A ILE 193 ? CB  ? A ILE 193 CB  
1266 1 Y 1 A ILE 193 ? CG1 ? A ILE 193 CG1 
1267 1 Y 1 A ILE 193 ? CG2 ? A ILE 193 CG2 
1268 1 Y 1 A ILE 193 ? CD1 ? A ILE 193 CD1 
1269 1 Y 1 A PRO 194 ? N   ? A PRO 194 N   
1270 1 Y 1 A PRO 194 ? C   ? A PRO 194 C   
1271 1 Y 1 A PRO 194 ? O   ? A PRO 194 O   
1272 1 Y 1 A PRO 194 ? CB  ? A PRO 194 CB  
1273 1 Y 1 A PRO 194 ? CG  ? A PRO 194 CG  
1274 1 Y 1 A PRO 194 ? CD  ? A PRO 194 CD  
1275 1 Y 1 A TYR 195 ? N   ? A TYR 195 N   
1276 1 Y 1 A TYR 195 ? C   ? A TYR 195 C   
1277 1 Y 1 A TYR 195 ? O   ? A TYR 195 O   
1278 1 Y 1 A TYR 195 ? CB  ? A TYR 195 CB  
1279 1 Y 1 A TYR 195 ? CG  ? A TYR 195 CG  
1280 1 Y 1 A TYR 195 ? CD1 ? A TYR 195 CD1 
1281 1 Y 1 A TYR 195 ? CD2 ? A TYR 195 CD2 
1282 1 Y 1 A TYR 195 ? CE1 ? A TYR 195 CE1 
1283 1 Y 1 A TYR 195 ? CE2 ? A TYR 195 CE2 
1284 1 Y 1 A TYR 195 ? CZ  ? A TYR 195 CZ  
1285 1 Y 1 A TYR 195 ? OH  ? A TYR 195 OH  
1286 1 Y 1 A ARG 196 ? N   ? A ARG 196 N   
1287 1 Y 1 A ARG 196 ? C   ? A ARG 196 C   
1288 1 Y 1 A ARG 196 ? O   ? A ARG 196 O   
1289 1 Y 1 A ARG 196 ? CB  ? A ARG 196 CB  
1290 1 Y 1 A ARG 196 ? CG  ? A ARG 196 CG  
1291 1 Y 1 A ARG 196 ? CD  ? A ARG 196 CD  
1292 1 Y 1 A ARG 196 ? NE  ? A ARG 196 NE  
1293 1 Y 1 A ARG 196 ? CZ  ? A ARG 196 CZ  
1294 1 Y 1 A ARG 196 ? NH1 ? A ARG 196 NH1 
1295 1 Y 1 A ARG 196 ? NH2 ? A ARG 196 NH2 
1296 1 Y 1 A ARG 197 ? N   ? A ARG 197 N   
1297 1 Y 1 A ARG 197 ? C   ? A ARG 197 C   
1298 1 Y 1 A ARG 197 ? O   ? A ARG 197 O   
1299 1 Y 1 A ARG 197 ? CB  ? A ARG 197 CB  
1300 1 Y 1 A ARG 197 ? CG  ? A ARG 197 CG  
1301 1 Y 1 A ARG 197 ? CD  ? A ARG 197 CD  
1302 1 Y 1 A ARG 197 ? NE  ? A ARG 197 NE  
1303 1 Y 1 A ARG 197 ? CZ  ? A ARG 197 CZ  
1304 1 Y 1 A ARG 197 ? NH1 ? A ARG 197 NH1 
1305 1 Y 1 A ARG 197 ? NH2 ? A ARG 197 NH2 
1306 1 Y 1 A THR 198 ? N   ? A THR 198 N   
1307 1 Y 1 A THR 198 ? C   ? A THR 198 C   
1308 1 Y 1 A THR 198 ? O   ? A THR 198 O   
1309 1 Y 1 A THR 198 ? CB  ? A THR 198 CB  
1310 1 Y 1 A THR 198 ? OG1 ? A THR 198 OG1 
1311 1 Y 1 A THR 198 ? CG2 ? A THR 198 CG2 
1312 1 Y 1 A VAL 199 ? N   ? A VAL 199 N   
1313 1 Y 1 A VAL 199 ? C   ? A VAL 199 C   
1314 1 Y 1 A VAL 199 ? O   ? A VAL 199 O   
1315 1 Y 1 A VAL 199 ? CB  ? A VAL 199 CB  
1316 1 Y 1 A VAL 199 ? CG1 ? A VAL 199 CG1 
1317 1 Y 1 A VAL 199 ? CG2 ? A VAL 199 CG2 
1318 1 Y 1 A ASN 200 ? N   ? A ASN 200 N   
1319 1 Y 1 A ASN 200 ? C   ? A ASN 200 C   
1320 1 Y 1 A ASN 200 ? O   ? A ASN 200 O   
1321 1 Y 1 A ASN 200 ? CB  ? A ASN 200 CB  
1322 1 Y 1 A ASN 200 ? CG  ? A ASN 200 CG  
1323 1 Y 1 A ASN 200 ? OD1 ? A ASN 200 OD1 
1324 1 Y 1 A ASN 200 ? ND2 ? A ASN 200 ND2 
1325 1 Y 1 A GLU 201 ? N   ? A GLU 201 N   
1326 1 Y 1 A GLU 201 ? C   ? A GLU 201 C   
1327 1 Y 1 A GLU 201 ? O   ? A GLU 201 O   
1328 1 Y 1 A GLU 201 ? CB  ? A GLU 201 CB  
1329 1 Y 1 A GLU 201 ? CG  ? A GLU 201 CG  
1330 1 Y 1 A GLU 201 ? CD  ? A GLU 201 CD  
1331 1 Y 1 A GLU 201 ? OE1 ? A GLU 201 OE1 
1332 1 Y 1 A GLU 201 ? OE2 ? A GLU 201 OE2 
1333 1 Y 1 A ARG 202 ? N   ? A ARG 202 N   
1334 1 Y 1 A ARG 202 ? C   ? A ARG 202 C   
1335 1 Y 1 A ARG 202 ? O   ? A ARG 202 O   
1336 1 Y 1 A ARG 202 ? CB  ? A ARG 202 CB  
1337 1 Y 1 A ARG 202 ? CG  ? A ARG 202 CG  
1338 1 Y 1 A ARG 202 ? CD  ? A ARG 202 CD  
1339 1 Y 1 A ARG 202 ? NE  ? A ARG 202 NE  
1340 1 Y 1 A ARG 202 ? CZ  ? A ARG 202 CZ  
1341 1 Y 1 A ARG 202 ? NH1 ? A ARG 202 NH1 
1342 1 Y 1 A ARG 202 ? NH2 ? A ARG 202 NH2 
1343 1 Y 1 A ILE 204 ? N   ? A ILE 204 N   
1344 1 Y 1 A ILE 204 ? C   ? A ILE 204 C   
1345 1 Y 1 A ILE 204 ? O   ? A ILE 204 O   
1346 1 Y 1 A ILE 204 ? CB  ? A ILE 204 CB  
1347 1 Y 1 A ILE 204 ? CG1 ? A ILE 204 CG1 
1348 1 Y 1 A ILE 204 ? CG2 ? A ILE 204 CG2 
1349 1 Y 1 A ILE 204 ? CD1 ? A ILE 204 CD1 
1350 1 Y 1 A VAL 205 ? N   ? A VAL 205 N   
1351 1 Y 1 A VAL 205 ? C   ? A VAL 205 C   
1352 1 Y 1 A VAL 205 ? O   ? A VAL 205 O   
1353 1 Y 1 A VAL 205 ? CB  ? A VAL 205 CB  
1354 1 Y 1 A VAL 205 ? CG1 ? A VAL 205 CG1 
1355 1 Y 1 A VAL 205 ? CG2 ? A VAL 205 CG2 
1356 1 Y 1 A PRO 206 ? N   ? A PRO 206 N   
1357 1 Y 1 A PRO 206 ? C   ? A PRO 206 C   
1358 1 Y 1 A PRO 206 ? O   ? A PRO 206 O   
1359 1 Y 1 A PRO 206 ? CB  ? A PRO 206 CB  
1360 1 Y 1 A PRO 206 ? CG  ? A PRO 206 CG  
1361 1 Y 1 A PRO 206 ? CD  ? A PRO 206 CD  
1362 1 Y 1 A HIS 207 ? N   ? A HIS 207 N   
1363 1 Y 1 A HIS 207 ? C   ? A HIS 207 C   
1364 1 Y 1 A HIS 207 ? O   ? A HIS 207 O   
1365 1 Y 1 A HIS 207 ? CB  ? A HIS 207 CB  
1366 1 Y 1 A HIS 207 ? CG  ? A HIS 207 CG  
1367 1 Y 1 A HIS 207 ? ND1 ? A HIS 207 ND1 
1368 1 Y 1 A HIS 207 ? CD2 ? A HIS 207 CD2 
1369 1 Y 1 A HIS 207 ? CE1 ? A HIS 207 CE1 
1370 1 Y 1 A HIS 207 ? NE2 ? A HIS 207 NE2 
1371 1 Y 1 A LEU 208 ? N   ? A LEU 208 N   
1372 1 Y 1 A LEU 208 ? C   ? A LEU 208 C   
1373 1 Y 1 A LEU 208 ? O   ? A LEU 208 O   
1374 1 Y 1 A LEU 208 ? CB  ? A LEU 208 CB  
1375 1 Y 1 A LEU 208 ? CG  ? A LEU 208 CG  
1376 1 Y 1 A LEU 208 ? CD1 ? A LEU 208 CD1 
1377 1 Y 1 A LEU 208 ? CD2 ? A LEU 208 CD2 
1378 1 Y 1 A PRO 209 ? N   ? A PRO 209 N   
1379 1 Y 1 A PRO 209 ? C   ? A PRO 209 C   
1380 1 Y 1 A PRO 209 ? O   ? A PRO 209 O   
1381 1 Y 1 A PRO 209 ? CB  ? A PRO 209 CB  
1382 1 Y 1 A PRO 209 ? CG  ? A PRO 209 CG  
1383 1 Y 1 A PRO 209 ? CD  ? A PRO 209 CD  
1384 1 Y 1 A PRO 210 ? N   ? A PRO 210 N   
1385 1 Y 1 A PRO 210 ? C   ? A PRO 210 C   
1386 1 Y 1 A PRO 210 ? O   ? A PRO 210 O   
1387 1 Y 1 A PRO 210 ? CB  ? A PRO 210 CB  
1388 1 Y 1 A PRO 210 ? CG  ? A PRO 210 CG  
1389 1 Y 1 A PRO 210 ? CD  ? A PRO 210 CD  
1390 1 Y 1 A ALA 211 ? N   ? A ALA 211 N   
1391 1 Y 1 A ALA 211 ? C   ? A ALA 211 C   
1392 1 Y 1 A ALA 211 ? O   ? A ALA 211 O   
1393 1 Y 1 A ALA 211 ? CB  ? A ALA 211 CB  
1394 1 Y 1 A ALA 212 ? N   ? A ALA 212 N   
1395 1 Y 1 A ALA 212 ? C   ? A ALA 212 C   
1396 1 Y 1 A ALA 212 ? O   ? A ALA 212 O   
1397 1 Y 1 A ALA 212 ? CB  ? A ALA 212 CB  
1398 1 Y 1 A PHE 213 ? N   ? A PHE 213 N   
1399 1 Y 1 A PHE 213 ? C   ? A PHE 213 C   
1400 1 Y 1 A PHE 213 ? O   ? A PHE 213 O   
1401 1 Y 1 A PHE 213 ? CB  ? A PHE 213 CB  
1402 1 Y 1 A PHE 213 ? CG  ? A PHE 213 CG  
1403 1 Y 1 A PHE 213 ? CD1 ? A PHE 213 CD1 
1404 1 Y 1 A PHE 213 ? CD2 ? A PHE 213 CD2 
1405 1 Y 1 A PHE 213 ? CE1 ? A PHE 213 CE1 
1406 1 Y 1 A PHE 213 ? CE2 ? A PHE 213 CE2 
1407 1 Y 1 A PHE 213 ? CZ  ? A PHE 213 CZ  
1408 1 Y 1 A GLY 214 ? N   ? A GLY 214 N   
1409 1 Y 1 A GLY 214 ? C   ? A GLY 214 C   
1410 1 Y 1 A GLY 214 ? O   ? A GLY 214 O   
1411 1 Y 1 A PHE 215 ? N   ? A PHE 215 N   
1412 1 Y 1 A PHE 215 ? C   ? A PHE 215 C   
1413 1 Y 1 A PHE 215 ? O   ? A PHE 215 O   
1414 1 Y 1 A PHE 215 ? CB  ? A PHE 215 CB  
1415 1 Y 1 A PHE 215 ? CG  ? A PHE 215 CG  
1416 1 Y 1 A PHE 215 ? CD1 ? A PHE 215 CD1 
1417 1 Y 1 A PHE 215 ? CD2 ? A PHE 215 CD2 
1418 1 Y 1 A PHE 215 ? CE1 ? A PHE 215 CE1 
1419 1 Y 1 A PHE 215 ? CE2 ? A PHE 215 CE2 
1420 1 Y 1 A PHE 215 ? CZ  ? A PHE 215 CZ  
1421 1 Y 1 A LEU 216 ? N   ? A LEU 216 N   
1422 1 Y 1 A LEU 216 ? C   ? A LEU 216 C   
1423 1 Y 1 A LEU 216 ? O   ? A LEU 216 O   
1424 1 Y 1 A LEU 216 ? CB  ? A LEU 216 CB  
1425 1 Y 1 A LEU 216 ? CG  ? A LEU 216 CG  
1426 1 Y 1 A LEU 216 ? CD1 ? A LEU 216 CD1 
1427 1 Y 1 A LEU 216 ? CD2 ? A LEU 216 CD2 
1428 1 Y 1 A HIS 217 ? N   ? A HIS 217 N   
1429 1 Y 1 A HIS 217 ? C   ? A HIS 217 C   
1430 1 Y 1 A HIS 217 ? O   ? A HIS 217 O   
1431 1 Y 1 A HIS 217 ? CB  ? A HIS 217 CB  
1432 1 Y 1 A HIS 217 ? CG  ? A HIS 217 CG  
1433 1 Y 1 A HIS 217 ? ND1 ? A HIS 217 ND1 
1434 1 Y 1 A HIS 217 ? CD2 ? A HIS 217 CD2 
1435 1 Y 1 A HIS 217 ? CE1 ? A HIS 217 CE1 
1436 1 Y 1 A HIS 217 ? NE2 ? A HIS 217 NE2 
1437 1 Y 1 A ALA 218 ? N   ? A ALA 218 N   
1438 1 Y 1 A ALA 218 ? C   ? A ALA 218 C   
1439 1 Y 1 A ALA 218 ? O   ? A ALA 218 O   
1440 1 Y 1 A ALA 218 ? CB  ? A ALA 218 CB  
1441 1 Y 1 A GLY 219 ? N   ? A GLY 219 N   
1442 1 Y 1 A GLY 219 ? C   ? A GLY 219 C   
1443 1 Y 1 A GLY 219 ? O   ? A GLY 219 O   
1444 1 Y 1 A SER 220 ? N   ? A SER 220 N   
1445 1 Y 1 A SER 220 ? C   ? A SER 220 C   
1446 1 Y 1 A SER 220 ? O   ? A SER 220 O   
1447 1 Y 1 A SER 220 ? CB  ? A SER 220 CB  
1448 1 Y 1 A SER 220 ? OG  ? A SER 220 OG  
1449 1 Y 1 A GLU 221 ? N   ? A GLU 221 N   
1450 1 Y 1 A GLU 221 ? C   ? A GLU 221 C   
1451 1 Y 1 A GLU 221 ? O   ? A GLU 221 O   
1452 1 Y 1 A GLU 221 ? CB  ? A GLU 221 CB  
1453 1 Y 1 A GLU 221 ? CG  ? A GLU 221 CG  
1454 1 Y 1 A GLU 221 ? CD  ? A GLU 221 CD  
1455 1 Y 1 A GLU 221 ? OE1 ? A GLU 221 OE1 
1456 1 Y 1 A GLU 221 ? OE2 ? A GLU 221 OE2 
1457 1 Y 1 A TYR 222 ? N   ? A TYR 222 N   
1458 1 Y 1 A TYR 222 ? C   ? A TYR 222 C   
1459 1 Y 1 A TYR 222 ? O   ? A TYR 222 O   
1460 1 Y 1 A TYR 222 ? CB  ? A TYR 222 CB  
1461 1 Y 1 A TYR 222 ? CG  ? A TYR 222 CG  
1462 1 Y 1 A TYR 222 ? CD1 ? A TYR 222 CD1 
1463 1 Y 1 A TYR 222 ? CD2 ? A TYR 222 CD2 
1464 1 Y 1 A TYR 222 ? CE1 ? A TYR 222 CE1 
1465 1 Y 1 A TYR 222 ? CE2 ? A TYR 222 CE2 
1466 1 Y 1 A TYR 222 ? CZ  ? A TYR 222 CZ  
1467 1 Y 1 A TYR 222 ? OH  ? A TYR 222 OH  
1468 1 Y 1 A TRP 223 ? N   ? A TRP 223 N   
1469 1 Y 1 A TRP 223 ? C   ? A TRP 223 C   
1470 1 Y 1 A TRP 223 ? O   ? A TRP 223 O   
1471 1 Y 1 A TRP 223 ? CB  ? A TRP 223 CB  
1472 1 Y 1 A TRP 223 ? CG  ? A TRP 223 CG  
1473 1 Y 1 A TRP 223 ? CD1 ? A TRP 223 CD1 
1474 1 Y 1 A TRP 223 ? CD2 ? A TRP 223 CD2 
1475 1 Y 1 A TRP 223 ? NE1 ? A TRP 223 NE1 
1476 1 Y 1 A TRP 223 ? CE2 ? A TRP 223 CE2 
1477 1 Y 1 A TRP 223 ? CE3 ? A TRP 223 CE3 
1478 1 Y 1 A TRP 223 ? CZ2 ? A TRP 223 CZ2 
1479 1 Y 1 A TRP 223 ? CZ3 ? A TRP 223 CZ3 
1480 1 Y 1 A TRP 223 ? CH2 ? A TRP 223 CH2 
1481 1 Y 1 A ILE 224 ? N   ? A ILE 224 N   
1482 1 Y 1 A ILE 224 ? C   ? A ILE 224 C   
1483 1 Y 1 A ILE 224 ? O   ? A ILE 224 O   
1484 1 Y 1 A ILE 224 ? CB  ? A ILE 224 CB  
1485 1 Y 1 A ILE 224 ? CG1 ? A ILE 224 CG1 
1486 1 Y 1 A ILE 224 ? CG2 ? A ILE 224 CG2 
1487 1 Y 1 A ILE 224 ? CD1 ? A ILE 224 CD1 
1488 1 Y 1 A THR 225 ? N   ? A THR 225 N   
1489 1 Y 1 A THR 225 ? C   ? A THR 225 C   
1490 1 Y 1 A THR 225 ? O   ? A THR 225 O   
1491 1 Y 1 A THR 225 ? CB  ? A THR 225 CB  
1492 1 Y 1 A THR 225 ? OG1 ? A THR 225 OG1 
1493 1 Y 1 A THR 225 ? CG2 ? A THR 225 CG2 
1494 1 Y 1 A ASP 226 ? N   ? A ASP 226 N   
1495 1 Y 1 A ASP 226 ? C   ? A ASP 226 C   
1496 1 Y 1 A ASP 226 ? O   ? A ASP 226 O   
1497 1 Y 1 A ASP 226 ? CB  ? A ASP 226 CB  
1498 1 Y 1 A ASP 226 ? CG  ? A ASP 226 CG  
1499 1 Y 1 A ASP 226 ? OD1 ? A ASP 226 OD1 
1500 1 Y 1 A ASP 226 ? OD2 ? A ASP 226 OD2 
1501 1 Y 1 A ASN 227 ? N   ? A ASN 227 N   
1502 1 Y 1 A ASN 227 ? C   ? A ASN 227 C   
1503 1 Y 1 A ASN 227 ? O   ? A ASN 227 O   
1504 1 Y 1 A ASN 227 ? CB  ? A ASN 227 CB  
1505 1 Y 1 A ASN 227 ? CG  ? A ASN 227 CG  
1506 1 Y 1 A ASN 227 ? OD1 ? A ASN 227 OD1 
1507 1 Y 1 A ASN 227 ? ND2 ? A ASN 227 ND2 
1508 1 Y 1 A SER 228 ? N   ? A SER 228 N   
1509 1 Y 1 A SER 228 ? C   ? A SER 228 C   
1510 1 Y 1 A SER 228 ? O   ? A SER 228 O   
1511 1 Y 1 A SER 228 ? CB  ? A SER 228 CB  
1512 1 Y 1 A SER 228 ? OG  ? A SER 228 OG  
1513 1 Y 1 A PRO 229 ? N   ? A PRO 229 N   
1514 1 Y 1 A PRO 229 ? C   ? A PRO 229 C   
1515 1 Y 1 A PRO 229 ? O   ? A PRO 229 O   
1516 1 Y 1 A PRO 229 ? CB  ? A PRO 229 CB  
1517 1 Y 1 A PRO 229 ? CG  ? A PRO 229 CG  
1518 1 Y 1 A PRO 229 ? CD  ? A PRO 229 CD  
1519 1 Y 1 A GLU 230 ? N   ? A GLU 230 N   
1520 1 Y 1 A GLU 230 ? C   ? A GLU 230 C   
1521 1 Y 1 A GLU 230 ? O   ? A GLU 230 O   
1522 1 Y 1 A GLU 230 ? CB  ? A GLU 230 CB  
1523 1 Y 1 A GLU 230 ? CG  ? A GLU 230 CG  
1524 1 Y 1 A GLU 230 ? CD  ? A GLU 230 CD  
1525 1 Y 1 A GLU 230 ? OE1 ? A GLU 230 OE1 
1526 1 Y 1 A GLU 230 ? OE2 ? A GLU 230 OE2 
1527 1 Y 1 A THR 231 ? N   ? A THR 231 N   
1528 1 Y 1 A THR 231 ? C   ? A THR 231 C   
1529 1 Y 1 A THR 231 ? O   ? A THR 231 O   
1530 1 Y 1 A THR 231 ? CB  ? A THR 231 CB  
1531 1 Y 1 A THR 231 ? OG1 ? A THR 231 OG1 
1532 1 Y 1 A THR 231 ? CG2 ? A THR 231 CG2 
1533 1 Y 1 A VAL 232 ? N   ? A VAL 232 N   
1534 1 Y 1 A VAL 232 ? C   ? A VAL 232 C   
1535 1 Y 1 A VAL 232 ? O   ? A VAL 232 O   
1536 1 Y 1 A VAL 232 ? CB  ? A VAL 232 CB  
1537 1 Y 1 A VAL 232 ? CG1 ? A VAL 232 CG1 
1538 1 Y 1 A VAL 232 ? CG2 ? A VAL 232 CG2 
1539 1 Y 1 A GLN 233 ? N   ? A GLN 233 N   
1540 1 Y 1 A GLN 233 ? C   ? A GLN 233 C   
1541 1 Y 1 A GLN 233 ? O   ? A GLN 233 O   
1542 1 Y 1 A GLN 233 ? CB  ? A GLN 233 CB  
1543 1 Y 1 A GLN 233 ? CG  ? A GLN 233 CG  
1544 1 Y 1 A GLN 233 ? CD  ? A GLN 233 CD  
1545 1 Y 1 A GLN 233 ? OE1 ? A GLN 233 OE1 
1546 1 Y 1 A GLN 233 ? NE2 ? A GLN 233 NE2 
1547 1 Y 1 A VAL 234 ? N   ? A VAL 234 N   
1548 1 Y 1 A VAL 234 ? C   ? A VAL 234 C   
1549 1 Y 1 A VAL 234 ? O   ? A VAL 234 O   
1550 1 Y 1 A VAL 234 ? CB  ? A VAL 234 CB  
1551 1 Y 1 A VAL 234 ? CG1 ? A VAL 234 CG1 
1552 1 Y 1 A VAL 234 ? CG2 ? A VAL 234 CG2 
1553 1 Y 1 A CYS 235 ? N   ? A CYS 235 N   
1554 1 Y 1 A CYS 235 ? C   ? A CYS 235 C   
1555 1 Y 1 A CYS 235 ? O   ? A CYS 235 O   
1556 1 Y 1 A CYS 235 ? CB  ? A CYS 235 CB  
1557 1 Y 1 A CYS 235 ? SG  ? A CYS 235 SG  
1558 1 Y 1 A THR 236 ? N   ? A THR 236 N   
1559 1 Y 1 A THR 236 ? C   ? A THR 236 C   
1560 1 Y 1 A THR 236 ? O   ? A THR 236 O   
1561 1 Y 1 A THR 236 ? CB  ? A THR 236 CB  
1562 1 Y 1 A THR 236 ? OG1 ? A THR 236 OG1 
1563 1 Y 1 A THR 236 ? CG2 ? A THR 236 CG2 
1564 1 Y 1 A SER 237 ? N   ? A SER 237 N   
1565 1 Y 1 A SER 237 ? C   ? A SER 237 C   
1566 1 Y 1 A SER 237 ? O   ? A SER 237 O   
1567 1 Y 1 A SER 237 ? CB  ? A SER 237 CB  
1568 1 Y 1 A SER 237 ? OG  ? A SER 237 OG  
1569 1 Y 1 A ASP 238 ? N   ? A ASP 238 N   
1570 1 Y 1 A ASP 238 ? C   ? A ASP 238 C   
1571 1 Y 1 A ASP 238 ? O   ? A ASP 238 O   
1572 1 Y 1 A ASP 238 ? CB  ? A ASP 238 CB  
1573 1 Y 1 A ASP 238 ? CG  ? A ASP 238 CG  
1574 1 Y 1 A ASP 238 ? OD1 ? A ASP 238 OD1 
1575 1 Y 1 A ASP 238 ? OD2 ? A ASP 238 OD2 
1576 1 Y 1 A LEU 239 ? N   ? A LEU 239 N   
1577 1 Y 1 A LEU 239 ? C   ? A LEU 239 C   
1578 1 Y 1 A LEU 239 ? O   ? A LEU 239 O   
1579 1 Y 1 A LEU 239 ? CB  ? A LEU 239 CB  
1580 1 Y 1 A LEU 239 ? CG  ? A LEU 239 CG  
1581 1 Y 1 A LEU 239 ? CD1 ? A LEU 239 CD1 
1582 1 Y 1 A LEU 239 ? CD2 ? A LEU 239 CD2 
1583 1 Y 1 A GLU 240 ? N   ? A GLU 240 N   
1584 1 Y 1 A GLU 240 ? C   ? A GLU 240 C   
1585 1 Y 1 A GLU 240 ? O   ? A GLU 240 O   
1586 1 Y 1 A GLU 240 ? CB  ? A GLU 240 CB  
1587 1 Y 1 A GLU 240 ? CG  ? A GLU 240 CG  
1588 1 Y 1 A GLU 240 ? CD  ? A GLU 240 CD  
1589 1 Y 1 A GLU 240 ? OE1 ? A GLU 240 OE1 
1590 1 Y 1 A GLU 240 ? OE2 ? A GLU 240 OE2 
1591 1 Y 1 A THR 241 ? N   ? A THR 241 N   
1592 1 Y 1 A THR 241 ? C   ? A THR 241 C   
1593 1 Y 1 A THR 241 ? O   ? A THR 241 O   
1594 1 Y 1 A THR 241 ? CB  ? A THR 241 CB  
1595 1 Y 1 A THR 241 ? OG1 ? A THR 241 OG1 
1596 1 Y 1 A THR 241 ? CG2 ? A THR 241 CG2 
1597 1 Y 1 A SER 242 ? N   ? A SER 242 N   
1598 1 Y 1 A SER 242 ? C   ? A SER 242 C   
1599 1 Y 1 A SER 242 ? O   ? A SER 242 O   
1600 1 Y 1 A SER 242 ? CB  ? A SER 242 CB  
1601 1 Y 1 A SER 242 ? OG  ? A SER 242 OG  
1602 1 Y 1 A ASP 243 ? N   ? A ASP 243 N   
1603 1 Y 1 A ASP 243 ? C   ? A ASP 243 C   
1604 1 Y 1 A ASP 243 ? O   ? A ASP 243 O   
1605 1 Y 1 A ASP 243 ? CB  ? A ASP 243 CB  
1606 1 Y 1 A ASP 243 ? CG  ? A ASP 243 CG  
1607 1 Y 1 A ASP 243 ? OD1 ? A ASP 243 OD1 
1608 1 Y 1 A ASP 243 ? OD2 ? A ASP 243 OD2 
1609 1 Y 1 A CYS 244 ? N   ? A CYS 244 N   
1610 1 Y 1 A CYS 244 ? C   ? A CYS 244 C   
1611 1 Y 1 A CYS 244 ? O   ? A CYS 244 O   
1612 1 Y 1 A CYS 244 ? CB  ? A CYS 244 CB  
1613 1 Y 1 A CYS 244 ? SG  ? A CYS 244 SG  
1614 1 Y 1 A SER 245 ? N   ? A SER 245 N   
1615 1 Y 1 A SER 245 ? C   ? A SER 245 C   
1616 1 Y 1 A SER 245 ? O   ? A SER 245 O   
1617 1 Y 1 A SER 245 ? CB  ? A SER 245 CB  
1618 1 Y 1 A SER 245 ? OG  ? A SER 245 OG  
1619 1 Y 1 A ASN 246 ? N   ? A ASN 246 N   
1620 1 Y 1 A ASN 246 ? C   ? A ASN 246 C   
1621 1 Y 1 A ASN 246 ? O   ? A ASN 246 O   
1622 1 Y 1 A ASN 246 ? CB  ? A ASN 246 CB  
1623 1 Y 1 A ASN 246 ? CG  ? A ASN 246 CG  
1624 1 Y 1 A ASN 246 ? OD1 ? A ASN 246 OD1 
1625 1 Y 1 A ASN 246 ? ND2 ? A ASN 246 ND2 
1626 1 Y 1 A SER 247 ? N   ? A SER 247 N   
1627 1 Y 1 A SER 247 ? C   ? A SER 247 C   
1628 1 Y 1 A SER 247 ? O   ? A SER 247 O   
1629 1 Y 1 A SER 247 ? CB  ? A SER 247 CB  
1630 1 Y 1 A SER 247 ? OG  ? A SER 247 OG  
1631 1 Y 1 A ILE 248 ? N   ? A ILE 248 N   
1632 1 Y 1 A ILE 248 ? C   ? A ILE 248 C   
1633 1 Y 1 A ILE 248 ? O   ? A ILE 248 O   
1634 1 Y 1 A ILE 248 ? CB  ? A ILE 248 CB  
1635 1 Y 1 A ILE 248 ? CG1 ? A ILE 248 CG1 
1636 1 Y 1 A ILE 248 ? CG2 ? A ILE 248 CG2 
1637 1 Y 1 A ILE 248 ? CD1 ? A ILE 248 CD1 
1638 1 Y 1 A VAL 249 ? N   ? A VAL 249 N   
1639 1 Y 1 A VAL 249 ? C   ? A VAL 249 C   
1640 1 Y 1 A VAL 249 ? O   ? A VAL 249 O   
1641 1 Y 1 A VAL 249 ? CB  ? A VAL 249 CB  
1642 1 Y 1 A VAL 249 ? CG1 ? A VAL 249 CG1 
1643 1 Y 1 A VAL 249 ? CG2 ? A VAL 249 CG2 
1644 1 Y 1 A PRO 250 ? N   ? A PRO 250 N   
1645 1 Y 1 A PRO 250 ? C   ? A PRO 250 C   
1646 1 Y 1 A PRO 250 ? O   ? A PRO 250 O   
1647 1 Y 1 A PRO 250 ? CB  ? A PRO 250 CB  
1648 1 Y 1 A PRO 250 ? CG  ? A PRO 250 CG  
1649 1 Y 1 A PRO 250 ? CD  ? A PRO 250 CD  
1650 1 Y 1 A PHE 251 ? N   ? A PHE 251 N   
1651 1 Y 1 A PHE 251 ? C   ? A PHE 251 C   
1652 1 Y 1 A PHE 251 ? O   ? A PHE 251 O   
1653 1 Y 1 A PHE 251 ? CB  ? A PHE 251 CB  
1654 1 Y 1 A PHE 251 ? CG  ? A PHE 251 CG  
1655 1 Y 1 A PHE 251 ? CD1 ? A PHE 251 CD1 
1656 1 Y 1 A PHE 251 ? CD2 ? A PHE 251 CD2 
1657 1 Y 1 A PHE 251 ? CE1 ? A PHE 251 CE1 
1658 1 Y 1 A PHE 251 ? CE2 ? A PHE 251 CE2 
1659 1 Y 1 A PHE 251 ? CZ  ? A PHE 251 CZ  
1660 1 Y 1 A THR 252 ? N   ? A THR 252 N   
1661 1 Y 1 A THR 252 ? C   ? A THR 252 C   
1662 1 Y 1 A THR 252 ? O   ? A THR 252 O   
1663 1 Y 1 A THR 252 ? CB  ? A THR 252 CB  
1664 1 Y 1 A THR 252 ? OG1 ? A THR 252 OG1 
1665 1 Y 1 A THR 252 ? CG2 ? A THR 252 CG2 
1666 1 Y 1 A SER 253 ? N   ? A SER 253 N   
1667 1 Y 1 A SER 253 ? C   ? A SER 253 C   
1668 1 Y 1 A SER 253 ? O   ? A SER 253 O   
1669 1 Y 1 A SER 253 ? CB  ? A SER 253 CB  
1670 1 Y 1 A SER 253 ? OG  ? A SER 253 OG  
1671 1 Y 1 A VAL 254 ? N   ? A VAL 254 N   
1672 1 Y 1 A VAL 254 ? C   ? A VAL 254 C   
1673 1 Y 1 A VAL 254 ? O   ? A VAL 254 O   
1674 1 Y 1 A VAL 254 ? CB  ? A VAL 254 CB  
1675 1 Y 1 A VAL 254 ? CG1 ? A VAL 254 CG1 
1676 1 Y 1 A VAL 254 ? CG2 ? A VAL 254 CG2 
1677 1 Y 1 A LEU 255 ? N   ? A LEU 255 N   
1678 1 Y 1 A LEU 255 ? C   ? A LEU 255 C   
1679 1 Y 1 A LEU 255 ? O   ? A LEU 255 O   
1680 1 Y 1 A LEU 255 ? CB  ? A LEU 255 CB  
1681 1 Y 1 A LEU 255 ? CG  ? A LEU 255 CG  
1682 1 Y 1 A LEU 255 ? CD1 ? A LEU 255 CD1 
1683 1 Y 1 A LEU 255 ? CD2 ? A LEU 255 CD2 
1684 1 Y 1 A ASP 256 ? N   ? A ASP 256 N   
1685 1 Y 1 A ASP 256 ? C   ? A ASP 256 C   
1686 1 Y 1 A ASP 256 ? O   ? A ASP 256 O   
1687 1 Y 1 A ASP 256 ? CB  ? A ASP 256 CB  
1688 1 Y 1 A ASP 256 ? CG  ? A ASP 256 CG  
1689 1 Y 1 A ASP 256 ? OD1 ? A ASP 256 OD1 
1690 1 Y 1 A ASP 256 ? OD2 ? A ASP 256 OD2 
1691 1 Y 1 A LEU 258 ? N   ? A LEU 258 N   
1692 1 Y 1 A LEU 258 ? C   ? A LEU 258 C   
1693 1 Y 1 A LEU 258 ? O   ? A LEU 258 O   
1694 1 Y 1 A LEU 258 ? CB  ? A LEU 258 CB  
1695 1 Y 1 A LEU 258 ? CG  ? A LEU 258 CG  
1696 1 Y 1 A LEU 258 ? CD1 ? A LEU 258 CD1 
1697 1 Y 1 A LEU 258 ? CD2 ? A LEU 258 CD2 
1698 1 Y 1 A SER 259 ? N   ? A SER 259 N   
1699 1 Y 1 A SER 259 ? C   ? A SER 259 C   
1700 1 Y 1 A SER 259 ? O   ? A SER 259 O   
1701 1 Y 1 A SER 259 ? CB  ? A SER 259 CB  
1702 1 Y 1 A SER 259 ? OG  ? A SER 259 OG  
1703 1 Y 1 A TYR 260 ? N   ? A TYR 260 N   
1704 1 Y 1 A TYR 260 ? C   ? A TYR 260 C   
1705 1 Y 1 A TYR 260 ? O   ? A TYR 260 O   
1706 1 Y 1 A TYR 260 ? CB  ? A TYR 260 CB  
1707 1 Y 1 A TYR 260 ? CG  ? A TYR 260 CG  
1708 1 Y 1 A TYR 260 ? CD1 ? A TYR 260 CD1 
1709 1 Y 1 A TYR 260 ? CD2 ? A TYR 260 CD2 
1710 1 Y 1 A TYR 260 ? CE1 ? A TYR 260 CE1 
1711 1 Y 1 A TYR 260 ? CE2 ? A TYR 260 CE2 
1712 1 Y 1 A TYR 260 ? CZ  ? A TYR 260 CZ  
1713 1 Y 1 A TYR 260 ? OH  ? A TYR 260 OH  
1714 1 Y 1 A PHE 261 ? N   ? A PHE 261 N   
1715 1 Y 1 A PHE 261 ? C   ? A PHE 261 C   
1716 1 Y 1 A PHE 261 ? O   ? A PHE 261 O   
1717 1 Y 1 A PHE 261 ? CB  ? A PHE 261 CB  
1718 1 Y 1 A PHE 261 ? CG  ? A PHE 261 CG  
1719 1 Y 1 A PHE 261 ? CD1 ? A PHE 261 CD1 
1720 1 Y 1 A PHE 261 ? CD2 ? A PHE 261 CD2 
1721 1 Y 1 A PHE 261 ? CE1 ? A PHE 261 CE1 
1722 1 Y 1 A PHE 261 ? CE2 ? A PHE 261 CE2 
1723 1 Y 1 A PHE 261 ? CZ  ? A PHE 261 CZ  
1724 1 Y 1 A GLY 262 ? N   ? A GLY 262 N   
1725 1 Y 1 A GLY 262 ? C   ? A GLY 262 C   
1726 1 Y 1 A GLY 262 ? O   ? A GLY 262 O   
1727 1 Y 1 A ILE 263 ? N   ? A ILE 263 N   
1728 1 Y 1 A ILE 263 ? C   ? A ILE 263 C   
1729 1 Y 1 A ILE 263 ? O   ? A ILE 263 O   
1730 1 Y 1 A ILE 263 ? CB  ? A ILE 263 CB  
1731 1 Y 1 A ILE 263 ? CG1 ? A ILE 263 CG1 
1732 1 Y 1 A ILE 263 ? CG2 ? A ILE 263 CG2 
1733 1 Y 1 A ILE 263 ? CD1 ? A ILE 263 CD1 
1734 1 Y 1 A ASN 264 ? N   ? A ASN 264 N   
1735 1 Y 1 A ASN 264 ? C   ? A ASN 264 C   
1736 1 Y 1 A ASN 264 ? O   ? A ASN 264 O   
1737 1 Y 1 A ASN 264 ? CB  ? A ASN 264 CB  
1738 1 Y 1 A ASN 264 ? CG  ? A ASN 264 CG  
1739 1 Y 1 A ASN 264 ? OD1 ? A ASN 264 OD1 
1740 1 Y 1 A ASN 264 ? ND2 ? A ASN 264 ND2 
1741 1 Y 1 A THR 265 ? N   ? A THR 265 N   
1742 1 Y 1 A THR 265 ? C   ? A THR 265 C   
1743 1 Y 1 A THR 265 ? O   ? A THR 265 O   
1744 1 Y 1 A THR 265 ? CB  ? A THR 265 CB  
1745 1 Y 1 A THR 265 ? OG1 ? A THR 265 OG1 
1746 1 Y 1 A THR 265 ? CG2 ? A THR 265 CG2 
1747 1 Y 1 A GLY 266 ? N   ? A GLY 266 N   
1748 1 Y 1 A GLY 266 ? C   ? A GLY 266 C   
1749 1 Y 1 A GLY 266 ? O   ? A GLY 266 O   
1750 1 Y 1 A LEU 267 ? N   ? A LEU 267 N   
1751 1 Y 1 A LEU 267 ? C   ? A LEU 267 C   
1752 1 Y 1 A LEU 267 ? O   ? A LEU 267 O   
1753 1 Y 1 A LEU 267 ? CB  ? A LEU 267 CB  
1754 1 Y 1 A LEU 267 ? CG  ? A LEU 267 CG  
1755 1 Y 1 A LEU 267 ? CD1 ? A LEU 267 CD1 
1756 1 Y 1 A LEU 267 ? CD2 ? A LEU 267 CD2 
1757 1 Y 1 A CYS 268 ? N   ? A CYS 268 N   
1758 1 Y 1 A CYS 268 ? C   ? A CYS 268 C   
1759 1 Y 1 A CYS 268 ? O   ? A CYS 268 O   
1760 1 Y 1 A CYS 268 ? CB  ? A CYS 268 CB  
1761 1 Y 1 A CYS 268 ? SG  ? A CYS 268 SG  
1762 1 Y 1 A THR 269 ? N   ? A THR 269 N   
1763 1 Y 1 A THR 269 ? C   ? A THR 269 C   
1764 1 Y 1 A THR 269 ? O   ? A THR 269 O   
1765 1 Y 1 A THR 269 ? CB  ? A THR 269 CB  
1766 1 Y 1 A THR 269 ? OG1 ? A THR 269 OG1 
1767 1 Y 1 A THR 269 ? CG2 ? A THR 269 CG2 
1768 1 N 1 A HEE 270 ? O1P ? B HEE 1   O1P 
# 
loop_
_software.name 
_software.classification 
_software.version 
_software.citation_id 
_software.pdbx_ordinal 
X-PLOR 'model building' . ? 1 
PROLSQ refinement       . ? 2 
X-PLOR refinement       . ? 3 
X-PLOR phasing          . ? 4 
# 
_cell.entry_id           5TGL 
_cell.length_a           48.300 
_cell.length_b           93.900 
_cell.length_c           122.100 
_cell.angle_alpha        90.00 
_cell.angle_beta         90.00 
_cell.angle_gamma        90.00 
_cell.Z_PDB              8 
_cell.pdbx_unique_axis   ? 
# 
_symmetry.entry_id                         5TGL 
_symmetry.space_group_name_H-M             'C 2 2 21' 
_symmetry.pdbx_full_space_group_name_H-M   ? 
_symmetry.cell_setting                     ? 
_symmetry.Int_Tables_number                20 
# 
_exptl.entry_id          5TGL 
_exptl.method            'X-RAY DIFFRACTION' 
_exptl.crystals_number   ? 
# 
_exptl_crystal.id                    1 
_exptl_crystal.density_meas          ? 
_exptl_crystal.density_Matthews      2.34 
_exptl_crystal.density_percent_sol   47.51 
_exptl_crystal.description           ? 
# 
_refine.entry_id                                 5TGL 
_refine.ls_number_reflns_obs                     ? 
_refine.ls_number_reflns_all                     ? 
_refine.pdbx_ls_sigma_I                          ? 
_refine.pdbx_ls_sigma_F                          ? 
_refine.pdbx_data_cutoff_high_absF               ? 
_refine.pdbx_data_cutoff_low_absF                ? 
_refine.pdbx_data_cutoff_high_rms_absF           ? 
_refine.ls_d_res_low                             ? 
_refine.ls_d_res_high                            3.0 
_refine.ls_percent_reflns_obs                    ? 
_refine.ls_R_factor_obs                          0.185 
_refine.ls_R_factor_all                          ? 
_refine.ls_R_factor_R_work                       ? 
_refine.ls_R_factor_R_free                       ? 
_refine.ls_R_factor_R_free_error                 ? 
_refine.ls_R_factor_R_free_error_details         ? 
_refine.ls_percent_reflns_R_free                 ? 
_refine.ls_number_reflns_R_free                  ? 
_refine.ls_number_parameters                     ? 
_refine.ls_number_restraints                     ? 
_refine.occupancy_min                            ? 
_refine.occupancy_max                            ? 
_refine.B_iso_mean                               ? 
_refine.aniso_B[1][1]                            ? 
_refine.aniso_B[2][2]                            ? 
_refine.aniso_B[3][3]                            ? 
_refine.aniso_B[1][2]                            ? 
_refine.aniso_B[1][3]                            ? 
_refine.aniso_B[2][3]                            ? 
_refine.solvent_model_details                    ? 
_refine.solvent_model_param_ksol                 ? 
_refine.solvent_model_param_bsol                 ? 
_refine.pdbx_ls_cross_valid_method               ? 
_refine.details                                  
;THERE ARE SOME ERRORS IN THE SEQUENCE DUE TO UNCERTAINTY IN
THE ORIENTATION OF SIDE CHAINS.  THESE DIFFERENCES ARE
MINOR AND IN NO WAY COMPROMISE THE OVERALL QUALITY OF THE
STRUCTURE OR THE SUITABILITY FOR MODELING OR MOLECULAR
REPLACEMENT.

SEQUENCE ADVISORY NOTICE:
     DIFFERENCE BETWEEN PIR AND PDB SEQUENCE.

     PIR ENTRY NAME: A34959

     PIR      RESIDUE      PDB SEQRES
       NAME   NUMBER         NAME  CHAIN  SEQ/INSERT CODE
       ASP    181            ASN          181
       GLU    220            SER          220
;
_refine.pdbx_starting_model                      ? 
_refine.pdbx_method_to_determine_struct          ? 
_refine.pdbx_isotropic_thermal_model             ? 
_refine.pdbx_stereochemistry_target_values       ? 
_refine.pdbx_stereochem_target_val_spec_case     ? 
_refine.pdbx_R_Free_selection_details            ? 
_refine.pdbx_overall_ESU_R                       ? 
_refine.pdbx_overall_ESU_R_Free                  ? 
_refine.overall_SU_ML                            ? 
_refine.overall_SU_B                             ? 
_refine.pdbx_refine_id                           'X-RAY DIFFRACTION' 
_refine.pdbx_diffrn_id                           1 
_refine.pdbx_TLS_residual_ADP_flag               ? 
_refine.correlation_coeff_Fo_to_Fc               ? 
_refine.correlation_coeff_Fo_to_Fc_free          ? 
_refine.pdbx_solvent_vdw_probe_radii             ? 
_refine.pdbx_solvent_ion_probe_radii             ? 
_refine.pdbx_solvent_shrinkage_radii             ? 
_refine.pdbx_overall_phase_error                 ? 
_refine.overall_SU_R_Cruickshank_DPI             ? 
_refine.pdbx_overall_SU_R_free_Cruickshank_DPI   ? 
_refine.pdbx_overall_SU_R_Blow_DPI               ? 
_refine.pdbx_overall_SU_R_free_Blow_DPI          ? 
# 
_refine_hist.pdbx_refine_id                   'X-RAY DIFFRACTION' 
_refine_hist.cycle_id                         LAST 
_refine_hist.pdbx_number_atoms_protein        286 
_refine_hist.pdbx_number_atoms_nucleic_acid   0 
_refine_hist.pdbx_number_atoms_ligand         11 
_refine_hist.number_atoms_solvent             0 
_refine_hist.number_atoms_total               297 
_refine_hist.d_res_high                       3.0 
_refine_hist.d_res_low                        . 
# 
_struct.entry_id                  5TGL 
_struct.title                     
'A MODEL FOR INTERFACIAL ACTIVATION IN LIPASES FROM THE STRUCTURE OF A FUNGAL LIPASE-INHIBITOR COMPLEX' 
_struct.pdbx_model_details        ? 
_struct.pdbx_CASP_flag            ? 
_struct.pdbx_model_type_details   ? 
# 
_struct_keywords.entry_id        5TGL 
_struct_keywords.pdbx_keywords   'HYDROLASE(CARBOXYLIC ESTERASE)' 
_struct_keywords.text            'HYDROLASE(CARBOXYLIC ESTERASE)' 
# 
loop_
_struct_asym.id 
_struct_asym.pdbx_blank_PDB_chainid_flag 
_struct_asym.pdbx_modified 
_struct_asym.entity_id 
_struct_asym.details 
A N N 1 ? 
B N N 2 ? 
# 
_struct_ref.id                         1 
_struct_ref.db_name                    UNP 
_struct_ref.db_code                    LIP_RHIMI 
_struct_ref.entity_id                  1 
_struct_ref.pdbx_db_accession          P19515 
_struct_ref.pdbx_align_begin           1 
_struct_ref.pdbx_seq_one_letter_code   
;MVLKQRANYLGFLIVFFTAFLVEAVPIKRQSNSTVDSLPPLIPSRTSAPSSSPSTTDPEAPAMSRNGPLPSDVETKYGMA
LNATSYPDSVVQAMSIDGGIRAATSQEINELTYYTTLSANSYCRTVIPGATWDCIHCDATEDLKIIKTWSTLIYDTNAMV
ARGDSEKTIYIVFRGSSSIRNWIADLTFVPVSYPPVSGTKVHKGFLDSYGEVQNELVATVLDQFKQYPSYKVAVTGHSLG
GATALLCALDLYQREEGLSSSNLFLYTQGQPRVGDPAFANYVVSTGIPYRRTVNERDIVPHLPPAAFGFLHAGEEYWITD
NSPETVQVCTSDLETSDCSNSIVPFTSVLDHLSYFGINTGLCT
;
_struct_ref.pdbx_db_isoform            ? 
# 
_struct_ref_seq.align_id                      1 
_struct_ref_seq.ref_id                        1 
_struct_ref_seq.pdbx_PDB_id_code              5TGL 
_struct_ref_seq.pdbx_strand_id                A 
_struct_ref_seq.seq_align_beg                 1 
_struct_ref_seq.pdbx_seq_align_beg_ins_code   ? 
_struct_ref_seq.seq_align_end                 269 
_struct_ref_seq.pdbx_seq_align_end_ins_code   ? 
_struct_ref_seq.pdbx_db_accession             P19515 
_struct_ref_seq.db_align_beg                  95 
_struct_ref_seq.pdbx_db_align_beg_ins_code    ? 
_struct_ref_seq.db_align_end                  363 
_struct_ref_seq.pdbx_db_align_end_ins_code    ? 
_struct_ref_seq.pdbx_auth_seq_align_beg       1 
_struct_ref_seq.pdbx_auth_seq_align_end       269 
# 
loop_
_struct_ref_seq_dif.align_id 
_struct_ref_seq_dif.pdbx_pdb_id_code 
_struct_ref_seq_dif.mon_id 
_struct_ref_seq_dif.pdbx_pdb_strand_id 
_struct_ref_seq_dif.seq_num 
_struct_ref_seq_dif.pdbx_pdb_ins_code 
_struct_ref_seq_dif.pdbx_seq_db_name 
_struct_ref_seq_dif.pdbx_seq_db_accession_code 
_struct_ref_seq_dif.db_mon_id 
_struct_ref_seq_dif.pdbx_seq_db_seq_num 
_struct_ref_seq_dif.details 
_struct_ref_seq_dif.pdbx_auth_seq_num 
_struct_ref_seq_dif.pdbx_ordinal 
1 5TGL ASN A 181 ? UNP P19515 ASP 275 conflict 181 1 
1 5TGL SER A 220 ? UNP P19515 GLU 314 conflict 220 2 
# 
_pdbx_struct_assembly.id                   1 
_pdbx_struct_assembly.details              author_defined_assembly 
_pdbx_struct_assembly.method_details       ? 
_pdbx_struct_assembly.oligomeric_details   dimeric 
_pdbx_struct_assembly.oligomeric_count     2 
# 
_pdbx_struct_assembly_gen.assembly_id       1 
_pdbx_struct_assembly_gen.oper_expression   1,2 
_pdbx_struct_assembly_gen.asym_id_list      A,B 
# 
loop_
_pdbx_struct_oper_list.id 
_pdbx_struct_oper_list.type 
_pdbx_struct_oper_list.name 
_pdbx_struct_oper_list.symmetry_operation 
_pdbx_struct_oper_list.matrix[1][1] 
_pdbx_struct_oper_list.matrix[1][2] 
_pdbx_struct_oper_list.matrix[1][3] 
_pdbx_struct_oper_list.vector[1] 
_pdbx_struct_oper_list.matrix[2][1] 
_pdbx_struct_oper_list.matrix[2][2] 
_pdbx_struct_oper_list.matrix[2][3] 
_pdbx_struct_oper_list.vector[2] 
_pdbx_struct_oper_list.matrix[3][1] 
_pdbx_struct_oper_list.matrix[3][2] 
_pdbx_struct_oper_list.matrix[3][3] 
_pdbx_struct_oper_list.vector[3] 
1 'identity operation'         1_555 x,y,z         1.0000000000  0.0000000000  0.0000000000 0.0000000000  0.0000000000  1.0000000000  0.0000000000  0.0000000000  0.0000000000 0.0000000000  1.0000000000 0.0000000000 
2 'crystal symmetry operation' 3_456 -x-1,y,-z+3/2 -0.8291828680 -0.2307064298 0.5091466534 25.9054380162 -0.2307064298 -0.6884068003 -0.6876558882 22.3549500335 0.5091466534 -0.6876558882 0.5175896683 1.4383637399 
# 
_struct_biol.id   1 
# 
loop_
_struct_site.id 
_struct_site.pdbx_evidence_code 
_struct_site.pdbx_auth_asym_id 
_struct_site.pdbx_auth_comp_id 
_struct_site.pdbx_auth_seq_id 
_struct_site.pdbx_auth_ins_code 
_struct_site.pdbx_num_residues 
_struct_site.details 
CAT Author   ? ?   ?   ? 3 'CATALYTIC SITE'                     
AC1 Software A HEE 270 ? 4 'BINDING SITE FOR RESIDUE HEE A 270' 
# 
loop_
_struct_site_gen.id 
_struct_site_gen.site_id 
_struct_site_gen.pdbx_num_res 
_struct_site_gen.label_comp_id 
_struct_site_gen.label_asym_id 
_struct_site_gen.label_seq_id 
_struct_site_gen.pdbx_auth_ins_code 
_struct_site_gen.auth_comp_id 
_struct_site_gen.auth_asym_id 
_struct_site_gen.auth_seq_id 
_struct_site_gen.label_atom_id 
_struct_site_gen.label_alt_id 
_struct_site_gen.symmetry 
_struct_site_gen.details 
1 CAT 3 SER A 144 ? SER A 144 . ? 1_555 ? 
2 CAT 3 ASP A 203 ? ASP A 203 . ? 1_555 ? 
3 CAT 3 HIS A 257 ? HIS A 257 . ? 1_555 ? 
4 AC1 4 SER A 82  ? SER A 82  . ? 1_555 ? 
5 AC1 4 SER A 144 ? SER A 144 . ? 1_555 ? 
6 AC1 4 PHE A 251 ? PHE A 251 . ? 3_456 ? 
7 AC1 4 HIS A 257 ? HIS A 257 . ? 1_555 ? 
# 
loop_
_pdbx_validate_close_contact.id 
_pdbx_validate_close_contact.PDB_model_num 
_pdbx_validate_close_contact.auth_atom_id_1 
_pdbx_validate_close_contact.auth_asym_id_1 
_pdbx_validate_close_contact.auth_comp_id_1 
_pdbx_validate_close_contact.auth_seq_id_1 
_pdbx_validate_close_contact.PDB_ins_code_1 
_pdbx_validate_close_contact.label_alt_id_1 
_pdbx_validate_close_contact.auth_atom_id_2 
_pdbx_validate_close_contact.auth_asym_id_2 
_pdbx_validate_close_contact.auth_comp_id_2 
_pdbx_validate_close_contact.auth_seq_id_2 
_pdbx_validate_close_contact.PDB_ins_code_2 
_pdbx_validate_close_contact.label_alt_id_2 
_pdbx_validate_close_contact.dist 
1 1 OG A SER 144 ? ? P   A HEE 270 ? ? 0.55 
2 1 OG A SER 144 ? ? O3P A HEE 270 ? ? 1.52 
3 1 OG A SER 144 ? ? C1  A HEE 270 ? ? 1.70 
4 1 CB A SER 144 ? ? P   A HEE 270 ? ? 1.95 
5 1 OG A SER 144 ? ? O2P A HEE 270 ? ? 2.07 
# 
loop_
_pdbx_validate_symm_contact.id 
_pdbx_validate_symm_contact.PDB_model_num 
_pdbx_validate_symm_contact.auth_atom_id_1 
_pdbx_validate_symm_contact.auth_asym_id_1 
_pdbx_validate_symm_contact.auth_comp_id_1 
_pdbx_validate_symm_contact.auth_seq_id_1 
_pdbx_validate_symm_contact.PDB_ins_code_1 
_pdbx_validate_symm_contact.label_alt_id_1 
_pdbx_validate_symm_contact.site_symmetry_1 
_pdbx_validate_symm_contact.auth_atom_id_2 
_pdbx_validate_symm_contact.auth_asym_id_2 
_pdbx_validate_symm_contact.auth_comp_id_2 
_pdbx_validate_symm_contact.auth_seq_id_2 
_pdbx_validate_symm_contact.PDB_ins_code_2 
_pdbx_validate_symm_contact.label_alt_id_2 
_pdbx_validate_symm_contact.site_symmetry_2 
_pdbx_validate_symm_contact.dist 
1 1 CA A LEU 208 ? ? 1_555 CA A PRO 250 ? ? 3_456 1.42 
2 1 CA A VAL 254 ? ? 1_555 CA A VAL 254 ? ? 3_456 1.61 
# 
loop_
_pdbx_validate_rmsd_bond.id 
_pdbx_validate_rmsd_bond.PDB_model_num 
_pdbx_validate_rmsd_bond.auth_atom_id_1 
_pdbx_validate_rmsd_bond.auth_asym_id_1 
_pdbx_validate_rmsd_bond.auth_comp_id_1 
_pdbx_validate_rmsd_bond.auth_seq_id_1 
_pdbx_validate_rmsd_bond.PDB_ins_code_1 
_pdbx_validate_rmsd_bond.label_alt_id_1 
_pdbx_validate_rmsd_bond.auth_atom_id_2 
_pdbx_validate_rmsd_bond.auth_asym_id_2 
_pdbx_validate_rmsd_bond.auth_comp_id_2 
_pdbx_validate_rmsd_bond.auth_seq_id_2 
_pdbx_validate_rmsd_bond.PDB_ins_code_2 
_pdbx_validate_rmsd_bond.label_alt_id_2 
_pdbx_validate_rmsd_bond.bond_value 
_pdbx_validate_rmsd_bond.bond_target_value 
_pdbx_validate_rmsd_bond.bond_deviation 
_pdbx_validate_rmsd_bond.bond_standard_deviation 
_pdbx_validate_rmsd_bond.linker_flag 
1 1 CA A SER 144 ? ? CB A SER 144 ? ? 1.720 1.525 0.195 0.015 N 
2 1 CB A SER 144 ? ? OG A SER 144 ? ? 1.509 1.418 0.091 0.013 N 
# 
loop_
_pdbx_validate_rmsd_angle.id 
_pdbx_validate_rmsd_angle.PDB_model_num 
_pdbx_validate_rmsd_angle.auth_atom_id_1 
_pdbx_validate_rmsd_angle.auth_asym_id_1 
_pdbx_validate_rmsd_angle.auth_comp_id_1 
_pdbx_validate_rmsd_angle.auth_seq_id_1 
_pdbx_validate_rmsd_angle.PDB_ins_code_1 
_pdbx_validate_rmsd_angle.label_alt_id_1 
_pdbx_validate_rmsd_angle.auth_atom_id_2 
_pdbx_validate_rmsd_angle.auth_asym_id_2 
_pdbx_validate_rmsd_angle.auth_comp_id_2 
_pdbx_validate_rmsd_angle.auth_seq_id_2 
_pdbx_validate_rmsd_angle.PDB_ins_code_2 
_pdbx_validate_rmsd_angle.label_alt_id_2 
_pdbx_validate_rmsd_angle.auth_atom_id_3 
_pdbx_validate_rmsd_angle.auth_asym_id_3 
_pdbx_validate_rmsd_angle.auth_comp_id_3 
_pdbx_validate_rmsd_angle.auth_seq_id_3 
_pdbx_validate_rmsd_angle.PDB_ins_code_3 
_pdbx_validate_rmsd_angle.label_alt_id_3 
_pdbx_validate_rmsd_angle.angle_value 
_pdbx_validate_rmsd_angle.angle_target_value 
_pdbx_validate_rmsd_angle.angle_deviation 
_pdbx_validate_rmsd_angle.angle_standard_deviation 
_pdbx_validate_rmsd_angle.linker_flag 
1 1 CA A SER 144 ? ? CB A SER 144 ? ? OG  A SER 144 ? ? 131.00 111.20 19.80 2.70 N 
2 1 CB A ASP 203 ? ? CG A ASP 203 ? ? OD1 A ASP 203 ? ? 124.20 118.30 5.90  0.90 N 
# 
_pdbx_entry_details.entry_id                 5TGL 
_pdbx_entry_details.compound_details         ? 
_pdbx_entry_details.source_details           ? 
_pdbx_entry_details.nonpolymer_details       ? 
_pdbx_entry_details.sequence_details         
;RESIDUE 156 IN THIS ENTRY IS ASP AS IDENTIFIED BY ELECTRON
DENSITY.  IN THE PAPER CITED AS REFERENCE 1 ABOVE IT WAS
INCORRECTLY ASSIGNED AS GLY.
;
_pdbx_entry_details.has_ligand_of_interest   ? 
# 
loop_
_pdbx_unobs_or_zero_occ_residues.id 
_pdbx_unobs_or_zero_occ_residues.PDB_model_num 
_pdbx_unobs_or_zero_occ_residues.polymer_flag 
_pdbx_unobs_or_zero_occ_residues.occupancy_flag 
_pdbx_unobs_or_zero_occ_residues.auth_asym_id 
_pdbx_unobs_or_zero_occ_residues.auth_comp_id 
_pdbx_unobs_or_zero_occ_residues.auth_seq_id 
_pdbx_unobs_or_zero_occ_residues.PDB_ins_code 
_pdbx_unobs_or_zero_occ_residues.label_asym_id 
_pdbx_unobs_or_zero_occ_residues.label_comp_id 
_pdbx_unobs_or_zero_occ_residues.label_seq_id 
1 1 Y 1 A SER 1 ? A SER 1 
2 1 Y 1 A ILE 2 ? A ILE 2 
3 1 Y 1 A ASP 3 ? A ASP 3 
4 1 Y 1 A GLY 4 ? A GLY 4 
# 
loop_
_chem_comp_atom.comp_id 
_chem_comp_atom.atom_id 
_chem_comp_atom.type_symbol 
_chem_comp_atom.pdbx_aromatic_flag 
_chem_comp_atom.pdbx_stereo_config 
_chem_comp_atom.pdbx_ordinal 
ALA N      N N N 1   
ALA CA     C N S 2   
ALA C      C N N 3   
ALA O      O N N 4   
ALA CB     C N N 5   
ALA OXT    O N N 6   
ALA H      H N N 7   
ALA H2     H N N 8   
ALA HA     H N N 9   
ALA HB1    H N N 10  
ALA HB2    H N N 11  
ALA HB3    H N N 12  
ALA HXT    H N N 13  
ARG N      N N N 14  
ARG CA     C N S 15  
ARG C      C N N 16  
ARG O      O N N 17  
ARG CB     C N N 18  
ARG CG     C N N 19  
ARG CD     C N N 20  
ARG NE     N N N 21  
ARG CZ     C N N 22  
ARG NH1    N N N 23  
ARG NH2    N N N 24  
ARG OXT    O N N 25  
ARG H      H N N 26  
ARG H2     H N N 27  
ARG HA     H N N 28  
ARG HB2    H N N 29  
ARG HB3    H N N 30  
ARG HG2    H N N 31  
ARG HG3    H N N 32  
ARG HD2    H N N 33  
ARG HD3    H N N 34  
ARG HE     H N N 35  
ARG HH11   H N N 36  
ARG HH12   H N N 37  
ARG HH21   H N N 38  
ARG HH22   H N N 39  
ARG HXT    H N N 40  
ASN N      N N N 41  
ASN CA     C N S 42  
ASN C      C N N 43  
ASN O      O N N 44  
ASN CB     C N N 45  
ASN CG     C N N 46  
ASN OD1    O N N 47  
ASN ND2    N N N 48  
ASN OXT    O N N 49  
ASN H      H N N 50  
ASN H2     H N N 51  
ASN HA     H N N 52  
ASN HB2    H N N 53  
ASN HB3    H N N 54  
ASN HD21   H N N 55  
ASN HD22   H N N 56  
ASN HXT    H N N 57  
ASP N      N N N 58  
ASP CA     C N S 59  
ASP C      C N N 60  
ASP O      O N N 61  
ASP CB     C N N 62  
ASP CG     C N N 63  
ASP OD1    O N N 64  
ASP OD2    O N N 65  
ASP OXT    O N N 66  
ASP H      H N N 67  
ASP H2     H N N 68  
ASP HA     H N N 69  
ASP HB2    H N N 70  
ASP HB3    H N N 71  
ASP HD2    H N N 72  
ASP HXT    H N N 73  
CYS N      N N N 74  
CYS CA     C N R 75  
CYS C      C N N 76  
CYS O      O N N 77  
CYS CB     C N N 78  
CYS SG     S N N 79  
CYS OXT    O N N 80  
CYS H      H N N 81  
CYS H2     H N N 82  
CYS HA     H N N 83  
CYS HB2    H N N 84  
CYS HB3    H N N 85  
CYS HG     H N N 86  
CYS HXT    H N N 87  
GLN N      N N N 88  
GLN CA     C N S 89  
GLN C      C N N 90  
GLN O      O N N 91  
GLN CB     C N N 92  
GLN CG     C N N 93  
GLN CD     C N N 94  
GLN OE1    O N N 95  
GLN NE2    N N N 96  
GLN OXT    O N N 97  
GLN H      H N N 98  
GLN H2     H N N 99  
GLN HA     H N N 100 
GLN HB2    H N N 101 
GLN HB3    H N N 102 
GLN HG2    H N N 103 
GLN HG3    H N N 104 
GLN HE21   H N N 105 
GLN HE22   H N N 106 
GLN HXT    H N N 107 
GLU N      N N N 108 
GLU CA     C N S 109 
GLU C      C N N 110 
GLU O      O N N 111 
GLU CB     C N N 112 
GLU CG     C N N 113 
GLU CD     C N N 114 
GLU OE1    O N N 115 
GLU OE2    O N N 116 
GLU OXT    O N N 117 
GLU H      H N N 118 
GLU H2     H N N 119 
GLU HA     H N N 120 
GLU HB2    H N N 121 
GLU HB3    H N N 122 
GLU HG2    H N N 123 
GLU HG3    H N N 124 
GLU HE2    H N N 125 
GLU HXT    H N N 126 
GLY N      N N N 127 
GLY CA     C N N 128 
GLY C      C N N 129 
GLY O      O N N 130 
GLY OXT    O N N 131 
GLY H      H N N 132 
GLY H2     H N N 133 
GLY HA2    H N N 134 
GLY HA3    H N N 135 
GLY HXT    H N N 136 
HEE C1     C N N 137 
HEE C2     C N N 138 
HEE C3     C N N 139 
HEE C4     C N N 140 
HEE C5     C N N 141 
HEE C6     C N N 142 
HEE P      P N S 143 
HEE O1P    O N N 144 
HEE O2P    O N N 145 
HEE O3P    O N N 146 
HEE "C1'"  C N N 147 
HEE "C2'"  C N N 148 
HEE H11    H N N 149 
HEE H12    H N N 150 
HEE H21    H N N 151 
HEE H22    H N N 152 
HEE H31    H N N 153 
HEE H32    H N N 154 
HEE H41    H N N 155 
HEE H42    H N N 156 
HEE H51    H N N 157 
HEE H52    H N N 158 
HEE H61    H N N 159 
HEE H62    H N N 160 
HEE H63    H N N 161 
HEE HOP3   H N N 162 
HEE "H1'1" H N N 163 
HEE "H1'2" H N N 164 
HEE "H2'1" H N N 165 
HEE "H2'2" H N N 166 
HEE "H2'3" H N N 167 
HIS N      N N N 168 
HIS CA     C N S 169 
HIS C      C N N 170 
HIS O      O N N 171 
HIS CB     C N N 172 
HIS CG     C Y N 173 
HIS ND1    N Y N 174 
HIS CD2    C Y N 175 
HIS CE1    C Y N 176 
HIS NE2    N Y N 177 
HIS OXT    O N N 178 
HIS H      H N N 179 
HIS H2     H N N 180 
HIS HA     H N N 181 
HIS HB2    H N N 182 
HIS HB3    H N N 183 
HIS HD1    H N N 184 
HIS HD2    H N N 185 
HIS HE1    H N N 186 
HIS HE2    H N N 187 
HIS HXT    H N N 188 
ILE N      N N N 189 
ILE CA     C N S 190 
ILE C      C N N 191 
ILE O      O N N 192 
ILE CB     C N S 193 
ILE CG1    C N N 194 
ILE CG2    C N N 195 
ILE CD1    C N N 196 
ILE OXT    O N N 197 
ILE H      H N N 198 
ILE H2     H N N 199 
ILE HA     H N N 200 
ILE HB     H N N 201 
ILE HG12   H N N 202 
ILE HG13   H N N 203 
ILE HG21   H N N 204 
ILE HG22   H N N 205 
ILE HG23   H N N 206 
ILE HD11   H N N 207 
ILE HD12   H N N 208 
ILE HD13   H N N 209 
ILE HXT    H N N 210 
LEU N      N N N 211 
LEU CA     C N S 212 
LEU C      C N N 213 
LEU O      O N N 214 
LEU CB     C N N 215 
LEU CG     C N N 216 
LEU CD1    C N N 217 
LEU CD2    C N N 218 
LEU OXT    O N N 219 
LEU H      H N N 220 
LEU H2     H N N 221 
LEU HA     H N N 222 
LEU HB2    H N N 223 
LEU HB3    H N N 224 
LEU HG     H N N 225 
LEU HD11   H N N 226 
LEU HD12   H N N 227 
LEU HD13   H N N 228 
LEU HD21   H N N 229 
LEU HD22   H N N 230 
LEU HD23   H N N 231 
LEU HXT    H N N 232 
LYS N      N N N 233 
LYS CA     C N S 234 
LYS C      C N N 235 
LYS O      O N N 236 
LYS CB     C N N 237 
LYS CG     C N N 238 
LYS CD     C N N 239 
LYS CE     C N N 240 
LYS NZ     N N N 241 
LYS OXT    O N N 242 
LYS H      H N N 243 
LYS H2     H N N 244 
LYS HA     H N N 245 
LYS HB2    H N N 246 
LYS HB3    H N N 247 
LYS HG2    H N N 248 
LYS HG3    H N N 249 
LYS HD2    H N N 250 
LYS HD3    H N N 251 
LYS HE2    H N N 252 
LYS HE3    H N N 253 
LYS HZ1    H N N 254 
LYS HZ2    H N N 255 
LYS HZ3    H N N 256 
LYS HXT    H N N 257 
MET N      N N N 258 
MET CA     C N S 259 
MET C      C N N 260 
MET O      O N N 261 
MET CB     C N N 262 
MET CG     C N N 263 
MET SD     S N N 264 
MET CE     C N N 265 
MET OXT    O N N 266 
MET H      H N N 267 
MET H2     H N N 268 
MET HA     H N N 269 
MET HB2    H N N 270 
MET HB3    H N N 271 
MET HG2    H N N 272 
MET HG3    H N N 273 
MET HE1    H N N 274 
MET HE2    H N N 275 
MET HE3    H N N 276 
MET HXT    H N N 277 
PHE N      N N N 278 
PHE CA     C N S 279 
PHE C      C N N 280 
PHE O      O N N 281 
PHE CB     C N N 282 
PHE CG     C Y N 283 
PHE CD1    C Y N 284 
PHE CD2    C Y N 285 
PHE CE1    C Y N 286 
PHE CE2    C Y N 287 
PHE CZ     C Y N 288 
PHE OXT    O N N 289 
PHE H      H N N 290 
PHE H2     H N N 291 
PHE HA     H N N 292 
PHE HB2    H N N 293 
PHE HB3    H N N 294 
PHE HD1    H N N 295 
PHE HD2    H N N 296 
PHE HE1    H N N 297 
PHE HE2    H N N 298 
PHE HZ     H N N 299 
PHE HXT    H N N 300 
PRO N      N N N 301 
PRO CA     C N S 302 
PRO C      C N N 303 
PRO O      O N N 304 
PRO CB     C N N 305 
PRO CG     C N N 306 
PRO CD     C N N 307 
PRO OXT    O N N 308 
PRO H      H N N 309 
PRO HA     H N N 310 
PRO HB2    H N N 311 
PRO HB3    H N N 312 
PRO HG2    H N N 313 
PRO HG3    H N N 314 
PRO HD2    H N N 315 
PRO HD3    H N N 316 
PRO HXT    H N N 317 
SER N      N N N 318 
SER CA     C N S 319 
SER C      C N N 320 
SER O      O N N 321 
SER CB     C N N 322 
SER OG     O N N 323 
SER OXT    O N N 324 
SER H      H N N 325 
SER H2     H N N 326 
SER HA     H N N 327 
SER HB2    H N N 328 
SER HB3    H N N 329 
SER HG     H N N 330 
SER HXT    H N N 331 
THR N      N N N 332 
THR CA     C N S 333 
THR C      C N N 334 
THR O      O N N 335 
THR CB     C N R 336 
THR OG1    O N N 337 
THR CG2    C N N 338 
THR OXT    O N N 339 
THR H      H N N 340 
THR H2     H N N 341 
THR HA     H N N 342 
THR HB     H N N 343 
THR HG1    H N N 344 
THR HG21   H N N 345 
THR HG22   H N N 346 
THR HG23   H N N 347 
THR HXT    H N N 348 
TRP N      N N N 349 
TRP CA     C N S 350 
TRP C      C N N 351 
TRP O      O N N 352 
TRP CB     C N N 353 
TRP CG     C Y N 354 
TRP CD1    C Y N 355 
TRP CD2    C Y N 356 
TRP NE1    N Y N 357 
TRP CE2    C Y N 358 
TRP CE3    C Y N 359 
TRP CZ2    C Y N 360 
TRP CZ3    C Y N 361 
TRP CH2    C Y N 362 
TRP OXT    O N N 363 
TRP H      H N N 364 
TRP H2     H N N 365 
TRP HA     H N N 366 
TRP HB2    H N N 367 
TRP HB3    H N N 368 
TRP HD1    H N N 369 
TRP HE1    H N N 370 
TRP HE3    H N N 371 
TRP HZ2    H N N 372 
TRP HZ3    H N N 373 
TRP HH2    H N N 374 
TRP HXT    H N N 375 
TYR N      N N N 376 
TYR CA     C N S 377 
TYR C      C N N 378 
TYR O      O N N 379 
TYR CB     C N N 380 
TYR CG     C Y N 381 
TYR CD1    C Y N 382 
TYR CD2    C Y N 383 
TYR CE1    C Y N 384 
TYR CE2    C Y N 385 
TYR CZ     C Y N 386 
TYR OH     O N N 387 
TYR OXT    O N N 388 
TYR H      H N N 389 
TYR H2     H N N 390 
TYR HA     H N N 391 
TYR HB2    H N N 392 
TYR HB3    H N N 393 
TYR HD1    H N N 394 
TYR HD2    H N N 395 
TYR HE1    H N N 396 
TYR HE2    H N N 397 
TYR HH     H N N 398 
TYR HXT    H N N 399 
VAL N      N N N 400 
VAL CA     C N S 401 
VAL C      C N N 402 
VAL O      O N N 403 
VAL CB     C N N 404 
VAL CG1    C N N 405 
VAL CG2    C N N 406 
VAL OXT    O N N 407 
VAL H      H N N 408 
VAL H2     H N N 409 
VAL HA     H N N 410 
VAL HB     H N N 411 
VAL HG11   H N N 412 
VAL HG12   H N N 413 
VAL HG13   H N N 414 
VAL HG21   H N N 415 
VAL HG22   H N N 416 
VAL HG23   H N N 417 
VAL HXT    H N N 418 
# 
loop_
_chem_comp_bond.comp_id 
_chem_comp_bond.atom_id_1 
_chem_comp_bond.atom_id_2 
_chem_comp_bond.value_order 
_chem_comp_bond.pdbx_aromatic_flag 
_chem_comp_bond.pdbx_stereo_config 
_chem_comp_bond.pdbx_ordinal 
ALA N     CA     sing N N 1   
ALA N     H      sing N N 2   
ALA N     H2     sing N N 3   
ALA CA    C      sing N N 4   
ALA CA    CB     sing N N 5   
ALA CA    HA     sing N N 6   
ALA C     O      doub N N 7   
ALA C     OXT    sing N N 8   
ALA CB    HB1    sing N N 9   
ALA CB    HB2    sing N N 10  
ALA CB    HB3    sing N N 11  
ALA OXT   HXT    sing N N 12  
ARG N     CA     sing N N 13  
ARG N     H      sing N N 14  
ARG N     H2     sing N N 15  
ARG CA    C      sing N N 16  
ARG CA    CB     sing N N 17  
ARG CA    HA     sing N N 18  
ARG C     O      doub N N 19  
ARG C     OXT    sing N N 20  
ARG CB    CG     sing N N 21  
ARG CB    HB2    sing N N 22  
ARG CB    HB3    sing N N 23  
ARG CG    CD     sing N N 24  
ARG CG    HG2    sing N N 25  
ARG CG    HG3    sing N N 26  
ARG CD    NE     sing N N 27  
ARG CD    HD2    sing N N 28  
ARG CD    HD3    sing N N 29  
ARG NE    CZ     sing N N 30  
ARG NE    HE     sing N N 31  
ARG CZ    NH1    sing N N 32  
ARG CZ    NH2    doub N N 33  
ARG NH1   HH11   sing N N 34  
ARG NH1   HH12   sing N N 35  
ARG NH2   HH21   sing N N 36  
ARG NH2   HH22   sing N N 37  
ARG OXT   HXT    sing N N 38  
ASN N     CA     sing N N 39  
ASN N     H      sing N N 40  
ASN N     H2     sing N N 41  
ASN CA    C      sing N N 42  
ASN CA    CB     sing N N 43  
ASN CA    HA     sing N N 44  
ASN C     O      doub N N 45  
ASN C     OXT    sing N N 46  
ASN CB    CG     sing N N 47  
ASN CB    HB2    sing N N 48  
ASN CB    HB3    sing N N 49  
ASN CG    OD1    doub N N 50  
ASN CG    ND2    sing N N 51  
ASN ND2   HD21   sing N N 52  
ASN ND2   HD22   sing N N 53  
ASN OXT   HXT    sing N N 54  
ASP N     CA     sing N N 55  
ASP N     H      sing N N 56  
ASP N     H2     sing N N 57  
ASP CA    C      sing N N 58  
ASP CA    CB     sing N N 59  
ASP CA    HA     sing N N 60  
ASP C     O      doub N N 61  
ASP C     OXT    sing N N 62  
ASP CB    CG     sing N N 63  
ASP CB    HB2    sing N N 64  
ASP CB    HB3    sing N N 65  
ASP CG    OD1    doub N N 66  
ASP CG    OD2    sing N N 67  
ASP OD2   HD2    sing N N 68  
ASP OXT   HXT    sing N N 69  
CYS N     CA     sing N N 70  
CYS N     H      sing N N 71  
CYS N     H2     sing N N 72  
CYS CA    C      sing N N 73  
CYS CA    CB     sing N N 74  
CYS CA    HA     sing N N 75  
CYS C     O      doub N N 76  
CYS C     OXT    sing N N 77  
CYS CB    SG     sing N N 78  
CYS CB    HB2    sing N N 79  
CYS CB    HB3    sing N N 80  
CYS SG    HG     sing N N 81  
CYS OXT   HXT    sing N N 82  
GLN N     CA     sing N N 83  
GLN N     H      sing N N 84  
GLN N     H2     sing N N 85  
GLN CA    C      sing N N 86  
GLN CA    CB     sing N N 87  
GLN CA    HA     sing N N 88  
GLN C     O      doub N N 89  
GLN C     OXT    sing N N 90  
GLN CB    CG     sing N N 91  
GLN CB    HB2    sing N N 92  
GLN CB    HB3    sing N N 93  
GLN CG    CD     sing N N 94  
GLN CG    HG2    sing N N 95  
GLN CG    HG3    sing N N 96  
GLN CD    OE1    doub N N 97  
GLN CD    NE2    sing N N 98  
GLN NE2   HE21   sing N N 99  
GLN NE2   HE22   sing N N 100 
GLN OXT   HXT    sing N N 101 
GLU N     CA     sing N N 102 
GLU N     H      sing N N 103 
GLU N     H2     sing N N 104 
GLU CA    C      sing N N 105 
GLU CA    CB     sing N N 106 
GLU CA    HA     sing N N 107 
GLU C     O      doub N N 108 
GLU C     OXT    sing N N 109 
GLU CB    CG     sing N N 110 
GLU CB    HB2    sing N N 111 
GLU CB    HB3    sing N N 112 
GLU CG    CD     sing N N 113 
GLU CG    HG2    sing N N 114 
GLU CG    HG3    sing N N 115 
GLU CD    OE1    doub N N 116 
GLU CD    OE2    sing N N 117 
GLU OE2   HE2    sing N N 118 
GLU OXT   HXT    sing N N 119 
GLY N     CA     sing N N 120 
GLY N     H      sing N N 121 
GLY N     H2     sing N N 122 
GLY CA    C      sing N N 123 
GLY CA    HA2    sing N N 124 
GLY CA    HA3    sing N N 125 
GLY C     O      doub N N 126 
GLY C     OXT    sing N N 127 
GLY OXT   HXT    sing N N 128 
HEE C1    C2     sing N N 129 
HEE C1    P      sing N N 130 
HEE C1    H11    sing N N 131 
HEE C1    H12    sing N N 132 
HEE C2    C3     sing N N 133 
HEE C2    H21    sing N N 134 
HEE C2    H22    sing N N 135 
HEE C3    C4     sing N N 136 
HEE C3    H31    sing N N 137 
HEE C3    H32    sing N N 138 
HEE C4    C5     sing N N 139 
HEE C4    H41    sing N N 140 
HEE C4    H42    sing N N 141 
HEE C5    C6     sing N N 142 
HEE C5    H51    sing N N 143 
HEE C5    H52    sing N N 144 
HEE C6    H61    sing N N 145 
HEE C6    H62    sing N N 146 
HEE C6    H63    sing N N 147 
HEE P     O1P    doub N N 148 
HEE P     O2P    sing N N 149 
HEE P     O3P    sing N N 150 
HEE O2P   "C1'"  sing N N 151 
HEE O3P   HOP3   sing N N 152 
HEE "C1'" "C2'"  sing N N 153 
HEE "C1'" "H1'1" sing N N 154 
HEE "C1'" "H1'2" sing N N 155 
HEE "C2'" "H2'1" sing N N 156 
HEE "C2'" "H2'2" sing N N 157 
HEE "C2'" "H2'3" sing N N 158 
HIS N     CA     sing N N 159 
HIS N     H      sing N N 160 
HIS N     H2     sing N N 161 
HIS CA    C      sing N N 162 
HIS CA    CB     sing N N 163 
HIS CA    HA     sing N N 164 
HIS C     O      doub N N 165 
HIS C     OXT    sing N N 166 
HIS CB    CG     sing N N 167 
HIS CB    HB2    sing N N 168 
HIS CB    HB3    sing N N 169 
HIS CG    ND1    sing Y N 170 
HIS CG    CD2    doub Y N 171 
HIS ND1   CE1    doub Y N 172 
HIS ND1   HD1    sing N N 173 
HIS CD2   NE2    sing Y N 174 
HIS CD2   HD2    sing N N 175 
HIS CE1   NE2    sing Y N 176 
HIS CE1   HE1    sing N N 177 
HIS NE2   HE2    sing N N 178 
HIS OXT   HXT    sing N N 179 
ILE N     CA     sing N N 180 
ILE N     H      sing N N 181 
ILE N     H2     sing N N 182 
ILE CA    C      sing N N 183 
ILE CA    CB     sing N N 184 
ILE CA    HA     sing N N 185 
ILE C     O      doub N N 186 
ILE C     OXT    sing N N 187 
ILE CB    CG1    sing N N 188 
ILE CB    CG2    sing N N 189 
ILE CB    HB     sing N N 190 
ILE CG1   CD1    sing N N 191 
ILE CG1   HG12   sing N N 192 
ILE CG1   HG13   sing N N 193 
ILE CG2   HG21   sing N N 194 
ILE CG2   HG22   sing N N 195 
ILE CG2   HG23   sing N N 196 
ILE CD1   HD11   sing N N 197 
ILE CD1   HD12   sing N N 198 
ILE CD1   HD13   sing N N 199 
ILE OXT   HXT    sing N N 200 
LEU N     CA     sing N N 201 
LEU N     H      sing N N 202 
LEU N     H2     sing N N 203 
LEU CA    C      sing N N 204 
LEU CA    CB     sing N N 205 
LEU CA    HA     sing N N 206 
LEU C     O      doub N N 207 
LEU C     OXT    sing N N 208 
LEU CB    CG     sing N N 209 
LEU CB    HB2    sing N N 210 
LEU CB    HB3    sing N N 211 
LEU CG    CD1    sing N N 212 
LEU CG    CD2    sing N N 213 
LEU CG    HG     sing N N 214 
LEU CD1   HD11   sing N N 215 
LEU CD1   HD12   sing N N 216 
LEU CD1   HD13   sing N N 217 
LEU CD2   HD21   sing N N 218 
LEU CD2   HD22   sing N N 219 
LEU CD2   HD23   sing N N 220 
LEU OXT   HXT    sing N N 221 
LYS N     CA     sing N N 222 
LYS N     H      sing N N 223 
LYS N     H2     sing N N 224 
LYS CA    C      sing N N 225 
LYS CA    CB     sing N N 226 
LYS CA    HA     sing N N 227 
LYS C     O      doub N N 228 
LYS C     OXT    sing N N 229 
LYS CB    CG     sing N N 230 
LYS CB    HB2    sing N N 231 
LYS CB    HB3    sing N N 232 
LYS CG    CD     sing N N 233 
LYS CG    HG2    sing N N 234 
LYS CG    HG3    sing N N 235 
LYS CD    CE     sing N N 236 
LYS CD    HD2    sing N N 237 
LYS CD    HD3    sing N N 238 
LYS CE    NZ     sing N N 239 
LYS CE    HE2    sing N N 240 
LYS CE    HE3    sing N N 241 
LYS NZ    HZ1    sing N N 242 
LYS NZ    HZ2    sing N N 243 
LYS NZ    HZ3    sing N N 244 
LYS OXT   HXT    sing N N 245 
MET N     CA     sing N N 246 
MET N     H      sing N N 247 
MET N     H2     sing N N 248 
MET CA    C      sing N N 249 
MET CA    CB     sing N N 250 
MET CA    HA     sing N N 251 
MET C     O      doub N N 252 
MET C     OXT    sing N N 253 
MET CB    CG     sing N N 254 
MET CB    HB2    sing N N 255 
MET CB    HB3    sing N N 256 
MET CG    SD     sing N N 257 
MET CG    HG2    sing N N 258 
MET CG    HG3    sing N N 259 
MET SD    CE     sing N N 260 
MET CE    HE1    sing N N 261 
MET CE    HE2    sing N N 262 
MET CE    HE3    sing N N 263 
MET OXT   HXT    sing N N 264 
PHE N     CA     sing N N 265 
PHE N     H      sing N N 266 
PHE N     H2     sing N N 267 
PHE CA    C      sing N N 268 
PHE CA    CB     sing N N 269 
PHE CA    HA     sing N N 270 
PHE C     O      doub N N 271 
PHE C     OXT    sing N N 272 
PHE CB    CG     sing N N 273 
PHE CB    HB2    sing N N 274 
PHE CB    HB3    sing N N 275 
PHE CG    CD1    doub Y N 276 
PHE CG    CD2    sing Y N 277 
PHE CD1   CE1    sing Y N 278 
PHE CD1   HD1    sing N N 279 
PHE CD2   CE2    doub Y N 280 
PHE CD2   HD2    sing N N 281 
PHE CE1   CZ     doub Y N 282 
PHE CE1   HE1    sing N N 283 
PHE CE2   CZ     sing Y N 284 
PHE CE2   HE2    sing N N 285 
PHE CZ    HZ     sing N N 286 
PHE OXT   HXT    sing N N 287 
PRO N     CA     sing N N 288 
PRO N     CD     sing N N 289 
PRO N     H      sing N N 290 
PRO CA    C      sing N N 291 
PRO CA    CB     sing N N 292 
PRO CA    HA     sing N N 293 
PRO C     O      doub N N 294 
PRO C     OXT    sing N N 295 
PRO CB    CG     sing N N 296 
PRO CB    HB2    sing N N 297 
PRO CB    HB3    sing N N 298 
PRO CG    CD     sing N N 299 
PRO CG    HG2    sing N N 300 
PRO CG    HG3    sing N N 301 
PRO CD    HD2    sing N N 302 
PRO CD    HD3    sing N N 303 
PRO OXT   HXT    sing N N 304 
SER N     CA     sing N N 305 
SER N     H      sing N N 306 
SER N     H2     sing N N 307 
SER CA    C      sing N N 308 
SER CA    CB     sing N N 309 
SER CA    HA     sing N N 310 
SER C     O      doub N N 311 
SER C     OXT    sing N N 312 
SER CB    OG     sing N N 313 
SER CB    HB2    sing N N 314 
SER CB    HB3    sing N N 315 
SER OG    HG     sing N N 316 
SER OXT   HXT    sing N N 317 
THR N     CA     sing N N 318 
THR N     H      sing N N 319 
THR N     H2     sing N N 320 
THR CA    C      sing N N 321 
THR CA    CB     sing N N 322 
THR CA    HA     sing N N 323 
THR C     O      doub N N 324 
THR C     OXT    sing N N 325 
THR CB    OG1    sing N N 326 
THR CB    CG2    sing N N 327 
THR CB    HB     sing N N 328 
THR OG1   HG1    sing N N 329 
THR CG2   HG21   sing N N 330 
THR CG2   HG22   sing N N 331 
THR CG2   HG23   sing N N 332 
THR OXT   HXT    sing N N 333 
TRP N     CA     sing N N 334 
TRP N     H      sing N N 335 
TRP N     H2     sing N N 336 
TRP CA    C      sing N N 337 
TRP CA    CB     sing N N 338 
TRP CA    HA     sing N N 339 
TRP C     O      doub N N 340 
TRP C     OXT    sing N N 341 
TRP CB    CG     sing N N 342 
TRP CB    HB2    sing N N 343 
TRP CB    HB3    sing N N 344 
TRP CG    CD1    doub Y N 345 
TRP CG    CD2    sing Y N 346 
TRP CD1   NE1    sing Y N 347 
TRP CD1   HD1    sing N N 348 
TRP CD2   CE2    doub Y N 349 
TRP CD2   CE3    sing Y N 350 
TRP NE1   CE2    sing Y N 351 
TRP NE1   HE1    sing N N 352 
TRP CE2   CZ2    sing Y N 353 
TRP CE3   CZ3    doub Y N 354 
TRP CE3   HE3    sing N N 355 
TRP CZ2   CH2    doub Y N 356 
TRP CZ2   HZ2    sing N N 357 
TRP CZ3   CH2    sing Y N 358 
TRP CZ3   HZ3    sing N N 359 
TRP CH2   HH2    sing N N 360 
TRP OXT   HXT    sing N N 361 
TYR N     CA     sing N N 362 
TYR N     H      sing N N 363 
TYR N     H2     sing N N 364 
TYR CA    C      sing N N 365 
TYR CA    CB     sing N N 366 
TYR CA    HA     sing N N 367 
TYR C     O      doub N N 368 
TYR C     OXT    sing N N 369 
TYR CB    CG     sing N N 370 
TYR CB    HB2    sing N N 371 
TYR CB    HB3    sing N N 372 
TYR CG    CD1    doub Y N 373 
TYR CG    CD2    sing Y N 374 
TYR CD1   CE1    sing Y N 375 
TYR CD1   HD1    sing N N 376 
TYR CD2   CE2    doub Y N 377 
TYR CD2   HD2    sing N N 378 
TYR CE1   CZ     doub Y N 379 
TYR CE1   HE1    sing N N 380 
TYR CE2   CZ     sing Y N 381 
TYR CE2   HE2    sing N N 382 
TYR CZ    OH     sing N N 383 
TYR OH    HH     sing N N 384 
TYR OXT   HXT    sing N N 385 
VAL N     CA     sing N N 386 
VAL N     H      sing N N 387 
VAL N     H2     sing N N 388 
VAL CA    C      sing N N 389 
VAL CA    CB     sing N N 390 
VAL CA    HA     sing N N 391 
VAL C     O      doub N N 392 
VAL C     OXT    sing N N 393 
VAL CB    CG1    sing N N 394 
VAL CB    CG2    sing N N 395 
VAL CB    HB     sing N N 396 
VAL CG1   HG11   sing N N 397 
VAL CG1   HG12   sing N N 398 
VAL CG1   HG13   sing N N 399 
VAL CG2   HG21   sing N N 400 
VAL CG2   HG22   sing N N 401 
VAL CG2   HG23   sing N N 402 
VAL OXT   HXT    sing N N 403 
# 
_atom_sites.entry_id                    5TGL 
_atom_sites.Cartn_transform_axes        ? 
_atom_sites.fract_transf_matrix[1][1]   0.00725290 
_atom_sites.fract_transf_matrix[1][2]   -0.01663278 
_atom_sites.fract_transf_matrix[1][3]   -0.00997003 
_atom_sites.fract_transf_matrix[2][1]   -0.00311244 
_atom_sites.fract_transf_matrix[2][2]   0.00420367 
_atom_sites.fract_transf_matrix[2][3]   -0.00927709 
_atom_sites.fract_transf_matrix[3][1]   0.00728805 
_atom_sites.fract_transf_matrix[3][2]   0.00365181 
_atom_sites.fract_transf_matrix[3][3]   -0.00079040 
_atom_sites.fract_transf_vector[1]      -0.400864 
_atom_sites.fract_transf_vector[2]      0.195326 
_atom_sites.fract_transf_vector[3]      0.615350 
# 
_atom_sites_footnote.id     1 
_atom_sites_footnote.text   'RESIDUES PRO 34, PRO 209, PRO 229, AND PRO 250 ARE CIS PROLINES.' 
# 
loop_
_atom_type.symbol 
C 
N 
O 
P 
# 
loop_
_atom_site.group_PDB 
_atom_site.id 
_atom_site.type_symbol 
_atom_site.label_atom_id 
_atom_site.label_alt_id 
_atom_site.label_comp_id 
_atom_site.label_asym_id 
_atom_site.label_entity_id 
_atom_site.label_seq_id 
_atom_site.pdbx_PDB_ins_code 
_atom_site.Cartn_x 
_atom_site.Cartn_y 
_atom_site.Cartn_z 
_atom_site.occupancy 
_atom_site.B_iso_or_equiv 
_atom_site.pdbx_formal_charge 
_atom_site.auth_seq_id 
_atom_site.auth_comp_id 
_atom_site.auth_asym_id 
_atom_site.auth_atom_id 
_atom_site.pdbx_PDB_model_num 
ATOM   1   C CA    . GLY A 1 5   ? -11.061 20.075  -4.566  1.00 30.83 ? 5   GLY A CA    1 
ATOM   2   C CA    . ILE A 1 6   ? -9.129  20.248  -1.209  1.00 28.05 ? 6   ILE A CA    1 
ATOM   3   C CA    . ARG A 1 7   ? -10.643 19.349  2.130   1.00 22.20 ? 7   ARG A CA    1 
ATOM   4   C CA    . ALA A 1 8   ? -9.309  18.578  5.642   1.00 25.99 ? 8   ALA A CA    1 
ATOM   5   C CA    . ALA A 1 9   ? -9.239  14.984  6.975   1.00 22.00 ? 9   ALA A CA    1 
ATOM   6   C CA    . THR A 1 10  ? -11.578 14.498  9.817   1.00 22.34 ? 10  THR A CA    1 
ATOM   7   C CA    . SER A 1 11  ? -10.161 12.957  13.120  1.00 27.66 ? 11  SER A CA    1 
ATOM   8   C CA    . GLN A 1 12  ? -11.604 9.485   12.072  1.00 24.82 ? 12  GLN A CA    1 
ATOM   9   C CA    . GLU A 1 13  ? -9.825  9.218   8.742   1.00 21.47 ? 13  GLU A CA    1 
ATOM   10  C CA    . ILE A 1 14  ? -6.490  10.124  10.528  1.00 21.30 ? 14  ILE A CA    1 
ATOM   11  C CA    . ASN A 1 15  ? -7.121  7.273   12.999  1.00 20.77 ? 15  ASN A CA    1 
ATOM   12  C CA    . GLU A 1 16  ? -8.127  4.825   10.333  1.00 21.37 ? 16  GLU A CA    1 
ATOM   13  C CA    . LEU A 1 17  ? -5.086  5.984   8.387   1.00 15.40 ? 17  LEU A CA    1 
ATOM   14  C CA    . THR A 1 18  ? -2.898  5.321   11.436  1.00 14.28 ? 18  THR A CA    1 
ATOM   15  C CA    . TYR A 1 19  ? -4.143  1.674   11.783  1.00 12.99 ? 19  TYR A CA    1 
ATOM   16  C CA    . TYR A 1 20  ? -2.911  0.873   8.355   1.00 11.89 ? 20  TYR A CA    1 
ATOM   17  C CA    . THR A 1 21  ? 0.357   2.674   9.050   1.00 10.93 ? 21  THR A CA    1 
ATOM   18  C CA    . THR A 1 22  ? 0.949   0.360   12.144  1.00 11.94 ? 22  THR A CA    1 
ATOM   19  C CA    . LEU A 1 23  ? 0.184   -2.797  10.027  1.00 18.09 ? 23  LEU A CA    1 
ATOM   20  C CA    . SER A 1 24  ? 2.677   -1.452  7.384   1.00 17.35 ? 24  SER A CA    1 
ATOM   21  C CA    . ALA A 1 25  ? 5.274   -0.608  9.997   1.00 16.26 ? 25  ALA A CA    1 
ATOM   22  C CA    . ASN A 1 26  ? 4.920   -3.894  11.717  1.00 15.10 ? 26  ASN A CA    1 
ATOM   23  C CA    . SER A 1 27  ? 5.534   -5.887  8.517   1.00 9.73  ? 27  SER A CA    1 
ATOM   24  C CA    . TYR A 1 28  ? 9.087   -4.596  8.686   1.00 16.12 ? 28  TYR A CA    1 
ATOM   25  C CA    . CYS A 1 29  ? 9.484   -6.532  11.959  1.00 15.71 ? 29  CYS A CA    1 
ATOM   26  C CA    . ARG A 1 30  ? 11.023  -9.983  11.513  1.00 16.04 ? 30  ARG A CA    1 
ATOM   27  C CA    . THR A 1 31  ? 8.889   -11.354 14.394  1.00 15.36 ? 31  THR A CA    1 
ATOM   28  C CA    . VAL A 1 32  ? 5.860   -10.465 12.215  1.00 18.21 ? 32  VAL A CA    1 
ATOM   29  C CA    . ILE A 1 33  ? 7.207   -11.534 8.812   1.00 16.33 ? 33  ILE A CA    1 
ATOM   30  C CA    . PRO A 1 34  ? 8.343   -14.143 8.964   1.00 20.79 ? 34  PRO A CA    1 
ATOM   31  C CA    . GLY A 1 35  ? 8.079   -15.142 12.631  1.00 14.69 ? 35  GLY A CA    1 
ATOM   32  C CA    . ALA A 1 36  ? 4.360   -14.523 12.410  1.00 18.63 ? 36  ALA A CA    1 
ATOM   33  C CA    . THR A 1 37  ? 3.883   -13.447 16.099  1.00 16.67 ? 37  THR A CA    1 
ATOM   34  C CA    . TRP A 1 38  ? 2.707   -10.045 17.249  1.00 11.83 ? 38  TRP A CA    1 
ATOM   35  C CA    . ASP A 1 39  ? 5.948   -9.616  19.258  1.00 17.64 ? 39  ASP A CA    1 
ATOM   36  C CA    . CYS A 1 40  ? 7.183   -6.069  18.565  1.00 16.05 ? 40  CYS A CA    1 
ATOM   37  C CA    . ILE A 1 41  ? 7.104   -2.337  19.398  1.00 24.86 ? 41  ILE A CA    1 
ATOM   38  C CA    . HIS A 1 42  ? 3.616   -1.398  18.015  1.00 23.54 ? 42  HIS A CA    1 
ATOM   39  C CA    . CYS A 1 43  ? 2.361   -4.962  17.681  1.00 19.11 ? 43  CYS A CA    1 
ATOM   40  C CA    . ASP A 1 44  ? 0.070   -4.645  20.670  1.00 19.97 ? 44  ASP A CA    1 
ATOM   41  C CA    . ALA A 1 45  ? -1.982  -2.434  18.330  1.00 21.64 ? 45  ALA A CA    1 
ATOM   42  C CA    . THR A 1 46  ? -2.713  -5.384  16.015  1.00 20.30 ? 46  THR A CA    1 
ATOM   43  C CA    . GLU A 1 47  ? -2.420  -8.359  18.478  1.00 23.42 ? 47  GLU A CA    1 
ATOM   44  C CA    . ASP A 1 48  ? -6.042  -9.450  18.118  1.00 21.91 ? 48  ASP A CA    1 
ATOM   45  C CA    . LEU A 1 49  ? -5.746  -10.272 14.450  1.00 19.20 ? 49  LEU A CA    1 
ATOM   46  C CA    . LYS A 1 50  ? -5.121  -13.919 13.526  1.00 17.02 ? 50  LYS A CA    1 
ATOM   47  C CA    . ILE A 1 51  ? -1.964  -14.009 11.235  1.00 22.52 ? 51  ILE A CA    1 
ATOM   48  C CA    . ILE A 1 52  ? -2.888  -16.651 8.727   1.00 17.17 ? 52  ILE A CA    1 
ATOM   49  C CA    . LYS A 1 53  ? 0.074   -16.996 6.393   1.00 19.32 ? 53  LYS A CA    1 
ATOM   50  C CA    . THR A 1 54  ? 3.195   -14.912 5.861   1.00 18.12 ? 54  THR A CA    1 
ATOM   51  C CA    . TRP A 1 55  ? 5.345   -15.139 2.608   1.00 15.14 ? 55  TRP A CA    1 
ATOM   52  C CA    . SER A 1 56  ? 8.983   -14.225 1.934   1.00 18.94 ? 56  SER A CA    1 
ATOM   53  C CA    . THR A 1 57  ? 9.294   -15.177 -1.791  1.00 15.74 ? 57  THR A CA    1 
ATOM   54  C CA    . LEU A 1 58  ? 12.654  -16.183 -3.073  1.00 21.56 ? 58  LEU A CA    1 
ATOM   55  C CA    . ILE A 1 59  ? 13.811  -14.041 -5.953  1.00 19.08 ? 59  ILE A CA    1 
ATOM   56  C CA    . TYR A 1 60  ? 12.060  -10.785 -5.129  1.00 18.83 ? 60  TYR A CA    1 
ATOM   57  C CA    . ASP A 1 61  ? 12.049  -11.197 -1.360  1.00 15.86 ? 61  ASP A CA    1 
ATOM   58  C CA    . THR A 1 62  ? 8.317   -10.385 -1.508  1.00 15.43 ? 62  THR A CA    1 
ATOM   59  C CA    . ASN A 1 63  ? 7.158   -10.222 2.050   1.00 9.71  ? 63  ASN A CA    1 
ATOM   60  C CA    . ALA A 1 64  ? 3.419   -10.167 2.720   1.00 11.25 ? 64  ALA A CA    1 
ATOM   61  C CA    . MET A 1 65  ? 0.911   -11.667 5.203   1.00 16.34 ? 65  MET A CA    1 
ATOM   62  C CA    . VAL A 1 66  ? -2.856  -12.294 5.310   1.00 13.18 ? 66  VAL A CA    1 
ATOM   63  C CA    . ALA A 1 67  ? -4.370  -11.983 8.821   1.00 13.54 ? 67  ALA A CA    1 
ATOM   64  C CA    . ARG A 1 68  ? -8.048  -11.981 9.755   1.00 16.84 ? 68  ARG A CA    1 
ATOM   65  C CA    . GLY A 1 69  ? -9.630  -9.976  12.585  1.00 16.61 ? 69  GLY A CA    1 
ATOM   66  C CA    . ASP A 1 70  ? -13.154 -11.057 13.587  1.00 20.31 ? 70  ASP A CA    1 
ATOM   67  C CA    . SER A 1 71  ? -13.797 -8.348  16.138  1.00 24.72 ? 71  SER A CA    1 
ATOM   68  C CA    . GLU A 1 72  ? -13.082 -6.198  13.024  1.00 23.24 ? 72  GLU A CA    1 
ATOM   69  C CA    . LYS A 1 73  ? -14.955 -8.390  10.501  1.00 21.36 ? 73  LYS A CA    1 
ATOM   70  C CA    . THR A 1 74  ? -11.923 -7.830  8.133   1.00 13.67 ? 74  THR A CA    1 
ATOM   71  C CA    . ILE A 1 75  ? -9.281  -9.751  6.080   1.00 16.15 ? 75  ILE A CA    1 
ATOM   72  C CA    . TYR A 1 76  ? -5.992  -7.922  5.931   1.00 14.43 ? 76  TYR A CA    1 
ATOM   73  C CA    . ILE A 1 77  ? -3.479  -8.314  3.150   1.00 10.19 ? 77  ILE A CA    1 
ATOM   74  C CA    . VAL A 1 78  ? -0.179  -6.542  4.153   1.00 12.38 ? 78  VAL A CA    1 
ATOM   75  C CA    . PHE A 1 79  ? 2.991   -5.947  2.167   1.00 12.37 ? 79  PHE A CA    1 
ATOM   76  C CA    . ARG A 1 80  ? 6.403   -4.954  3.444   1.00 10.42 ? 80  ARG A CA    1 
ATOM   77  C CA    . GLY A 1 81  ? 8.420   -2.335  1.623   1.00 10.86 ? 81  GLY A CA    1 
ATOM   78  C CA    . SER A 1 82  ? 12.161  -2.575  0.789   1.00 15.38 ? 82  SER A CA    1 
ATOM   79  C CA    . SER A 1 83  ? 14.465  -4.065  3.533   1.00 19.00 ? 83  SER A CA    1 
ATOM   80  C CA    . SER A 1 84  ? 16.476  -6.272  1.027   1.00 24.94 ? 84  SER A CA    1 
ATOM   81  C CA    . ILE A 1 85  ? 18.947  -5.730  -1.828  1.00 22.50 ? 85  ILE A CA    1 
ATOM   82  C CA    . ARG A 1 86  ? 16.547  -7.804  -3.890  1.00 24.85 ? 86  ARG A CA    1 
ATOM   83  C CA    . ASN A 1 87  ? 13.643  -5.450  -3.283  1.00 25.72 ? 87  ASN A CA    1 
ATOM   84  C CA    . TRP A 1 88  ? 15.979  -2.508  -4.104  1.00 22.70 ? 88  TRP A CA    1 
ATOM   85  C CA    . ILE A 1 89  ? 17.167  -3.757  -7.512  1.00 20.92 ? 89  ILE A CA    1 
ATOM   86  C CA    . ALA A 1 90  ? 13.408  -4.363  -8.119  1.00 27.86 ? 90  ALA A CA    1 
ATOM   87  C CA    . ASP A 1 91  ? 12.632  -0.774  -7.355  1.00 31.59 ? 91  ASP A CA    1 
ATOM   88  C CA    . LEU A 1 92  ? 15.198  0.084   -9.751  1.00 30.95 ? 92  LEU A CA    1 
ATOM   89  C CA    . THR A 1 93  ? 13.727  -2.022  -12.683 1.00 29.49 ? 93  THR A CA    1 
ATOM   90  C CA    . PHE A 1 94  ? 11.117  0.505   -13.771 1.00 26.66 ? 94  PHE A CA    1 
ATOM   91  C CA    . VAL A 1 95  ? 11.166  -0.068  -17.484 1.00 25.72 ? 95  VAL A CA    1 
ATOM   92  C CA    . PRO A 1 96  ? 7.366   -0.122  -17.844 1.00 23.77 ? 96  PRO A CA    1 
ATOM   93  C CA    . VAL A 1 97  ? 6.252   -3.333  -19.076 1.00 19.80 ? 97  VAL A CA    1 
ATOM   94  C CA    . SER A 1 98  ? 2.589   -3.917  -20.189 1.00 22.40 ? 98  SER A CA    1 
ATOM   95  C CA    . TYR A 1 99  ? 0.188   -4.459  -17.302 1.00 15.50 ? 99  TYR A CA    1 
ATOM   96  C CA    . PRO A 1 100 ? -1.294  -7.609  -18.845 1.00 20.12 ? 100 PRO A CA    1 
ATOM   97  C CA    . PRO A 1 101 ? -4.960  -7.442  -17.325 1.00 15.94 ? 101 PRO A CA    1 
ATOM   98  C CA    . VAL A 1 102 ? -5.675  -4.188  -19.255 1.00 13.40 ? 102 VAL A CA    1 
ATOM   99  C CA    . SER A 1 103 ? -4.847  -3.501  -22.770 1.00 17.92 ? 103 SER A CA    1 
ATOM   100 C CA    . GLY A 1 104 ? -3.196  -0.093  -23.045 1.00 22.87 ? 104 GLY A CA    1 
ATOM   101 C CA    . THR A 1 105 ? -1.774  0.025   -19.464 1.00 17.74 ? 105 THR A CA    1 
ATOM   102 C CA    . LYS A 1 106 ? 1.837   -0.088  -18.415 1.00 14.52 ? 106 LYS A CA    1 
ATOM   103 C CA    . VAL A 1 107 ? 3.397   -0.634  -14.980 1.00 12.04 ? 107 VAL A CA    1 
ATOM   104 C CA    . HIS A 1 108 ? 6.986   -0.392  -13.637 1.00 13.56 ? 108 HIS A CA    1 
ATOM   105 C CA    . LYS A 1 109 ? 8.402   -3.948  -14.308 1.00 14.96 ? 109 LYS A CA    1 
ATOM   106 C CA    . GLY A 1 110 ? 10.000  -4.807  -10.790 1.00 11.57 ? 110 GLY A CA    1 
ATOM   107 C CA    . PHE A 1 111 ? 6.747   -3.973  -8.893  1.00 16.15 ? 111 PHE A CA    1 
ATOM   108 C CA    . LEU A 1 112 ? 4.984   -6.481  -11.106 1.00 14.30 ? 112 LEU A CA    1 
ATOM   109 C CA    . ASP A 1 113 ? 7.638   -9.140  -10.770 1.00 17.53 ? 113 ASP A CA    1 
ATOM   110 C CA    . SER A 1 114 ? 7.507   -8.729  -7.059  1.00 17.48 ? 114 SER A CA    1 
ATOM   111 C CA    . TYR A 1 115 ? 3.700   -9.264  -6.650  1.00 18.27 ? 115 TYR A CA    1 
ATOM   112 C CA    . GLY A 1 116 ? 3.847   -12.115 -9.205  1.00 11.87 ? 116 GLY A CA    1 
ATOM   113 C CA    . GLU A 1 117 ? 6.262   -14.153 -7.004  1.00 19.01 ? 117 GLU A CA    1 
ATOM   114 C CA    . VAL A 1 118 ? 3.692   -14.078 -4.133  1.00 17.00 ? 118 VAL A CA    1 
ATOM   115 C CA    . GLN A 1 119 ? 0.510   -13.576 -6.212  1.00 13.70 ? 119 GLN A CA    1 
ATOM   116 C CA    . ASN A 1 120 ? -0.874  -16.992 -6.652  1.00 22.64 ? 120 ASN A CA    1 
ATOM   117 C CA    . GLU A 1 121 ? -0.358  -18.554 -3.185  1.00 19.42 ? 121 GLU A CA    1 
ATOM   118 C CA    . LEU A 1 122 ? -1.508  -15.309 -1.570  1.00 18.80 ? 122 LEU A CA    1 
ATOM   119 C CA    . VAL A 1 123 ? -4.681  -14.721 -3.541  1.00 19.23 ? 123 VAL A CA    1 
ATOM   120 C CA    . ALA A 1 124 ? -5.470  -18.333 -2.628  1.00 25.39 ? 124 ALA A CA    1 
ATOM   121 C CA    . THR A 1 125 ? -5.195  -17.720 1.091   1.00 21.34 ? 125 THR A CA    1 
ATOM   122 C CA    . VAL A 1 126 ? -7.403  -14.614 0.729   1.00 21.42 ? 126 VAL A CA    1 
ATOM   123 C CA    . LEU A 1 127 ? -10.058 -16.274 -1.383  1.00 19.01 ? 127 LEU A CA    1 
ATOM   124 C CA    . ASP A 1 128 ? -10.159 -19.212 1.036   1.00 20.93 ? 128 ASP A CA    1 
ATOM   125 C CA    . GLN A 1 129 ? -10.728 -16.906 4.033   1.00 17.73 ? 129 GLN A CA    1 
ATOM   126 C CA    . PHE A 1 130 ? -13.352 -14.927 2.143   1.00 18.14 ? 130 PHE A CA    1 
ATOM   127 C CA    . LYS A 1 131 ? -15.207 -18.101 1.058   1.00 31.06 ? 131 LYS A CA    1 
ATOM   128 C CA    . GLN A 1 132 ? -15.430 -18.898 4.757   1.00 26.37 ? 132 GLN A CA    1 
ATOM   129 C CA    . TYR A 1 133 ? -16.180 -15.321 5.868   1.00 23.36 ? 133 TYR A CA    1 
ATOM   130 C CA    . PRO A 1 134 ? -18.141 -13.857 2.931   1.00 26.37 ? 134 PRO A CA    1 
ATOM   131 C CA    . SER A 1 135 ? -19.238 -10.891 4.991   1.00 28.18 ? 135 SER A CA    1 
ATOM   132 C CA    . TYR A 1 136 ? -15.777 -9.553  5.853   1.00 21.38 ? 136 TYR A CA    1 
ATOM   133 C CA    . LYS A 1 137 ? -14.330 -6.725  3.928   1.00 17.59 ? 137 LYS A CA    1 
ATOM   134 C CA    . VAL A 1 138 ? -10.663 -6.865  2.650   1.00 16.26 ? 138 VAL A CA    1 
ATOM   135 C CA    . ALA A 1 139 ? -8.292  -4.076  3.528   1.00 14.77 ? 139 ALA A CA    1 
ATOM   136 C CA    . VAL A 1 140 ? -4.908  -4.133  1.565   1.00 17.55 ? 140 VAL A CA    1 
ATOM   137 C CA    . THR A 1 141 ? -2.162  -1.889  3.104   1.00 9.15  ? 141 THR A CA    1 
ATOM   138 C CA    . GLY A 1 142 ? 1.612   -1.295  2.854   1.00 7.98  ? 142 GLY A CA    1 
ATOM   139 C CA    . HIS A 1 143 ? 4.539   1.155   2.480   1.00 7.26  ? 143 HIS A CA    1 
ATOM   140 N N     . SER A 1 144 ? 6.103   2.195   0.731   1.00 9.56  ? 144 SER A N     1 
ATOM   141 C CA    . SER A 1 144 ? 7.267   2.354   -0.199  1.00 11.28 ? 144 SER A CA    1 
ATOM   142 C C     . SER A 1 144 ? 6.934   1.282   -1.243  1.00 13.66 ? 144 SER A C     1 
ATOM   143 O O     . SER A 1 144 ? 5.835   1.382   -1.802  1.00 10.69 ? 144 SER A O     1 
ATOM   144 C CB    . SER A 1 144 ? 8.834   2.124   0.472   1.00 7.43  ? 144 SER A CB    1 
ATOM   145 O OG    . SER A 1 144 ? 10.189  2.031   -0.187  1.00 10.40 ? 144 SER A OG    1 
ATOM   146 C CA    . LEU A 1 145 ? 7.478   -0.829  -2.332  1.00 13.41 ? 145 LEU A CA    1 
ATOM   147 C CA    . GLY A 1 146 ? 4.874   -2.498  -0.080  1.00 8.26  ? 146 GLY A CA    1 
ATOM   148 C CA    . GLY A 1 147 ? 2.395   0.291   -1.155  1.00 7.91  ? 147 GLY A CA    1 
ATOM   149 C CA    . ALA A 1 148 ? 3.101   -0.551  -4.829  1.00 12.16 ? 148 ALA A CA    1 
ATOM   150 C CA    . THR A 1 149 ? 2.417   -4.336  -4.402  1.00 9.10  ? 149 THR A CA    1 
ATOM   151 C CA    . ALA A 1 150 ? -0.651  -3.718  -2.150  1.00 13.47 ? 150 ALA A CA    1 
ATOM   152 C CA    . LEU A 1 151 ? -2.124  -1.647  -5.090  1.00 13.26 ? 151 LEU A CA    1 
ATOM   153 C CA    . LEU A 1 152 ? -1.434  -4.439  -7.629  1.00 10.89 ? 152 LEU A CA    1 
ATOM   154 C CA    . CYS A 1 153 ? -2.897  -6.995  -5.238  1.00 8.80  ? 153 CYS A CA    1 
ATOM   155 C CA    . ALA A 1 154 ? -6.146  -5.041  -4.687  1.00 8.27  ? 154 ALA A CA    1 
ATOM   156 C CA    . LEU A 1 155 ? -6.536  -4.990  -8.496  1.00 12.32 ? 155 LEU A CA    1 
ATOM   157 C CA    . ASP A 1 156 ? -5.754  -8.793  -8.828  1.00 15.52 ? 156 ASP A CA    1 
ATOM   158 C CA    . LEU A 1 157 ? -8.441  -9.509  -6.281  1.00 14.03 ? 157 LEU A CA    1 
ATOM   159 C CA    . TYR A 1 158 ? -10.832 -7.102  -8.064  1.00 18.36 ? 158 TYR A CA    1 
ATOM   160 C CA    . GLN A 1 159 ? -10.149 -8.761  -11.477 1.00 19.50 ? 159 GLN A CA    1 
ATOM   161 C CA    . ARG A 1 160 ? -10.708 -12.187 -10.137 1.00 28.11 ? 160 ARG A CA    1 
ATOM   162 C CA    . GLU A 1 161 ? -14.521 -11.700 -10.210 1.00 46.20 ? 161 GLU A CA    1 
ATOM   163 C CA    . GLU A 1 162 ? -14.784 -13.594 -6.907  1.00 37.82 ? 162 GLU A CA    1 
ATOM   164 C CA    . GLY A 1 163 ? -17.366 -11.246 -5.199  1.00 24.45 ? 163 GLY A CA    1 
ATOM   165 C CA    . LEU A 1 164 ? -14.726 -8.741  -4.045  1.00 20.99 ? 164 LEU A CA    1 
ATOM   166 C CA    . SER A 1 165 ? -15.184 -5.230  -5.480  1.00 24.41 ? 165 SER A CA    1 
ATOM   167 C CA    . SER A 1 166 ? -15.704 -1.517  -4.679  1.00 24.36 ? 166 SER A CA    1 
ATOM   168 C CA    . SER A 1 167 ? -18.013 -2.282  -1.665  1.00 23.84 ? 167 SER A CA    1 
ATOM   169 C CA    . ASN A 1 168 ? -15.766 -4.658  0.276   1.00 15.37 ? 168 ASN A CA    1 
ATOM   170 C CA    . LEU A 1 169 ? -12.165 -3.954  -0.895  1.00 12.16 ? 169 LEU A CA    1 
ATOM   171 C CA    . PHE A 1 170 ? -10.153 -0.974  0.488   1.00 16.73 ? 170 PHE A CA    1 
ATOM   172 C CA    . LEU A 1 171 ? -6.550  0.262   -0.202  1.00 11.92 ? 171 LEU A CA    1 
ATOM   173 C CA    . TYR A 1 172 ? -4.245  2.193   2.043   1.00 10.41 ? 172 TYR A CA    1 
ATOM   174 C CA    . THR A 1 173 ? -0.752  2.955   0.897   1.00 13.93 ? 173 THR A CA    1 
ATOM   175 C CA    . GLN A 1 174 ? 1.939   5.204   2.629   1.00 13.92 ? 174 GLN A CA    1 
ATOM   176 C CA    . GLY A 1 175 ? 5.107   6.690   0.901   1.00 5.84  ? 175 GLY A CA    1 
ATOM   177 C CA    . GLN A 1 176 ? 4.103   4.789   -2.280  1.00 9.98  ? 176 GLN A CA    1 
ATOM   178 C CA    . PRO A 1 177 ? 5.915   5.196   -5.606  1.00 11.68 ? 177 PRO A CA    1 
ATOM   179 C CA    . ARG A 1 178 ? 3.935   5.733   -8.859  1.00 15.97 ? 178 ARG A CA    1 
ATOM   180 C CA    . VAL A 1 179 ? 3.177   2.245   -10.212 1.00 16.78 ? 179 VAL A CA    1 
ATOM   181 C CA    . GLY A 1 180 ? 2.184   2.671   -13.881 1.00 14.07 ? 180 GLY A CA    1 
ATOM   182 C CA    . ASN A 1 181 ? 1.488   4.805   -16.864 1.00 12.77 ? 181 ASN A CA    1 
ATOM   183 C CA    . PRO A 1 182 ? -1.508  7.301   -17.173 1.00 15.64 ? 182 PRO A CA    1 
ATOM   184 C CA    . ALA A 1 183 ? -3.737  4.685   -18.791 1.00 17.08 ? 183 ALA A CA    1 
ATOM   185 C CA    . PHE A 1 184 ? -3.099  2.338   -15.817 1.00 17.19 ? 184 PHE A CA    1 
ATOM   186 C CA    . ALA A 1 185 ? -3.645  5.229   -13.409 1.00 15.50 ? 185 ALA A CA    1 
ATOM   187 C CA    . ASN A 1 186 ? -6.973  5.699   -15.189 1.00 11.79 ? 186 ASN A CA    1 
ATOM   188 C CA    . TYR A 1 187 ? -7.933  2.017   -15.035 1.00 7.23  ? 187 TYR A CA    1 
ATOM   189 C CA    . VAL A 1 188 ? -7.262  2.077   -11.198 1.00 6.19  ? 188 VAL A CA    1 
ATOM   190 C CA    . VAL A 1 189 ? -9.779  4.964   -11.048 1.00 14.49 ? 189 VAL A CA    1 
ATOM   191 C CA    . SER A 1 190 ? -12.485 2.911   -13.022 1.00 16.51 ? 190 SER A CA    1 
ATOM   192 C CA    . THR A 1 191 ? -12.307 0.041   -10.459 1.00 13.10 ? 191 THR A CA    1 
ATOM   193 C CA    . GLY A 1 192 ? -13.953 2.293   -7.765  1.00 10.50 ? 192 GLY A CA    1 
ATOM   194 C CA    . ILE A 1 193 ? -12.010 0.444   -5.087  1.00 12.09 ? 193 ILE A CA    1 
ATOM   195 C CA    . PRO A 1 194 ? -11.531 2.761   -2.088  1.00 15.68 ? 194 PRO A CA    1 
ATOM   196 C CA    . TYR A 1 195 ? -7.925  4.065   -2.241  1.00 15.91 ? 195 TYR A CA    1 
ATOM   197 C CA    . ARG A 1 196 ? -6.367  6.280   0.409   1.00 10.99 ? 196 ARG A CA    1 
ATOM   198 C CA    . ARG A 1 197 ? -2.944  7.391   -0.701  1.00 14.06 ? 197 ARG A CA    1 
ATOM   199 C CA    . THR A 1 198 ? -1.220  8.833   2.393   1.00 11.44 ? 198 THR A CA    1 
ATOM   200 C CA    . VAL A 1 199 ? 2.001   10.981  1.991   1.00 10.88 ? 199 VAL A CA    1 
ATOM   201 C CA    . ASN A 1 200 ? 4.112   12.374  4.957   1.00 13.06 ? 200 ASN A CA    1 
ATOM   202 C CA    . GLU A 1 201 ? 5.254   16.130  4.763   1.00 13.30 ? 201 GLU A CA    1 
ATOM   203 C CA    . ARG A 1 202 ? 8.279   16.333  2.344   1.00 15.03 ? 202 ARG A CA    1 
ATOM   204 N N     . ASP A 1 203 ? 8.279   13.832  2.247   1.00 10.84 ? 203 ASP A N     1 
ATOM   205 C CA    . ASP A 1 203 ? 8.686   12.494  1.800   1.00 7.86  ? 203 ASP A CA    1 
ATOM   206 C C     . ASP A 1 203 ? 8.803   12.357  0.285   1.00 8.94  ? 203 ASP A C     1 
ATOM   207 O O     . ASP A 1 203 ? 7.902   12.636  -0.528  1.00 11.20 ? 203 ASP A O     1 
ATOM   208 C CB    . ASP A 1 203 ? 7.665   11.493  2.378   1.00 7.77  ? 203 ASP A CB    1 
ATOM   209 C CG    . ASP A 1 203 ? 7.685   10.021  1.996   1.00 7.68  ? 203 ASP A CG    1 
ATOM   210 O OD1   . ASP A 1 203 ? 8.231   9.575   0.990   1.00 10.19 ? 203 ASP A OD1   1 
ATOM   211 O OD2   . ASP A 1 203 ? 7.131   9.231   2.761   1.00 14.09 ? 203 ASP A OD2   1 
ATOM   212 C CA    . ILE A 1 204 ? 10.497  11.648  -1.340  1.00 9.04  ? 204 ILE A CA    1 
ATOM   213 C CA    . VAL A 1 205 ? 9.184   8.288   -2.590  1.00 12.14 ? 205 VAL A CA    1 
ATOM   214 C CA    . PRO A 1 206 ? 5.781   9.442   -3.963  1.00 9.40  ? 206 PRO A CA    1 
ATOM   215 C CA    . HIS A 1 207 ? 7.736   11.680  -6.245  1.00 12.49 ? 207 HIS A CA    1 
ATOM   216 C CA    . LEU A 1 208 ? 9.581   8.681   -7.659  1.00 14.14 ? 208 LEU A CA    1 
ATOM   217 C CA    . PRO A 1 209 ? 9.453   7.473   -10.389 1.00 22.55 ? 209 PRO A CA    1 
ATOM   218 C CA    . PRO A 1 210 ? 9.358   11.005  -12.067 1.00 30.88 ? 210 PRO A CA    1 
ATOM   219 C CA    . ALA A 1 211 ? 6.193   11.648  -13.886 1.00 38.31 ? 211 ALA A CA    1 
ATOM   220 C CA    . ALA A 1 212 ? 8.171   12.708  -16.896 1.00 36.35 ? 212 ALA A CA    1 
ATOM   221 C CA    . PHE A 1 213 ? 9.408   9.136   -17.480 1.00 28.57 ? 213 PHE A CA    1 
ATOM   222 C CA    . GLY A 1 214 ? 5.702   8.189   -17.843 1.00 25.81 ? 214 GLY A CA    1 
ATOM   223 C CA    . PHE A 1 215 ? 4.581   7.665   -14.249 1.00 12.62 ? 215 PHE A CA    1 
ATOM   224 C CA    . LEU A 1 216 ? 1.274   8.876   -12.736 1.00 17.81 ? 216 LEU A CA    1 
ATOM   225 C CA    . HIS A 1 217 ? -0.760  8.442   -9.529  1.00 11.10 ? 217 HIS A CA    1 
ATOM   226 C CA    . ALA A 1 218 ? -4.278  7.364   -8.839  1.00 9.70  ? 218 ALA A CA    1 
ATOM   227 C CA    . GLY A 1 219 ? -5.789  7.497   -5.275  1.00 12.98 ? 219 GLY A CA    1 
ATOM   228 C CA    . SER A 1 220 ? -7.112  10.291  -3.070  1.00 16.16 ? 220 SER A CA    1 
ATOM   229 C CA    . GLU A 1 221 ? -4.167  12.033  -1.477  1.00 14.09 ? 221 GLU A CA    1 
ATOM   230 C CA    . TYR A 1 222 ? -3.967  12.379  2.206   1.00 13.32 ? 222 TYR A CA    1 
ATOM   231 C CA    . TRP A 1 223 ? -1.046  14.621  2.605   1.00 8.64  ? 223 TRP A CA    1 
ATOM   232 C CA    . ILE A 1 224 ? -0.008  15.010  6.210   1.00 15.98 ? 224 ILE A CA    1 
ATOM   233 C CA    . THR A 1 225 ? 1.090   18.603  6.360   1.00 14.37 ? 225 THR A CA    1 
ATOM   234 C CA    . ASP A 1 226 ? 2.177   18.733  10.092  1.00 26.01 ? 226 ASP A CA    1 
ATOM   235 C CA    . ASN A 1 227 ? 2.847   16.236  12.831  1.00 32.96 ? 227 ASN A CA    1 
ATOM   236 C CA    . SER A 1 228 ? 1.657   18.215  15.911  1.00 44.20 ? 228 SER A CA    1 
ATOM   237 C CA    . PRO A 1 229 ? -1.139  18.124  16.128  1.00 31.34 ? 229 PRO A CA    1 
ATOM   238 C CA    . GLU A 1 230 ? -1.378  15.676  13.316  1.00 28.54 ? 230 GLU A CA    1 
ATOM   239 C CA    . THR A 1 231 ? -2.715  17.716  10.338  1.00 18.60 ? 231 THR A CA    1 
ATOM   240 C CA    . VAL A 1 232 ? -3.781  15.961  6.936   1.00 17.26 ? 232 VAL A CA    1 
ATOM   241 C CA    . GLN A 1 233 ? -4.898  17.803  3.779   1.00 17.39 ? 233 GLN A CA    1 
ATOM   242 C CA    . VAL A 1 234 ? -7.056  15.630  1.408   1.00 17.72 ? 234 VAL A CA    1 
ATOM   243 C CA    . CYS A 1 235 ? -6.898  16.806  -2.197  1.00 16.83 ? 235 CYS A CA    1 
ATOM   244 C CA    . THR A 1 236 ? -9.865  14.944  -3.414  1.00 15.65 ? 236 THR A CA    1 
ATOM   245 C CA    . SER A 1 237 ? -9.124  14.222  -7.127  1.00 18.76 ? 237 SER A CA    1 
ATOM   246 C CA    . ASP A 1 238 ? -8.687  10.504  -7.924  1.00 21.57 ? 238 ASP A CA    1 
ATOM   247 C CA    . LEU A 1 239 ? -5.780  11.161  -10.276 1.00 18.97 ? 239 LEU A CA    1 
ATOM   248 C CA    . GLU A 1 240 ? -2.546  12.947  -9.271  1.00 22.87 ? 240 GLU A CA    1 
ATOM   249 C CA    . THR A 1 241 ? -2.458  16.696  -8.291  1.00 23.75 ? 241 THR A CA    1 
ATOM   250 C CA    . SER A 1 242 ? -0.350  19.824  -7.787  1.00 26.35 ? 242 SER A CA    1 
ATOM   251 C CA    . ASP A 1 243 ? -2.135  20.747  -4.575  1.00 19.64 ? 243 ASP A CA    1 
ATOM   252 C CA    . CYS A 1 244 ? -0.937  18.244  -2.196  1.00 18.49 ? 244 CYS A CA    1 
ATOM   253 C CA    . SER A 1 245 ? 2.658   16.868  -1.907  1.00 13.72 ? 245 SER A CA    1 
ATOM   254 C CA    . ASN A 1 246 ? 3.603   17.846  -5.369  1.00 13.32 ? 246 ASN A CA    1 
ATOM   255 C CA    . SER A 1 247 ? 3.572   21.523  -4.199  1.00 18.72 ? 247 SER A CA    1 
ATOM   256 C CA    . ILE A 1 248 ? 6.753   21.247  -1.895  1.00 18.24 ? 248 ILE A CA    1 
ATOM   257 C CA    . VAL A 1 249 ? 8.895   19.638  -4.552  1.00 14.69 ? 249 VAL A CA    1 
ATOM   258 C CA    . PRO A 1 250 ? 11.827  19.886  -4.944  1.00 16.54 ? 250 PRO A CA    1 
ATOM   259 C CA    . PHE A 1 251 ? 12.596  20.072  -1.250  1.00 9.57  ? 251 PHE A CA    1 
ATOM   260 C CA    . THR A 1 252 ? 11.774  16.539  -0.549  1.00 18.23 ? 252 THR A CA    1 
ATOM   261 C CA    . SER A 1 253 ? 13.177  14.514  2.339   1.00 14.74 ? 253 SER A CA    1 
ATOM   262 C CA    . VAL A 1 254 ? 14.014  10.926  3.001   1.00 15.70 ? 254 VAL A CA    1 
ATOM   263 C CA    . LEU A 1 255 ? 13.488  11.259  6.756   1.00 6.85  ? 255 LEU A CA    1 
ATOM   264 C CA    . ASP A 1 256 ? 9.836   12.235  6.219   1.00 10.51 ? 256 ASP A CA    1 
ATOM   265 N N     . HIS A 1 257 ? 9.919   10.090  5.063   1.00 11.49 ? 257 HIS A N     1 
ATOM   266 C CA    . HIS A 1 257 ? 9.466   8.811   4.587   1.00 10.96 ? 257 HIS A CA    1 
ATOM   267 C C     . HIS A 1 257 ? 9.377   7.660   5.581   1.00 12.37 ? 257 HIS A C     1 
ATOM   268 O O     . HIS A 1 257 ? 8.553   6.698   5.553   1.00 13.62 ? 257 HIS A O     1 
ATOM   269 C CB    . HIS A 1 257 ? 10.365  8.448   3.415   1.00 11.73 ? 257 HIS A CB    1 
ATOM   270 C CG    . HIS A 1 257 ? 9.827   7.146   2.841   1.00 21.65 ? 257 HIS A CG    1 
ATOM   271 N ND1   . HIS A 1 257 ? 8.633   6.949   2.310   1.00 13.23 ? 257 HIS A ND1   1 
ATOM   272 C CD2   . HIS A 1 257 ? 10.460  5.923   2.856   1.00 15.49 ? 257 HIS A CD2   1 
ATOM   273 C CE1   . HIS A 1 257 ? 8.500   5.683   2.004   1.00 15.72 ? 257 HIS A CE1   1 
ATOM   274 N NE2   . HIS A 1 257 ? 9.612   5.068   2.343   1.00 17.92 ? 257 HIS A NE2   1 
ATOM   275 C CA    . LEU A 1 258 ? 10.542  6.663   7.302   1.00 12.41 ? 258 LEU A CA    1 
ATOM   276 C CA    . SER A 1 259 ? 7.932   8.046   9.740   1.00 20.72 ? 259 SER A CA    1 
ATOM   277 C CA    . TYR A 1 260 ? 4.214   8.153   9.339   1.00 13.94 ? 260 TYR A CA    1 
ATOM   278 C CA    . PHE A 1 261 ? 2.029   9.461   12.180  1.00 12.10 ? 261 PHE A CA    1 
ATOM   279 C CA    . GLY A 1 262 ? 4.902   9.049   14.596  1.00 21.63 ? 262 GLY A CA    1 
ATOM   280 C CA    . ILE A 1 263 ? 5.210   5.333   13.814  1.00 19.85 ? 263 ILE A CA    1 
ATOM   281 C CA    . ASN A 1 264 ? 8.648   4.613   12.286  1.00 17.49 ? 264 ASN A CA    1 
ATOM   282 C CA    . THR A 1 265 ? 7.587   3.067   8.928   1.00 13.27 ? 265 THR A CA    1 
ATOM   283 C CA    . GLY A 1 266 ? 10.727  1.391   7.661   1.00 17.28 ? 266 GLY A CA    1 
ATOM   284 C CA    . LEU A 1 267 ? 12.750  -0.035  10.463  1.00 28.43 ? 267 LEU A CA    1 
ATOM   285 C CA    . CYS A 1 268 ? 10.720  -1.650  13.344  1.00 38.86 ? 268 CYS A CA    1 
ATOM   286 C CA    . THR A 1 269 ? 11.767  1.082   15.702  1.00 57.89 ? 269 THR A CA    1 
HETATM 287 C C1    . HEE B 2 .   ? 11.382  2.595   -1.258  1.00 20.00 ? 270 HEE A C1    1 
HETATM 288 C C2    . HEE B 2 .   ? 10.713  2.329   -2.471  1.00 20.00 ? 270 HEE A C2    1 
HETATM 289 C C3    . HEE B 2 .   ? 11.289  3.335   -3.420  1.00 20.00 ? 270 HEE A C3    1 
HETATM 290 C C4    . HEE B 2 .   ? 10.597  3.120   -4.712  1.00 20.00 ? 270 HEE A C4    1 
HETATM 291 C C5    . HEE B 2 .   ? 11.142  4.089   -5.678  1.00 20.00 ? 270 HEE A C5    1 
HETATM 292 C C6    . HEE B 2 .   ? 10.877  3.365   -6.941  1.00 20.00 ? 270 HEE A C6    1 
HETATM 293 P P     . HEE B 2 .   ? 10.711  1.949   -0.023  1.00 20.00 ? 270 HEE A P     1 
HETATM 294 O O2P   . HEE B 2 .   ? 11.570  2.192   1.350   1.00 20.00 ? 270 HEE A O2P   1 
HETATM 295 O O3P   . HEE B 2 .   ? 10.445  0.529   -0.241  1.00 20.00 ? 270 HEE A O3P   1 
HETATM 296 C "C1'" . HEE B 2 .   ? 11.399  1.438   2.549   1.00 20.00 ? 270 HEE A "C1'" 1 
HETATM 297 C "C2'" . HEE B 2 .   ? 12.481  1.855   3.522   1.00 20.00 ? 270 HEE A "C2'" 1 
# 
